data_2DGT
#
_entry.id   2DGT
#
_entity_poly.entity_id   1
_entity_poly.type   'polypeptide(L)'
_entity_poly.pdbx_seq_one_letter_code
;GSSGSSGKASTKLHVGNISPTCTNQELRAKFEEYGPVIECDIVKDYAFVHMERAEDAVEAIRGLDNTEFQGKRMHVQLST
SRLRTASGPSSG
;
_entity_poly.pdbx_strand_id   A
#
# COMPACT_ATOMS: atom_id res chain seq x y z
N GLY A 1 -12.68 -6.57 -7.42
CA GLY A 1 -13.72 -5.57 -7.30
C GLY A 1 -13.23 -4.29 -6.65
N SER A 2 -14.16 -3.50 -6.13
CA SER A 2 -13.81 -2.25 -5.47
C SER A 2 -14.46 -2.15 -4.09
N SER A 3 -13.73 -1.55 -3.16
CA SER A 3 -14.22 -1.40 -1.79
C SER A 3 -15.64 -0.82 -1.78
N GLY A 4 -15.81 0.31 -2.44
CA GLY A 4 -17.12 0.94 -2.50
C GLY A 4 -17.09 2.39 -2.06
N SER A 5 -17.23 2.61 -0.76
CA SER A 5 -17.22 3.96 -0.21
C SER A 5 -15.83 4.57 -0.30
N SER A 6 -15.62 5.41 -1.32
CA SER A 6 -14.34 6.05 -1.53
C SER A 6 -13.75 6.54 -0.21
N GLY A 7 -14.59 7.17 0.60
CA GLY A 7 -14.14 7.68 1.88
C GLY A 7 -13.44 6.62 2.72
N LYS A 8 -12.37 7.01 3.40
CA LYS A 8 -11.61 6.09 4.23
C LYS A 8 -10.57 6.84 5.07
N ALA A 9 -10.13 6.20 6.15
CA ALA A 9 -9.13 6.81 7.02
C ALA A 9 -7.75 6.25 6.74
N SER A 10 -7.56 4.96 7.01
CA SER A 10 -6.28 4.31 6.80
C SER A 10 -5.92 4.29 5.31
N THR A 11 -4.74 3.77 5.00
CA THR A 11 -4.28 3.70 3.61
C THR A 11 -3.95 2.27 3.21
N LYS A 12 -4.12 1.97 1.93
CA LYS A 12 -3.84 0.63 1.42
C LYS A 12 -2.90 0.69 0.22
N LEU A 13 -1.88 -0.16 0.23
CA LEU A 13 -0.92 -0.20 -0.86
C LEU A 13 -0.87 -1.59 -1.50
N HIS A 14 -0.84 -1.63 -2.83
CA HIS A 14 -0.79 -2.88 -3.56
C HIS A 14 0.60 -3.13 -4.13
N VAL A 15 1.03 -4.38 -4.11
CA VAL A 15 2.34 -4.75 -4.63
C VAL A 15 2.24 -5.89 -5.64
N GLY A 16 3.10 -5.87 -6.65
CA GLY A 16 3.09 -6.91 -7.66
C GLY A 16 4.47 -7.50 -7.90
N ASN A 17 4.51 -8.63 -8.60
CA ASN A 17 5.77 -9.30 -8.90
C ASN A 17 6.50 -9.68 -7.61
N ILE A 18 5.81 -10.39 -6.73
CA ILE A 18 6.39 -10.81 -5.47
C ILE A 18 7.16 -12.11 -5.63
N SER A 19 8.00 -12.43 -4.63
CA SER A 19 8.79 -13.64 -4.67
C SER A 19 8.06 -14.79 -3.97
N PRO A 20 8.43 -16.04 -4.34
CA PRO A 20 7.81 -17.24 -3.77
C PRO A 20 8.21 -17.45 -2.31
N THR A 21 9.38 -16.96 -1.94
CA THR A 21 9.87 -17.09 -0.57
C THR A 21 9.57 -15.85 0.25
N CYS A 22 8.97 -14.85 -0.40
CA CYS A 22 8.63 -13.60 0.27
C CYS A 22 7.84 -13.88 1.55
N THR A 23 8.28 -13.28 2.65
CA THR A 23 7.62 -13.46 3.94
C THR A 23 7.09 -12.14 4.47
N ASN A 24 5.95 -12.20 5.14
CA ASN A 24 5.32 -11.00 5.71
C ASN A 24 6.33 -10.21 6.54
N GLN A 25 7.15 -10.92 7.31
CA GLN A 25 8.16 -10.28 8.15
C GLN A 25 9.11 -9.43 7.30
N GLU A 26 9.20 -9.77 6.02
CA GLU A 26 10.08 -9.05 5.11
C GLU A 26 9.37 -7.84 4.49
N LEU A 27 8.27 -8.11 3.79
CA LEU A 27 7.49 -7.06 3.15
C LEU A 27 7.05 -6.02 4.17
N ARG A 28 6.38 -6.48 5.22
CA ARG A 28 5.89 -5.60 6.27
C ARG A 28 7.01 -4.68 6.76
N ALA A 29 8.05 -5.26 7.31
CA ALA A 29 9.18 -4.49 7.82
C ALA A 29 9.64 -3.45 6.80
N LYS A 30 9.78 -3.88 5.56
CA LYS A 30 10.21 -2.98 4.49
C LYS A 30 9.32 -1.74 4.43
N PHE A 31 8.02 -1.94 4.61
CA PHE A 31 7.07 -0.84 4.58
C PHE A 31 7.04 -0.10 5.91
N GLU A 32 7.36 -0.82 6.98
CA GLU A 32 7.37 -0.24 8.32
C GLU A 32 8.43 0.85 8.43
N GLU A 33 9.41 0.80 7.53
CA GLU A 33 10.49 1.78 7.53
C GLU A 33 9.96 3.19 7.25
N TYR A 34 8.83 3.25 6.54
CA TYR A 34 8.22 4.53 6.20
C TYR A 34 7.24 4.96 7.29
N GLY A 35 6.34 4.06 7.65
CA GLY A 35 5.35 4.36 8.67
C GLY A 35 4.89 3.14 9.43
N PRO A 36 4.07 3.34 10.47
CA PRO A 36 3.55 2.25 11.30
C PRO A 36 2.55 1.39 10.54
N VAL A 37 3.04 0.36 9.86
CA VAL A 37 2.18 -0.53 9.10
C VAL A 37 1.05 -1.08 9.97
N ILE A 38 -0.08 -1.35 9.35
CA ILE A 38 -1.24 -1.88 10.06
C ILE A 38 -1.36 -3.39 9.87
N GLU A 39 -1.53 -3.81 8.62
CA GLU A 39 -1.66 -5.23 8.30
C GLU A 39 -1.11 -5.52 6.91
N CYS A 40 -0.14 -6.42 6.85
CA CYS A 40 0.47 -6.79 5.57
C CYS A 40 0.10 -8.22 5.18
N ASP A 41 -0.17 -8.43 3.90
CA ASP A 41 -0.54 -9.74 3.40
C ASP A 41 0.12 -10.02 2.06
N ILE A 42 0.77 -11.18 1.95
CA ILE A 42 1.46 -11.56 0.72
C ILE A 42 0.55 -12.42 -0.16
N VAL A 43 0.72 -12.29 -1.47
CA VAL A 43 -0.08 -13.04 -2.43
C VAL A 43 0.81 -13.75 -3.45
N LYS A 44 0.20 -14.58 -4.28
CA LYS A 44 0.93 -15.31 -5.32
C LYS A 44 2.06 -14.46 -5.88
N ASP A 45 1.71 -13.50 -6.72
CA ASP A 45 2.69 -12.61 -7.33
C ASP A 45 2.44 -11.17 -6.94
N TYR A 46 1.58 -10.96 -5.96
CA TYR A 46 1.24 -9.62 -5.50
C TYR A 46 1.13 -9.58 -3.97
N ALA A 47 0.77 -8.42 -3.44
CA ALA A 47 0.63 -8.25 -2.00
C ALA A 47 -0.22 -7.02 -1.67
N PHE A 48 -0.40 -6.76 -0.39
CA PHE A 48 -1.20 -5.61 0.06
C PHE A 48 -0.77 -5.17 1.45
N VAL A 49 -0.26 -3.94 1.54
CA VAL A 49 0.18 -3.39 2.82
C VAL A 49 -0.75 -2.30 3.31
N HIS A 50 -1.45 -2.57 4.41
CA HIS A 50 -2.39 -1.59 4.98
C HIS A 50 -1.65 -0.58 5.85
N MET A 51 -1.54 0.64 5.35
CA MET A 51 -0.86 1.71 6.09
C MET A 51 -1.86 2.48 6.96
N GLU A 52 -1.33 3.34 7.83
CA GLU A 52 -2.16 4.13 8.72
C GLU A 52 -2.26 5.57 8.22
N ARG A 53 -1.11 6.21 8.07
CA ARG A 53 -1.07 7.60 7.61
C ARG A 53 -0.66 7.67 6.14
N ALA A 54 -1.36 8.48 5.36
CA ALA A 54 -1.07 8.64 3.95
C ALA A 54 0.38 9.07 3.74
N GLU A 55 0.78 10.12 4.45
CA GLU A 55 2.15 10.63 4.34
C GLU A 55 3.16 9.49 4.26
N ASP A 56 2.88 8.41 4.98
CA ASP A 56 3.75 7.25 5.00
C ASP A 56 3.45 6.32 3.82
N ALA A 57 2.17 6.13 3.54
CA ALA A 57 1.76 5.27 2.44
C ALA A 57 2.31 5.77 1.11
N VAL A 58 2.06 7.04 0.81
CA VAL A 58 2.52 7.64 -0.43
C VAL A 58 4.03 7.47 -0.59
N GLU A 59 4.76 7.68 0.50
CA GLU A 59 6.21 7.56 0.48
C GLU A 59 6.63 6.11 0.25
N ALA A 60 6.08 5.21 1.06
CA ALA A 60 6.39 3.79 0.94
C ALA A 60 6.37 3.34 -0.52
N ILE A 61 5.58 4.03 -1.34
CA ILE A 61 5.46 3.70 -2.75
C ILE A 61 6.61 4.33 -3.55
N ARG A 62 6.67 5.66 -3.55
CA ARG A 62 7.72 6.37 -4.28
C ARG A 62 9.09 5.78 -3.97
N GLY A 63 9.19 5.07 -2.85
CA GLY A 63 10.45 4.46 -2.46
C GLY A 63 10.53 3.00 -2.84
N LEU A 64 9.48 2.25 -2.49
CA LEU A 64 9.43 0.82 -2.79
C LEU A 64 8.93 0.58 -4.20
N ASP A 65 8.68 1.66 -4.93
CA ASP A 65 8.19 1.56 -6.30
C ASP A 65 9.30 1.12 -7.25
N ASN A 66 9.14 -0.05 -7.84
CA ASN A 66 10.13 -0.59 -8.77
C ASN A 66 11.45 -0.84 -8.05
N THR A 67 11.38 -1.52 -6.91
CA THR A 67 12.58 -1.81 -6.13
C THR A 67 12.80 -3.32 -6.05
N GLU A 68 13.99 -3.76 -6.45
CA GLU A 68 14.34 -5.17 -6.42
C GLU A 68 14.10 -5.76 -5.03
N PHE A 69 12.98 -6.45 -4.86
CA PHE A 69 12.64 -7.06 -3.59
C PHE A 69 12.73 -8.58 -3.67
N GLN A 70 13.43 -9.17 -2.71
CA GLN A 70 13.61 -10.62 -2.67
C GLN A 70 14.23 -11.13 -3.98
N GLY A 71 14.97 -10.26 -4.64
CA GLY A 71 15.61 -10.63 -5.89
C GLY A 71 14.88 -10.09 -7.11
N LYS A 72 13.55 -10.04 -7.03
CA LYS A 72 12.74 -9.54 -8.13
C LYS A 72 12.11 -8.19 -7.76
N ARG A 73 11.99 -7.32 -8.75
CA ARG A 73 11.41 -6.00 -8.55
C ARG A 73 9.88 -6.08 -8.51
N MET A 74 9.28 -5.39 -7.54
CA MET A 74 7.83 -5.39 -7.40
C MET A 74 7.27 -3.99 -7.62
N HIS A 75 6.06 -3.91 -8.16
CA HIS A 75 5.42 -2.63 -8.42
C HIS A 75 4.48 -2.26 -7.28
N VAL A 76 4.74 -1.14 -6.63
CA VAL A 76 3.92 -0.67 -5.52
C VAL A 76 3.09 0.55 -5.92
N GLN A 77 1.80 0.49 -5.66
CA GLN A 77 0.90 1.59 -5.99
C GLN A 77 -0.31 1.61 -5.06
N LEU A 78 -1.19 2.59 -5.26
CA LEU A 78 -2.39 2.71 -4.44
C LEU A 78 -3.34 1.56 -4.70
N SER A 79 -3.63 0.79 -3.65
CA SER A 79 -4.53 -0.36 -3.75
C SER A 79 -5.87 0.06 -4.38
N THR A 80 -6.54 1.01 -3.74
CA THR A 80 -7.81 1.50 -4.23
C THR A 80 -7.67 2.86 -4.91
N SER A 81 -8.25 2.99 -6.10
CA SER A 81 -8.18 4.22 -6.86
C SER A 81 -9.33 5.16 -6.48
N ARG A 82 -8.99 6.39 -6.14
CA ARG A 82 -10.00 7.38 -5.76
C ARG A 82 -10.09 8.49 -6.80
N LEU A 83 -11.26 8.59 -7.43
CA LEU A 83 -11.49 9.61 -8.46
C LEU A 83 -12.31 10.77 -7.89
N ARG A 84 -13.37 10.44 -7.17
CA ARG A 84 -14.23 11.46 -6.59
C ARG A 84 -13.97 11.59 -5.08
N THR A 85 -13.72 12.83 -4.64
CA THR A 85 -13.46 13.09 -3.24
C THR A 85 -14.74 13.37 -2.48
N ALA A 86 -14.75 13.05 -1.18
CA ALA A 86 -15.91 13.27 -0.34
C ALA A 86 -15.52 13.81 1.03
N SER A 87 -16.20 14.86 1.47
CA SER A 87 -15.91 15.48 2.75
C SER A 87 -16.53 14.67 3.89
N GLY A 88 -17.85 14.53 3.86
CA GLY A 88 -18.54 13.78 4.90
C GLY A 88 -19.61 14.59 5.59
N PRO A 89 -20.80 14.66 4.97
CA PRO A 89 -21.94 15.40 5.52
C PRO A 89 -22.51 14.77 6.78
N SER A 90 -23.40 15.49 7.46
CA SER A 90 -24.01 15.00 8.68
C SER A 90 -24.86 13.75 8.40
N SER A 91 -25.25 13.06 9.46
CA SER A 91 -26.07 11.85 9.33
C SER A 91 -27.24 11.88 10.30
N GLY A 92 -26.97 12.26 11.54
CA GLY A 92 -28.01 12.33 12.55
C GLY A 92 -29.27 12.97 12.02
N GLY A 1 -19.76 -7.62 2.80
CA GLY A 1 -18.69 -8.38 2.19
C GLY A 1 -17.81 -7.52 1.30
N SER A 2 -16.60 -7.23 1.76
CA SER A 2 -15.67 -6.41 1.00
C SER A 2 -16.40 -5.32 0.22
N SER A 3 -17.37 -4.70 0.87
CA SER A 3 -18.16 -3.64 0.24
C SER A 3 -18.09 -2.36 1.06
N GLY A 4 -17.78 -1.25 0.39
CA GLY A 4 -17.69 0.02 1.06
C GLY A 4 -16.94 1.06 0.24
N SER A 5 -15.62 1.11 0.40
CA SER A 5 -14.79 2.06 -0.33
C SER A 5 -15.40 3.45 -0.27
N SER A 6 -15.88 3.84 0.90
CA SER A 6 -16.49 5.15 1.09
C SER A 6 -15.51 6.13 1.73
N GLY A 7 -14.26 6.10 1.27
CA GLY A 7 -13.24 6.98 1.81
C GLY A 7 -12.84 6.60 3.22
N LYS A 8 -12.01 5.56 3.34
CA LYS A 8 -11.55 5.09 4.64
C LYS A 8 -10.35 5.91 5.12
N ALA A 9 -10.17 5.96 6.43
CA ALA A 9 -9.05 6.71 7.01
C ALA A 9 -7.71 6.08 6.63
N SER A 10 -7.45 4.89 7.14
CA SER A 10 -6.21 4.19 6.85
C SER A 10 -5.91 4.21 5.36
N THR A 11 -4.74 3.69 4.99
CA THR A 11 -4.32 3.66 3.59
C THR A 11 -3.93 2.25 3.17
N LYS A 12 -4.00 1.97 1.87
CA LYS A 12 -3.65 0.66 1.34
C LYS A 12 -2.66 0.79 0.19
N LEU A 13 -1.76 -0.17 0.07
CA LEU A 13 -0.76 -0.16 -0.98
C LEU A 13 -0.65 -1.54 -1.65
N HIS A 14 -1.03 -1.60 -2.93
CA HIS A 14 -0.99 -2.85 -3.67
C HIS A 14 0.41 -3.10 -4.23
N VAL A 15 0.84 -4.35 -4.20
CA VAL A 15 2.16 -4.72 -4.70
C VAL A 15 2.06 -5.83 -5.75
N GLY A 16 3.02 -5.84 -6.68
CA GLY A 16 3.02 -6.85 -7.72
C GLY A 16 4.39 -7.47 -7.93
N ASN A 17 4.43 -8.61 -8.61
CA ASN A 17 5.68 -9.30 -8.88
C ASN A 17 6.39 -9.66 -7.57
N ILE A 18 5.67 -10.36 -6.69
CA ILE A 18 6.23 -10.77 -5.41
C ILE A 18 7.04 -12.05 -5.55
N SER A 19 7.85 -12.35 -4.54
CA SER A 19 8.68 -13.55 -4.54
C SER A 19 8.00 -14.69 -3.79
N PRO A 20 8.33 -15.93 -4.16
CA PRO A 20 7.76 -17.13 -3.53
C PRO A 20 8.25 -17.31 -2.10
N THR A 21 9.47 -16.86 -1.83
CA THR A 21 10.06 -16.98 -0.51
C THR A 21 9.74 -15.77 0.35
N CYS A 22 9.14 -14.76 -0.27
CA CYS A 22 8.78 -13.53 0.44
C CYS A 22 8.08 -13.85 1.76
N THR A 23 8.51 -13.19 2.83
CA THR A 23 7.93 -13.41 4.14
C THR A 23 7.24 -12.14 4.65
N ASN A 24 6.02 -12.32 5.18
CA ASN A 24 5.26 -11.20 5.70
C ASN A 24 6.14 -10.27 6.53
N GLN A 25 7.06 -10.86 7.30
CA GLN A 25 7.96 -10.09 8.14
C GLN A 25 8.92 -9.26 7.29
N GLU A 26 9.32 -9.81 6.14
CA GLU A 26 10.23 -9.11 5.25
C GLU A 26 9.55 -7.92 4.58
N LEU A 27 8.39 -8.18 3.98
CA LEU A 27 7.63 -7.13 3.31
C LEU A 27 7.19 -6.05 4.29
N ARG A 28 6.52 -6.49 5.36
CA ARG A 28 6.04 -5.56 6.38
C ARG A 28 7.17 -4.68 6.90
N ALA A 29 8.13 -5.30 7.58
CA ALA A 29 9.27 -4.57 8.13
C ALA A 29 9.71 -3.46 7.19
N LYS A 30 9.86 -3.79 5.92
CA LYS A 30 10.27 -2.82 4.91
C LYS A 30 9.31 -1.64 4.86
N PHE A 31 8.02 -1.95 4.71
CA PHE A 31 6.99 -0.92 4.65
C PHE A 31 6.90 -0.16 5.96
N GLU A 32 7.28 -0.82 7.06
CA GLU A 32 7.24 -0.21 8.37
C GLU A 32 8.28 0.90 8.49
N GLU A 33 9.30 0.84 7.65
CA GLU A 33 10.37 1.84 7.66
C GLU A 33 9.80 3.22 7.37
N TYR A 34 8.72 3.28 6.60
CA TYR A 34 8.09 4.54 6.25
C TYR A 34 7.11 4.98 7.33
N GLY A 35 6.19 4.08 7.68
CA GLY A 35 5.21 4.38 8.71
C GLY A 35 4.74 3.15 9.45
N PRO A 36 3.94 3.36 10.51
CA PRO A 36 3.41 2.26 11.33
C PRO A 36 2.38 1.43 10.58
N VAL A 37 2.84 0.39 9.90
CA VAL A 37 1.96 -0.49 9.15
C VAL A 37 0.86 -1.05 10.04
N ILE A 38 -0.29 -1.34 9.44
CA ILE A 38 -1.42 -1.89 10.18
C ILE A 38 -1.53 -3.40 9.98
N GLU A 39 -1.62 -3.82 8.71
CA GLU A 39 -1.72 -5.23 8.39
C GLU A 39 -1.20 -5.51 6.99
N CYS A 40 -0.17 -6.36 6.90
CA CYS A 40 0.43 -6.70 5.62
C CYS A 40 0.05 -8.12 5.20
N ASP A 41 -0.26 -8.30 3.93
CA ASP A 41 -0.64 -9.60 3.41
C ASP A 41 0.04 -9.87 2.07
N ILE A 42 0.61 -11.07 1.93
CA ILE A 42 1.29 -11.46 0.70
C ILE A 42 0.40 -12.33 -0.17
N VAL A 43 0.59 -12.22 -1.48
CA VAL A 43 -0.20 -13.01 -2.43
C VAL A 43 0.70 -13.70 -3.44
N LYS A 44 0.10 -14.58 -4.26
CA LYS A 44 0.84 -15.30 -5.28
C LYS A 44 1.96 -14.44 -5.87
N ASP A 45 1.57 -13.49 -6.71
CA ASP A 45 2.53 -12.59 -7.34
C ASP A 45 2.25 -11.15 -6.97
N TYR A 46 1.32 -10.95 -6.04
CA TYR A 46 0.96 -9.62 -5.58
C TYR A 46 0.90 -9.54 -4.06
N ALA A 47 0.58 -8.37 -3.54
CA ALA A 47 0.49 -8.17 -2.10
C ALA A 47 -0.32 -6.91 -1.76
N PHE A 48 -0.54 -6.69 -0.47
CA PHE A 48 -1.30 -5.52 -0.03
C PHE A 48 -0.84 -5.09 1.36
N VAL A 49 -0.22 -3.91 1.42
CA VAL A 49 0.26 -3.37 2.69
C VAL A 49 -0.65 -2.26 3.20
N HIS A 50 -1.37 -2.54 4.28
CA HIS A 50 -2.28 -1.55 4.86
C HIS A 50 -1.51 -0.57 5.75
N MET A 51 -1.45 0.68 5.29
CA MET A 51 -0.75 1.73 6.04
C MET A 51 -1.71 2.52 6.91
N GLU A 52 -1.18 3.23 7.90
CA GLU A 52 -1.99 4.02 8.80
C GLU A 52 -2.21 5.42 8.25
N ARG A 53 -1.13 6.15 8.07
CA ARG A 53 -1.21 7.52 7.55
C ARG A 53 -0.86 7.54 6.06
N ALA A 54 -1.40 8.53 5.35
CA ALA A 54 -1.15 8.67 3.92
C ALA A 54 0.31 9.03 3.65
N GLU A 55 0.78 10.09 4.30
CA GLU A 55 2.16 10.54 4.13
C GLU A 55 3.12 9.36 4.08
N ASP A 56 2.90 8.39 4.97
CA ASP A 56 3.73 7.20 5.03
C ASP A 56 3.45 6.27 3.86
N ALA A 57 2.17 6.15 3.51
CA ALA A 57 1.77 5.29 2.40
C ALA A 57 2.34 5.79 1.08
N VAL A 58 2.00 7.03 0.73
CA VAL A 58 2.47 7.62 -0.52
C VAL A 58 3.99 7.50 -0.64
N GLU A 59 4.68 7.68 0.47
CA GLU A 59 6.14 7.59 0.49
C GLU A 59 6.59 6.15 0.26
N ALA A 60 6.06 5.23 1.05
CA ALA A 60 6.42 3.82 0.94
C ALA A 60 6.43 3.38 -0.52
N ILE A 61 5.56 3.97 -1.33
CA ILE A 61 5.48 3.64 -2.74
C ILE A 61 6.64 4.26 -3.52
N ARG A 62 6.65 5.59 -3.60
CA ARG A 62 7.71 6.30 -4.31
C ARG A 62 9.07 5.67 -4.04
N GLY A 63 9.18 4.99 -2.91
CA GLY A 63 10.43 4.36 -2.55
C GLY A 63 10.45 2.88 -2.89
N LEU A 64 9.52 2.13 -2.33
CA LEU A 64 9.43 0.69 -2.58
C LEU A 64 8.95 0.42 -4.00
N ASP A 65 8.70 1.49 -4.75
CA ASP A 65 8.23 1.36 -6.13
C ASP A 65 9.36 0.92 -7.04
N ASN A 66 9.16 -0.19 -7.75
CA ASN A 66 10.16 -0.71 -8.66
C ASN A 66 11.47 -1.01 -7.93
N THR A 67 11.35 -1.67 -6.78
CA THR A 67 12.51 -2.01 -5.98
C THR A 67 12.78 -3.51 -6.02
N GLU A 68 13.99 -3.88 -6.47
CA GLU A 68 14.37 -5.28 -6.56
C GLU A 68 14.16 -6.00 -5.22
N PHE A 69 13.05 -6.71 -5.12
CA PHE A 69 12.73 -7.44 -3.89
C PHE A 69 13.14 -8.90 -4.00
N GLN A 70 14.13 -9.30 -3.21
CA GLN A 70 14.63 -10.67 -3.21
C GLN A 70 15.08 -11.08 -4.62
N GLY A 71 15.51 -10.09 -5.40
CA GLY A 71 15.96 -10.37 -6.75
C GLY A 71 14.98 -9.89 -7.80
N LYS A 72 13.70 -10.04 -7.51
CA LYS A 72 12.64 -9.62 -8.44
C LYS A 72 12.06 -8.28 -8.03
N ARG A 73 11.98 -7.35 -8.98
CA ARG A 73 11.43 -6.04 -8.71
C ARG A 73 9.91 -6.07 -8.66
N MET A 74 9.33 -5.44 -7.64
CA MET A 74 7.89 -5.41 -7.48
C MET A 74 7.36 -3.98 -7.64
N HIS A 75 6.13 -3.87 -8.13
CA HIS A 75 5.51 -2.56 -8.32
C HIS A 75 4.56 -2.23 -7.18
N VAL A 76 4.80 -1.09 -6.53
CA VAL A 76 3.96 -0.66 -5.42
C VAL A 76 3.16 0.58 -5.78
N GLN A 77 1.86 0.54 -5.53
CA GLN A 77 0.98 1.66 -5.83
C GLN A 77 -0.29 1.61 -4.97
N LEU A 78 -1.07 2.68 -5.04
CA LEU A 78 -2.31 2.75 -4.26
C LEU A 78 -3.25 1.61 -4.64
N SER A 79 -3.73 0.89 -3.62
CA SER A 79 -4.64 -0.22 -3.85
C SER A 79 -5.93 0.24 -4.53
N THR A 80 -6.54 1.29 -3.98
CA THR A 80 -7.77 1.83 -4.53
C THR A 80 -7.60 3.30 -4.90
N SER A 81 -7.91 3.63 -6.15
CA SER A 81 -7.80 5.01 -6.62
C SER A 81 -9.13 5.52 -7.14
N ARG A 82 -9.65 6.56 -6.50
CA ARG A 82 -10.93 7.15 -6.89
C ARG A 82 -10.80 8.65 -7.08
N LEU A 83 -11.74 9.24 -7.80
CA LEU A 83 -11.74 10.68 -8.04
C LEU A 83 -12.55 11.42 -6.97
N ARG A 84 -11.87 11.89 -5.93
CA ARG A 84 -12.53 12.60 -4.85
C ARG A 84 -12.08 14.06 -4.82
N THR A 85 -13.04 14.97 -4.83
CA THR A 85 -12.75 16.39 -4.80
C THR A 85 -12.78 16.94 -3.37
N ALA A 86 -12.20 18.12 -3.18
CA ALA A 86 -12.16 18.75 -1.87
C ALA A 86 -13.48 19.47 -1.57
N SER A 87 -14.44 18.75 -1.02
CA SER A 87 -15.73 19.33 -0.69
C SER A 87 -16.12 19.02 0.75
N GLY A 88 -15.90 17.76 1.16
CA GLY A 88 -16.23 17.37 2.52
C GLY A 88 -17.16 16.16 2.56
N PRO A 89 -16.62 14.99 2.20
CA PRO A 89 -17.40 13.75 2.19
C PRO A 89 -17.76 13.26 3.59
N SER A 90 -17.01 13.75 4.58
CA SER A 90 -17.25 13.37 5.97
C SER A 90 -17.87 14.53 6.75
N SER A 91 -18.99 14.26 7.41
CA SER A 91 -19.68 15.27 8.19
C SER A 91 -18.74 15.93 9.19
N GLY A 92 -18.03 15.10 9.96
CA GLY A 92 -17.10 15.62 10.95
C GLY A 92 -16.88 14.65 12.09
N GLY A 1 -25.06 1.66 3.06
CA GLY A 1 -24.22 0.90 2.15
C GLY A 1 -23.68 -0.37 2.77
N SER A 2 -24.46 -1.44 2.69
CA SER A 2 -24.04 -2.72 3.26
C SER A 2 -22.70 -3.15 2.69
N SER A 3 -22.52 -2.99 1.39
CA SER A 3 -21.29 -3.37 0.73
C SER A 3 -20.62 -2.16 0.08
N GLY A 4 -19.69 -1.55 0.79
CA GLY A 4 -19.00 -0.38 0.28
C GLY A 4 -18.49 0.53 1.38
N SER A 5 -17.93 -0.06 2.42
CA SER A 5 -17.42 0.71 3.55
C SER A 5 -16.15 1.48 3.15
N SER A 6 -16.36 2.65 2.55
CA SER A 6 -15.25 3.49 2.11
C SER A 6 -15.19 4.78 2.92
N GLY A 7 -14.03 5.06 3.51
CA GLY A 7 -13.86 6.26 4.30
C GLY A 7 -13.40 5.97 5.70
N LYS A 8 -12.10 5.75 5.87
CA LYS A 8 -11.53 5.46 7.18
C LYS A 8 -10.12 6.04 7.30
N ALA A 9 -9.66 6.20 8.53
CA ALA A 9 -8.33 6.74 8.79
C ALA A 9 -7.26 5.68 8.56
N SER A 10 -6.90 5.47 7.30
CA SER A 10 -5.88 4.49 6.95
C SER A 10 -5.56 4.55 5.46
N THR A 11 -4.61 3.73 5.03
CA THR A 11 -4.20 3.69 3.63
C THR A 11 -3.95 2.26 3.17
N LYS A 12 -4.10 2.02 1.87
CA LYS A 12 -3.88 0.70 1.30
C LYS A 12 -2.94 0.76 0.10
N LEU A 13 -1.98 -0.15 0.06
CA LEU A 13 -1.01 -0.19 -1.04
C LEU A 13 -0.92 -1.61 -1.62
N HIS A 14 -0.97 -1.68 -2.95
CA HIS A 14 -0.88 -2.97 -3.63
C HIS A 14 0.52 -3.19 -4.20
N VAL A 15 0.98 -4.44 -4.14
CA VAL A 15 2.30 -4.78 -4.65
C VAL A 15 2.22 -5.93 -5.65
N GLY A 16 3.06 -5.87 -6.68
CA GLY A 16 3.07 -6.91 -7.70
C GLY A 16 4.44 -7.52 -7.90
N ASN A 17 4.49 -8.69 -8.51
CA ASN A 17 5.76 -9.37 -8.77
C ASN A 17 6.45 -9.71 -7.46
N ILE A 18 5.74 -10.44 -6.59
CA ILE A 18 6.30 -10.84 -5.30
C ILE A 18 7.09 -12.13 -5.43
N SER A 19 8.00 -12.36 -4.48
CA SER A 19 8.83 -13.55 -4.48
C SER A 19 8.12 -14.71 -3.79
N PRO A 20 8.34 -15.93 -4.30
CA PRO A 20 7.73 -17.15 -3.74
C PRO A 20 8.31 -17.51 -2.39
N THR A 21 9.34 -16.78 -1.97
CA THR A 21 9.98 -17.03 -0.69
C THR A 21 9.83 -15.84 0.25
N CYS A 22 9.05 -14.85 -0.19
CA CYS A 22 8.81 -13.65 0.62
C CYS A 22 8.03 -13.98 1.88
N THR A 23 8.28 -13.23 2.94
CA THR A 23 7.60 -13.45 4.21
C THR A 23 6.96 -12.16 4.72
N ASN A 24 5.78 -12.28 5.31
CA ASN A 24 5.06 -11.12 5.85
C ASN A 24 6.01 -10.21 6.63
N GLN A 25 7.01 -10.81 7.26
CA GLN A 25 7.98 -10.06 8.05
C GLN A 25 8.94 -9.29 7.14
N GLU A 26 9.23 -9.86 5.97
CA GLU A 26 10.13 -9.24 5.02
C GLU A 26 9.47 -8.02 4.37
N LEU A 27 8.27 -8.22 3.85
CA LEU A 27 7.53 -7.14 3.20
C LEU A 27 7.11 -6.08 4.21
N ARG A 28 6.31 -6.47 5.19
CA ARG A 28 5.85 -5.56 6.22
C ARG A 28 6.99 -4.66 6.71
N ALA A 29 8.13 -5.28 7.01
CA ALA A 29 9.29 -4.54 7.48
C ALA A 29 9.70 -3.45 6.49
N LYS A 30 9.80 -3.83 5.22
CA LYS A 30 10.18 -2.89 4.17
C LYS A 30 9.27 -1.66 4.18
N PHE A 31 7.99 -1.88 4.44
CA PHE A 31 7.03 -0.79 4.49
C PHE A 31 7.08 -0.08 5.83
N GLU A 32 7.36 -0.83 6.89
CA GLU A 32 7.44 -0.27 8.23
C GLU A 32 8.49 0.84 8.30
N GLU A 33 9.43 0.81 7.36
CA GLU A 33 10.48 1.82 7.31
C GLU A 33 9.91 3.20 7.03
N TYR A 34 8.71 3.23 6.45
CA TYR A 34 8.05 4.49 6.13
C TYR A 34 7.05 4.88 7.21
N GLY A 35 6.17 3.95 7.56
CA GLY A 35 5.16 4.21 8.58
C GLY A 35 4.79 2.96 9.35
N PRO A 36 4.04 3.15 10.44
CA PRO A 36 3.59 2.04 11.29
C PRO A 36 2.56 1.16 10.60
N VAL A 37 3.03 0.19 9.82
CA VAL A 37 2.15 -0.73 9.11
C VAL A 37 1.04 -1.25 10.03
N ILE A 38 -0.14 -1.45 9.46
CA ILE A 38 -1.28 -1.95 10.22
C ILE A 38 -1.48 -3.44 9.99
N GLU A 39 -1.52 -3.84 8.72
CA GLU A 39 -1.70 -5.24 8.36
C GLU A 39 -1.21 -5.51 6.95
N CYS A 40 -0.23 -6.40 6.83
CA CYS A 40 0.32 -6.75 5.53
C CYS A 40 -0.07 -8.17 5.13
N ASP A 41 -0.33 -8.37 3.84
CA ASP A 41 -0.73 -9.68 3.33
C ASP A 41 -0.02 -9.98 2.02
N ILE A 42 0.53 -11.19 1.91
CA ILE A 42 1.23 -11.60 0.70
C ILE A 42 0.34 -12.46 -0.19
N VAL A 43 0.59 -12.42 -1.49
CA VAL A 43 -0.18 -13.20 -2.45
C VAL A 43 0.73 -13.86 -3.48
N LYS A 44 0.14 -14.70 -4.32
CA LYS A 44 0.89 -15.40 -5.36
C LYS A 44 2.02 -14.53 -5.89
N ASP A 45 1.67 -13.55 -6.71
CA ASP A 45 2.67 -12.64 -7.28
C ASP A 45 2.36 -11.19 -6.90
N TYR A 46 1.44 -11.02 -5.97
CA TYR A 46 1.05 -9.68 -5.52
C TYR A 46 0.93 -9.62 -4.01
N ALA A 47 0.71 -8.43 -3.47
CA ALA A 47 0.57 -8.24 -2.04
C ALA A 47 -0.22 -6.97 -1.72
N PHE A 48 -0.48 -6.75 -0.44
CA PHE A 48 -1.24 -5.57 -0.01
C PHE A 48 -0.78 -5.11 1.37
N VAL A 49 -0.27 -3.89 1.44
CA VAL A 49 0.21 -3.33 2.71
C VAL A 49 -0.73 -2.23 3.21
N HIS A 50 -1.31 -2.45 4.37
CA HIS A 50 -2.24 -1.48 4.97
C HIS A 50 -1.48 -0.49 5.83
N MET A 51 -1.39 0.75 5.36
CA MET A 51 -0.70 1.81 6.09
C MET A 51 -1.66 2.59 6.96
N GLU A 52 -1.13 3.34 7.92
CA GLU A 52 -1.94 4.13 8.83
C GLU A 52 -2.12 5.55 8.30
N ARG A 53 -1.00 6.27 8.16
CA ARG A 53 -1.03 7.64 7.68
C ARG A 53 -0.64 7.70 6.21
N ALA A 54 -1.34 8.53 5.44
CA ALA A 54 -1.07 8.69 4.02
C ALA A 54 0.37 9.12 3.78
N GLU A 55 0.79 10.18 4.46
CA GLU A 55 2.14 10.70 4.31
C GLU A 55 3.15 9.56 4.24
N ASP A 56 2.87 8.48 4.96
CA ASP A 56 3.75 7.32 4.98
C ASP A 56 3.46 6.39 3.80
N ALA A 57 2.17 6.20 3.51
CA ALA A 57 1.76 5.33 2.41
C ALA A 57 2.33 5.82 1.08
N VAL A 58 2.17 7.12 0.83
CA VAL A 58 2.67 7.73 -0.40
C VAL A 58 4.18 7.58 -0.53
N GLU A 59 4.87 7.68 0.61
CA GLU A 59 6.32 7.56 0.63
C GLU A 59 6.75 6.11 0.42
N ALA A 60 6.08 5.19 1.10
CA ALA A 60 6.37 3.78 0.99
C ALA A 60 6.37 3.33 -0.47
N ILE A 61 5.51 3.94 -1.27
CA ILE A 61 5.40 3.60 -2.68
C ILE A 61 6.51 4.27 -3.49
N ARG A 62 6.52 5.60 -3.51
CA ARG A 62 7.52 6.36 -4.24
C ARG A 62 8.92 5.80 -3.97
N GLY A 63 9.06 5.11 -2.84
CA GLY A 63 10.36 4.54 -2.50
C GLY A 63 10.47 3.08 -2.91
N LEU A 64 9.53 2.26 -2.45
CA LEU A 64 9.53 0.84 -2.77
C LEU A 64 9.00 0.60 -4.18
N ASP A 65 8.67 1.68 -4.88
CA ASP A 65 8.14 1.59 -6.23
C ASP A 65 9.24 1.13 -7.20
N ASN A 66 9.05 -0.06 -7.77
CA ASN A 66 10.02 -0.61 -8.72
C ASN A 66 11.38 -0.82 -8.04
N THR A 67 11.37 -1.53 -6.92
CA THR A 67 12.60 -1.80 -6.18
C THR A 67 12.85 -3.30 -6.08
N GLU A 68 14.07 -3.71 -6.42
CA GLU A 68 14.45 -5.12 -6.37
C GLU A 68 14.13 -5.71 -5.00
N PHE A 69 13.06 -6.49 -4.94
CA PHE A 69 12.64 -7.12 -3.69
C PHE A 69 12.94 -8.62 -3.71
N GLN A 70 13.82 -9.05 -2.81
CA GLN A 70 14.19 -10.46 -2.74
C GLN A 70 14.70 -10.96 -4.07
N GLY A 71 15.33 -10.07 -4.83
CA GLY A 71 15.86 -10.45 -6.14
C GLY A 71 15.00 -9.95 -7.28
N LYS A 72 13.69 -10.00 -7.10
CA LYS A 72 12.76 -9.54 -8.12
C LYS A 72 12.12 -8.21 -7.72
N ARG A 73 12.07 -7.29 -8.68
CA ARG A 73 11.48 -5.97 -8.44
C ARG A 73 9.96 -6.04 -8.46
N MET A 74 9.33 -5.44 -7.45
CA MET A 74 7.87 -5.43 -7.35
C MET A 74 7.33 -4.03 -7.55
N HIS A 75 6.12 -3.94 -8.09
CA HIS A 75 5.47 -2.66 -8.35
C HIS A 75 4.52 -2.29 -7.21
N VAL A 76 4.82 -1.19 -6.52
CA VAL A 76 4.00 -0.73 -5.41
C VAL A 76 3.18 0.50 -5.81
N GLN A 77 1.88 0.45 -5.54
CA GLN A 77 0.99 1.55 -5.87
C GLN A 77 -0.19 1.60 -4.90
N LEU A 78 -1.07 2.57 -5.11
CA LEU A 78 -2.25 2.72 -4.26
C LEU A 78 -3.26 1.62 -4.52
N SER A 79 -3.96 1.19 -3.47
CA SER A 79 -4.95 0.13 -3.58
C SER A 79 -6.36 0.72 -3.62
N THR A 80 -6.69 1.52 -2.61
CA THR A 80 -8.01 2.14 -2.53
C THR A 80 -8.24 3.08 -3.70
N SER A 81 -9.51 3.35 -4.00
CA SER A 81 -9.87 4.23 -5.10
C SER A 81 -10.57 5.48 -4.59
N ARG A 82 -10.47 6.57 -5.35
CA ARG A 82 -11.09 7.83 -4.97
C ARG A 82 -12.12 8.27 -6.01
N LEU A 83 -13.25 8.80 -5.55
CA LEU A 83 -14.30 9.26 -6.44
C LEU A 83 -15.03 10.47 -5.85
N ARG A 84 -15.09 11.54 -6.64
CA ARG A 84 -15.76 12.77 -6.19
C ARG A 84 -16.98 12.45 -5.34
N THR A 85 -17.21 13.25 -4.31
CA THR A 85 -18.34 13.05 -3.41
C THR A 85 -19.28 14.26 -3.43
N ALA A 86 -20.57 13.99 -3.59
CA ALA A 86 -21.57 15.07 -3.62
C ALA A 86 -21.44 15.97 -2.40
N SER A 87 -21.07 17.22 -2.64
CA SER A 87 -20.91 18.19 -1.56
C SER A 87 -21.78 19.42 -1.79
N GLY A 88 -22.66 19.71 -0.83
CA GLY A 88 -23.53 20.86 -0.95
C GLY A 88 -24.93 20.57 -0.41
N PRO A 89 -25.13 20.80 0.89
CA PRO A 89 -26.41 20.57 1.55
C PRO A 89 -27.47 21.57 1.12
N SER A 90 -28.72 21.13 1.07
CA SER A 90 -29.83 22.00 0.67
C SER A 90 -30.62 22.47 1.88
N SER A 91 -31.06 21.53 2.70
CA SER A 91 -31.83 21.84 3.90
C SER A 91 -31.55 20.84 5.01
N GLY A 92 -31.58 21.32 6.25
CA GLY A 92 -31.33 20.45 7.39
C GLY A 92 -32.14 20.85 8.61
N GLY A 1 -17.99 10.56 0.55
CA GLY A 1 -19.35 10.11 0.81
C GLY A 1 -20.38 11.02 0.18
N SER A 2 -21.47 11.28 0.91
CA SER A 2 -22.54 12.14 0.42
C SER A 2 -21.97 13.29 -0.42
N SER A 3 -21.03 14.02 0.16
CA SER A 3 -20.41 15.16 -0.53
C SER A 3 -18.89 15.01 -0.55
N GLY A 4 -18.30 14.83 0.63
CA GLY A 4 -16.86 14.68 0.72
C GLY A 4 -16.45 13.78 1.86
N SER A 5 -15.41 12.98 1.63
CA SER A 5 -14.92 12.05 2.64
C SER A 5 -14.10 12.80 3.70
N SER A 6 -14.38 12.51 4.96
CA SER A 6 -13.68 13.15 6.07
C SER A 6 -12.20 13.33 5.75
N GLY A 7 -11.54 12.24 5.37
CA GLY A 7 -10.13 12.31 5.03
C GLY A 7 -9.29 11.39 5.91
N LYS A 8 -9.02 11.82 7.13
CA LYS A 8 -8.22 11.03 8.06
C LYS A 8 -8.70 9.59 8.10
N ALA A 9 -7.97 8.71 7.41
CA ALA A 9 -8.32 7.30 7.38
C ALA A 9 -7.11 6.45 6.98
N SER A 10 -7.23 5.14 7.18
CA SER A 10 -6.14 4.22 6.85
C SER A 10 -5.80 4.30 5.37
N THR A 11 -4.79 3.54 4.96
CA THR A 11 -4.35 3.53 3.57
C THR A 11 -4.03 2.12 3.10
N LYS A 12 -3.96 1.93 1.79
CA LYS A 12 -3.66 0.63 1.21
C LYS A 12 -2.62 0.75 0.10
N LEU A 13 -1.69 -0.21 0.06
CA LEU A 13 -0.64 -0.21 -0.95
C LEU A 13 -0.55 -1.57 -1.63
N HIS A 14 -0.89 -1.61 -2.92
CA HIS A 14 -0.84 -2.84 -3.69
C HIS A 14 0.56 -3.10 -4.21
N VAL A 15 0.97 -4.37 -4.20
CA VAL A 15 2.30 -4.75 -4.67
C VAL A 15 2.21 -5.91 -5.67
N GLY A 16 3.10 -5.89 -6.66
CA GLY A 16 3.11 -6.95 -7.66
C GLY A 16 4.49 -7.55 -7.84
N ASN A 17 4.54 -8.69 -8.53
CA ASN A 17 5.80 -9.37 -8.78
C ASN A 17 6.49 -9.74 -7.46
N ILE A 18 5.77 -10.43 -6.59
CA ILE A 18 6.31 -10.84 -5.30
C ILE A 18 7.06 -12.16 -5.41
N SER A 19 7.94 -12.42 -4.45
CA SER A 19 8.71 -13.65 -4.43
C SER A 19 7.89 -14.82 -3.88
N PRO A 20 8.15 -16.02 -4.41
CA PRO A 20 7.44 -17.24 -3.97
C PRO A 20 7.83 -17.66 -2.56
N THR A 21 8.92 -17.10 -2.05
CA THR A 21 9.38 -17.41 -0.70
C THR A 21 9.31 -16.19 0.20
N CYS A 22 8.68 -15.13 -0.29
CA CYS A 22 8.55 -13.90 0.48
C CYS A 22 7.90 -14.16 1.84
N THR A 23 8.23 -13.33 2.82
CA THR A 23 7.69 -13.47 4.17
C THR A 23 7.04 -12.18 4.64
N ASN A 24 5.89 -12.30 5.30
CA ASN A 24 5.17 -11.14 5.81
C ASN A 24 6.09 -10.26 6.63
N GLN A 25 7.10 -10.87 7.26
CA GLN A 25 8.05 -10.13 8.08
C GLN A 25 8.98 -9.28 7.21
N GLU A 26 9.33 -9.79 6.04
CA GLU A 26 10.21 -9.08 5.13
C GLU A 26 9.48 -7.89 4.50
N LEU A 27 8.34 -8.16 3.87
CA LEU A 27 7.57 -7.11 3.22
C LEU A 27 7.15 -6.04 4.23
N ARG A 28 6.37 -6.45 5.23
CA ARG A 28 5.91 -5.53 6.26
C ARG A 28 7.06 -4.68 6.79
N ALA A 29 8.13 -5.35 7.20
CA ALA A 29 9.30 -4.66 7.74
C ALA A 29 9.77 -3.56 6.78
N LYS A 30 9.85 -3.90 5.49
CA LYS A 30 10.29 -2.95 4.48
C LYS A 30 9.36 -1.73 4.45
N PHE A 31 8.07 -1.97 4.59
CA PHE A 31 7.08 -0.89 4.57
C PHE A 31 7.06 -0.16 5.91
N GLU A 32 7.43 -0.87 6.98
CA GLU A 32 7.45 -0.29 8.32
C GLU A 32 8.51 0.80 8.42
N GLU A 33 9.46 0.78 7.49
CA GLU A 33 10.54 1.78 7.48
C GLU A 33 9.98 3.17 7.23
N TYR A 34 8.89 3.25 6.47
CA TYR A 34 8.26 4.52 6.16
C TYR A 34 7.30 4.93 7.25
N GLY A 35 6.41 4.01 7.64
CA GLY A 35 5.44 4.30 8.68
C GLY A 35 4.98 3.04 9.40
N PRO A 36 4.20 3.23 10.48
CA PRO A 36 3.69 2.13 11.28
C PRO A 36 2.63 1.31 10.54
N VAL A 37 3.06 0.27 9.86
CA VAL A 37 2.15 -0.59 9.10
C VAL A 37 1.04 -1.14 10.00
N ILE A 38 -0.13 -1.37 9.41
CA ILE A 38 -1.26 -1.89 10.16
C ILE A 38 -1.42 -3.39 9.92
N GLU A 39 -1.58 -3.78 8.67
CA GLU A 39 -1.74 -5.19 8.32
C GLU A 39 -1.19 -5.48 6.92
N CYS A 40 -0.22 -6.38 6.86
CA CYS A 40 0.39 -6.73 5.58
C CYS A 40 0.01 -8.15 5.18
N ASP A 41 -0.30 -8.34 3.89
CA ASP A 41 -0.69 -9.65 3.38
C ASP A 41 0.04 -9.94 2.06
N ILE A 42 0.55 -11.16 1.94
CA ILE A 42 1.25 -11.58 0.74
C ILE A 42 0.37 -12.44 -0.15
N VAL A 43 0.65 -12.42 -1.45
CA VAL A 43 -0.12 -13.20 -2.41
C VAL A 43 0.79 -13.85 -3.44
N LYS A 44 0.21 -14.70 -4.29
CA LYS A 44 0.97 -15.40 -5.32
C LYS A 44 2.11 -14.52 -5.84
N ASP A 45 1.76 -13.52 -6.65
CA ASP A 45 2.75 -12.61 -7.21
C ASP A 45 2.41 -11.17 -6.87
N TYR A 46 1.54 -10.99 -5.88
CA TYR A 46 1.13 -9.65 -5.46
C TYR A 46 1.00 -9.59 -3.93
N ALA A 47 0.77 -8.38 -3.43
CA ALA A 47 0.63 -8.18 -1.99
C ALA A 47 -0.17 -6.91 -1.70
N PHE A 48 -0.46 -6.68 -0.42
CA PHE A 48 -1.22 -5.50 0.00
C PHE A 48 -0.79 -5.05 1.39
N VAL A 49 -0.19 -3.87 1.45
CA VAL A 49 0.27 -3.31 2.71
C VAL A 49 -0.65 -2.19 3.20
N HIS A 50 -1.37 -2.45 4.28
CA HIS A 50 -2.29 -1.47 4.84
C HIS A 50 -1.55 -0.50 5.75
N MET A 51 -1.46 0.77 5.32
CA MET A 51 -0.78 1.78 6.11
C MET A 51 -1.77 2.56 6.96
N GLU A 52 -1.26 3.26 7.97
CA GLU A 52 -2.10 4.06 8.85
C GLU A 52 -2.28 5.48 8.32
N ARG A 53 -1.16 6.16 8.09
CA ARG A 53 -1.20 7.52 7.58
C ARG A 53 -0.82 7.56 6.11
N ALA A 54 -1.42 8.50 5.37
CA ALA A 54 -1.13 8.64 3.94
C ALA A 54 0.30 9.09 3.71
N GLU A 55 0.71 10.15 4.39
CA GLU A 55 2.06 10.67 4.25
C GLU A 55 3.08 9.53 4.24
N ASP A 56 2.82 8.49 5.02
CA ASP A 56 3.71 7.35 5.09
C ASP A 56 3.46 6.39 3.94
N ALA A 57 2.19 6.15 3.64
CA ALA A 57 1.82 5.25 2.55
C ALA A 57 2.34 5.76 1.21
N VAL A 58 1.93 6.96 0.83
CA VAL A 58 2.35 7.57 -0.42
C VAL A 58 3.86 7.49 -0.58
N GLU A 59 4.58 7.66 0.52
CA GLU A 59 6.03 7.60 0.50
C GLU A 59 6.52 6.18 0.30
N ALA A 60 5.98 5.25 1.10
CA ALA A 60 6.36 3.85 1.00
C ALA A 60 6.31 3.35 -0.44
N ILE A 61 5.54 4.05 -1.27
CA ILE A 61 5.41 3.69 -2.68
C ILE A 61 6.52 4.32 -3.51
N ARG A 62 6.51 5.64 -3.59
CA ARG A 62 7.51 6.37 -4.36
C ARG A 62 8.91 5.86 -4.04
N GLY A 63 9.05 5.19 -2.90
CA GLY A 63 10.34 4.66 -2.51
C GLY A 63 10.48 3.18 -2.82
N LEU A 64 9.41 2.43 -2.57
CA LEU A 64 9.43 0.99 -2.83
C LEU A 64 8.91 0.69 -4.22
N ASP A 65 8.61 1.74 -4.99
CA ASP A 65 8.11 1.58 -6.35
C ASP A 65 9.21 1.10 -7.29
N ASN A 66 9.04 -0.09 -7.84
CA ASN A 66 10.02 -0.66 -8.75
C ASN A 66 11.36 -0.86 -8.05
N THR A 67 11.33 -1.47 -6.87
CA THR A 67 12.54 -1.72 -6.10
C THR A 67 12.84 -3.21 -6.01
N GLU A 68 14.00 -3.61 -6.52
CA GLU A 68 14.41 -5.01 -6.49
C GLU A 68 14.25 -5.60 -5.10
N PHE A 69 13.18 -6.37 -4.90
CA PHE A 69 12.91 -7.00 -3.61
C PHE A 69 13.11 -8.50 -3.68
N GLN A 70 13.93 -9.03 -2.78
CA GLN A 70 14.20 -10.47 -2.74
C GLN A 70 14.73 -10.95 -4.08
N GLY A 71 15.39 -10.05 -4.81
CA GLY A 71 15.93 -10.41 -6.11
C GLY A 71 15.05 -9.93 -7.26
N LYS A 72 13.75 -9.99 -7.07
CA LYS A 72 12.81 -9.55 -8.09
C LYS A 72 12.19 -8.21 -7.74
N ARG A 73 12.04 -7.35 -8.74
CA ARG A 73 11.47 -6.03 -8.53
C ARG A 73 9.95 -6.09 -8.51
N MET A 74 9.34 -5.43 -7.53
CA MET A 74 7.89 -5.42 -7.39
C MET A 74 7.34 -4.01 -7.60
N HIS A 75 6.13 -3.92 -8.15
CA HIS A 75 5.50 -2.64 -8.40
C HIS A 75 4.55 -2.27 -7.28
N VAL A 76 4.80 -1.12 -6.64
CA VAL A 76 3.95 -0.66 -5.54
C VAL A 76 3.13 0.54 -5.96
N GLN A 77 1.84 0.52 -5.62
CA GLN A 77 0.94 1.60 -5.96
C GLN A 77 -0.33 1.56 -5.10
N LEU A 78 -1.14 2.61 -5.19
CA LEU A 78 -2.38 2.68 -4.43
C LEU A 78 -3.31 1.53 -4.79
N SER A 79 -3.75 0.78 -3.78
CA SER A 79 -4.65 -0.34 -4.00
C SER A 79 -6.04 0.13 -4.42
N THR A 80 -6.73 -0.68 -5.21
CA THR A 80 -8.06 -0.34 -5.68
C THR A 80 -9.13 -0.97 -4.79
N SER A 81 -9.70 -0.17 -3.90
CA SER A 81 -10.73 -0.64 -3.00
C SER A 81 -12.12 -0.37 -3.56
N ARG A 82 -12.30 0.84 -4.08
CA ARG A 82 -13.59 1.24 -4.65
C ARG A 82 -13.53 1.24 -6.17
N LEU A 83 -14.51 0.61 -6.81
CA LEU A 83 -14.57 0.53 -8.26
C LEU A 83 -15.77 1.32 -8.80
N ARG A 84 -16.01 2.49 -8.21
CA ARG A 84 -17.12 3.34 -8.64
C ARG A 84 -16.63 4.45 -9.57
N THR A 85 -16.63 4.15 -10.86
CA THR A 85 -16.17 5.11 -11.86
C THR A 85 -17.20 5.25 -12.99
N ALA A 86 -17.77 6.45 -13.13
CA ALA A 86 -18.75 6.71 -14.16
C ALA A 86 -18.71 8.16 -14.60
N SER A 87 -19.39 8.47 -15.70
CA SER A 87 -19.43 9.83 -16.24
C SER A 87 -20.82 10.43 -16.08
N GLY A 88 -21.43 10.21 -14.93
CA GLY A 88 -22.76 10.73 -14.67
C GLY A 88 -22.82 12.24 -14.80
N PRO A 89 -23.99 12.77 -15.17
CA PRO A 89 -24.20 14.20 -15.34
C PRO A 89 -24.19 14.94 -14.00
N SER A 90 -23.00 15.31 -13.54
CA SER A 90 -22.85 16.02 -12.27
C SER A 90 -23.26 17.48 -12.42
N SER A 91 -24.57 17.73 -12.38
CA SER A 91 -25.09 19.09 -12.50
C SER A 91 -25.71 19.56 -11.20
N GLY A 92 -25.40 20.80 -10.82
CA GLY A 92 -25.94 21.35 -9.59
C GLY A 92 -26.36 22.79 -9.74
N GLY A 1 -25.41 -5.59 -5.79
CA GLY A 1 -25.13 -4.19 -6.00
C GLY A 1 -25.21 -3.39 -4.71
N SER A 2 -24.11 -2.74 -4.34
CA SER A 2 -24.05 -1.95 -3.12
C SER A 2 -23.48 -0.57 -3.40
N SER A 3 -24.18 0.47 -2.96
CA SER A 3 -23.74 1.83 -3.16
C SER A 3 -23.02 2.37 -1.93
N GLY A 4 -23.71 2.33 -0.79
CA GLY A 4 -23.11 2.81 0.44
C GLY A 4 -21.67 2.36 0.61
N SER A 5 -20.83 3.23 1.17
CA SER A 5 -19.43 2.91 1.38
C SER A 5 -18.86 3.73 2.53
N SER A 6 -18.45 3.05 3.59
CA SER A 6 -17.89 3.70 4.76
C SER A 6 -16.65 4.53 4.38
N GLY A 7 -16.12 5.26 5.35
CA GLY A 7 -14.94 6.07 5.10
C GLY A 7 -13.71 5.24 4.81
N LYS A 8 -12.68 5.87 4.27
CA LYS A 8 -11.43 5.19 3.94
C LYS A 8 -10.24 5.89 4.59
N ALA A 9 -10.41 6.29 5.84
CA ALA A 9 -9.35 6.96 6.58
C ALA A 9 -8.00 6.28 6.36
N SER A 10 -7.95 4.98 6.65
CA SER A 10 -6.72 4.21 6.49
C SER A 10 -6.27 4.22 5.03
N THR A 11 -5.10 3.63 4.79
CA THR A 11 -4.55 3.58 3.44
C THR A 11 -4.11 2.17 3.09
N LYS A 12 -4.18 1.83 1.81
CA LYS A 12 -3.79 0.51 1.33
C LYS A 12 -2.85 0.62 0.13
N LEU A 13 -1.81 -0.21 0.13
CA LEU A 13 -0.83 -0.22 -0.95
C LEU A 13 -0.75 -1.59 -1.61
N HIS A 14 -1.01 -1.64 -2.91
CA HIS A 14 -0.97 -2.88 -3.66
C HIS A 14 0.41 -3.11 -4.26
N VAL A 15 0.88 -4.36 -4.23
CA VAL A 15 2.19 -4.70 -4.77
C VAL A 15 2.07 -5.81 -5.81
N GLY A 16 3.01 -5.82 -6.76
CA GLY A 16 3.00 -6.83 -7.79
C GLY A 16 4.36 -7.45 -8.02
N ASN A 17 4.39 -8.63 -8.64
CA ASN A 17 5.65 -9.31 -8.92
C ASN A 17 6.38 -9.65 -7.63
N ILE A 18 5.70 -10.36 -6.73
CA ILE A 18 6.29 -10.75 -5.46
C ILE A 18 7.04 -12.07 -5.59
N SER A 19 7.91 -12.33 -4.63
CA SER A 19 8.71 -13.56 -4.63
C SER A 19 7.95 -14.69 -3.93
N PRO A 20 8.18 -15.93 -4.39
CA PRO A 20 7.54 -17.12 -3.82
C PRO A 20 8.04 -17.43 -2.42
N THR A 21 9.23 -16.93 -2.09
CA THR A 21 9.83 -17.17 -0.79
C THR A 21 9.66 -15.96 0.12
N CYS A 22 9.14 -14.87 -0.45
CA CYS A 22 8.93 -13.64 0.31
C CYS A 22 8.18 -13.93 1.61
N THR A 23 8.68 -13.38 2.71
CA THR A 23 8.07 -13.57 4.01
C THR A 23 7.23 -12.37 4.42
N ASN A 24 6.00 -12.62 4.84
CA ASN A 24 5.10 -11.56 5.25
C ASN A 24 5.81 -10.57 6.18
N GLN A 25 6.83 -11.06 6.88
CA GLN A 25 7.58 -10.22 7.81
C GLN A 25 8.60 -9.36 7.06
N GLU A 26 9.11 -9.89 5.95
CA GLU A 26 10.08 -9.18 5.14
C GLU A 26 9.44 -7.96 4.47
N LEU A 27 8.24 -8.15 3.94
CA LEU A 27 7.52 -7.07 3.27
C LEU A 27 7.12 -5.98 4.27
N ARG A 28 6.33 -6.38 5.26
CA ARG A 28 5.86 -5.45 6.28
C ARG A 28 6.99 -4.54 6.75
N ALA A 29 8.17 -5.14 6.95
CA ALA A 29 9.34 -4.39 7.40
C ALA A 29 9.73 -3.32 6.39
N LYS A 30 9.75 -3.69 5.12
CA LYS A 30 10.10 -2.76 4.05
C LYS A 30 9.19 -1.55 4.06
N PHE A 31 7.92 -1.76 4.42
CA PHE A 31 6.94 -0.69 4.46
C PHE A 31 6.97 0.00 5.83
N GLU A 32 7.30 -0.75 6.86
CA GLU A 32 7.37 -0.22 8.21
C GLU A 32 8.47 0.83 8.33
N GLU A 33 9.45 0.75 7.45
CA GLU A 33 10.56 1.69 7.45
C GLU A 33 10.07 3.12 7.19
N TYR A 34 8.87 3.24 6.64
CA TYR A 34 8.29 4.54 6.34
C TYR A 34 7.32 4.97 7.44
N GLY A 35 6.38 4.09 7.75
CA GLY A 35 5.40 4.39 8.78
C GLY A 35 4.96 3.15 9.54
N PRO A 36 4.19 3.36 10.63
CA PRO A 36 3.70 2.26 11.47
C PRO A 36 2.64 1.43 10.76
N VAL A 37 3.09 0.48 9.95
CA VAL A 37 2.18 -0.40 9.22
C VAL A 37 1.09 -0.94 10.12
N ILE A 38 -0.09 -1.18 9.55
CA ILE A 38 -1.21 -1.70 10.31
C ILE A 38 -1.39 -3.20 10.07
N GLU A 39 -1.44 -3.59 8.80
CA GLU A 39 -1.61 -5.00 8.45
C GLU A 39 -1.11 -5.25 7.02
N CYS A 40 -0.17 -6.18 6.89
CA CYS A 40 0.38 -6.52 5.59
C CYS A 40 0.15 -8.00 5.26
N ASP A 41 -0.01 -8.29 3.98
CA ASP A 41 -0.25 -9.67 3.53
C ASP A 41 0.38 -9.90 2.16
N ILE A 42 0.99 -11.06 1.99
CA ILE A 42 1.63 -11.42 0.72
C ILE A 42 0.73 -12.32 -0.12
N VAL A 43 0.92 -12.29 -1.43
CA VAL A 43 0.12 -13.10 -2.34
C VAL A 43 1.00 -13.78 -3.38
N LYS A 44 0.41 -14.65 -4.17
CA LYS A 44 1.13 -15.37 -5.22
C LYS A 44 2.21 -14.48 -5.84
N ASP A 45 1.77 -13.49 -6.61
CA ASP A 45 2.69 -12.57 -7.27
C ASP A 45 2.36 -11.12 -6.90
N TYR A 46 1.50 -10.95 -5.91
CA TYR A 46 1.08 -9.61 -5.48
C TYR A 46 1.07 -9.53 -3.96
N ALA A 47 0.77 -8.34 -3.45
CA ALA A 47 0.71 -8.12 -2.01
C ALA A 47 -0.11 -6.87 -1.68
N PHE A 48 -0.44 -6.71 -0.40
CA PHE A 48 -1.23 -5.56 0.05
C PHE A 48 -0.77 -5.09 1.42
N VAL A 49 -0.21 -3.88 1.47
CA VAL A 49 0.28 -3.31 2.72
C VAL A 49 -0.69 -2.25 3.24
N HIS A 50 -1.26 -2.51 4.41
CA HIS A 50 -2.20 -1.56 5.03
C HIS A 50 -1.46 -0.55 5.90
N MET A 51 -1.46 0.70 5.45
CA MET A 51 -0.79 1.77 6.18
C MET A 51 -1.79 2.54 7.05
N GLU A 52 -1.27 3.34 7.98
CA GLU A 52 -2.11 4.13 8.86
C GLU A 52 -2.37 5.52 8.28
N ARG A 53 -1.30 6.28 8.07
CA ARG A 53 -1.41 7.63 7.52
C ARG A 53 -1.04 7.64 6.04
N ALA A 54 -1.70 8.51 5.29
CA ALA A 54 -1.44 8.63 3.86
C ALA A 54 -0.01 9.08 3.59
N GLU A 55 0.40 10.16 4.27
CA GLU A 55 1.74 10.69 4.11
C GLU A 55 2.78 9.57 4.08
N ASP A 56 2.59 8.57 4.93
CA ASP A 56 3.50 7.43 5.01
C ASP A 56 3.26 6.47 3.85
N ALA A 57 2.00 6.22 3.53
CA ALA A 57 1.63 5.32 2.45
C ALA A 57 2.22 5.79 1.12
N VAL A 58 1.96 7.05 0.78
CA VAL A 58 2.46 7.63 -0.46
C VAL A 58 3.98 7.51 -0.54
N GLU A 59 4.65 7.74 0.58
CA GLU A 59 6.10 7.65 0.64
C GLU A 59 6.58 6.22 0.40
N ALA A 60 6.03 5.29 1.17
CA ALA A 60 6.41 3.89 1.06
C ALA A 60 6.37 3.44 -0.40
N ILE A 61 5.53 4.09 -1.20
CA ILE A 61 5.41 3.76 -2.61
C ILE A 61 6.57 4.32 -3.42
N ARG A 62 6.65 5.65 -3.50
CA ARG A 62 7.71 6.31 -4.24
C ARG A 62 9.06 5.67 -3.93
N GLY A 63 9.15 5.00 -2.79
CA GLY A 63 10.39 4.35 -2.39
C GLY A 63 10.43 2.89 -2.78
N LEU A 64 9.46 2.13 -2.29
CA LEU A 64 9.39 0.70 -2.60
C LEU A 64 8.97 0.47 -4.05
N ASP A 65 8.67 1.55 -4.74
CA ASP A 65 8.26 1.47 -6.14
C ASP A 65 9.43 1.07 -7.03
N ASN A 66 9.30 -0.08 -7.68
CA ASN A 66 10.35 -0.58 -8.57
C ASN A 66 11.63 -0.87 -7.78
N THR A 67 11.51 -1.67 -6.73
CA THR A 67 12.65 -2.02 -5.90
C THR A 67 12.88 -3.52 -5.89
N GLU A 68 14.09 -3.93 -6.24
CA GLU A 68 14.45 -5.35 -6.27
C GLU A 68 14.16 -6.00 -4.92
N PHE A 69 13.05 -6.73 -4.84
CA PHE A 69 12.67 -7.41 -3.61
C PHE A 69 12.85 -8.92 -3.74
N GLN A 70 13.66 -9.50 -2.87
CA GLN A 70 13.92 -10.94 -2.89
C GLN A 70 14.46 -11.37 -4.24
N GLY A 71 15.10 -10.44 -4.95
CA GLY A 71 15.66 -10.75 -6.25
C GLY A 71 14.85 -10.16 -7.39
N LYS A 72 13.53 -10.15 -7.22
CA LYS A 72 12.63 -9.62 -8.23
C LYS A 72 12.06 -8.28 -7.80
N ARG A 73 11.98 -7.34 -8.75
CA ARG A 73 11.45 -6.01 -8.46
C ARG A 73 9.93 -6.01 -8.52
N MET A 74 9.29 -5.57 -7.44
CA MET A 74 7.83 -5.52 -7.37
C MET A 74 7.33 -4.09 -7.55
N HIS A 75 6.14 -3.95 -8.11
CA HIS A 75 5.55 -2.64 -8.34
C HIS A 75 4.59 -2.27 -7.21
N VAL A 76 4.92 -1.19 -6.50
CA VAL A 76 4.09 -0.74 -5.39
C VAL A 76 3.28 0.50 -5.78
N GLN A 77 2.00 0.50 -5.43
CA GLN A 77 1.12 1.62 -5.74
C GLN A 77 -0.13 1.58 -4.87
N LEU A 78 -1.04 2.52 -5.11
CA LEU A 78 -2.28 2.60 -4.35
C LEU A 78 -3.22 1.46 -4.72
N SER A 79 -3.68 0.72 -3.71
CA SER A 79 -4.59 -0.40 -3.93
C SER A 79 -5.88 0.06 -4.60
N THR A 80 -6.58 0.98 -3.94
CA THR A 80 -7.83 1.50 -4.47
C THR A 80 -7.59 2.47 -5.61
N SER A 81 -8.40 2.38 -6.66
CA SER A 81 -8.27 3.26 -7.81
C SER A 81 -8.18 4.72 -7.38
N ARG A 82 -7.12 5.39 -7.82
CA ARG A 82 -6.91 6.79 -7.48
C ARG A 82 -7.86 7.69 -8.27
N LEU A 83 -8.93 8.12 -7.62
CA LEU A 83 -9.92 8.99 -8.26
C LEU A 83 -9.31 10.35 -8.60
N ARG A 84 -10.01 11.10 -9.45
CA ARG A 84 -9.54 12.43 -9.85
C ARG A 84 -9.94 13.48 -8.83
N THR A 85 -11.24 13.56 -8.53
CA THR A 85 -11.74 14.53 -7.57
C THR A 85 -11.04 15.87 -7.72
N ALA A 86 -11.00 16.38 -8.96
CA ALA A 86 -10.36 17.66 -9.23
C ALA A 86 -11.40 18.77 -9.36
N SER A 87 -10.99 20.00 -9.06
CA SER A 87 -11.88 21.15 -9.14
C SER A 87 -12.79 21.05 -10.36
N GLY A 88 -14.07 21.35 -10.16
CA GLY A 88 -15.03 21.28 -11.25
C GLY A 88 -16.12 22.33 -11.13
N PRO A 89 -16.97 22.42 -12.16
CA PRO A 89 -18.08 23.39 -12.18
C PRO A 89 -19.17 23.03 -11.18
N SER A 90 -19.37 23.90 -10.19
CA SER A 90 -20.38 23.67 -9.17
C SER A 90 -21.52 24.67 -9.31
N SER A 91 -21.19 25.95 -9.30
CA SER A 91 -22.18 27.01 -9.42
C SER A 91 -22.68 27.13 -10.85
N GLY A 92 -23.81 26.49 -11.14
CA GLY A 92 -24.37 26.53 -12.48
C GLY A 92 -23.66 25.60 -13.44
N GLY A 1 -6.77 -7.58 -10.07
CA GLY A 1 -7.85 -6.71 -10.48
C GLY A 1 -8.11 -5.59 -9.49
N SER A 2 -7.66 -4.39 -9.82
CA SER A 2 -7.84 -3.23 -8.94
C SER A 2 -9.31 -2.84 -8.84
N SER A 3 -9.95 -3.25 -7.76
CA SER A 3 -11.37 -2.95 -7.55
C SER A 3 -11.77 -3.24 -6.11
N GLY A 4 -12.19 -2.19 -5.39
CA GLY A 4 -12.60 -2.36 -4.01
C GLY A 4 -11.98 -1.32 -3.09
N SER A 5 -12.82 -0.53 -2.45
CA SER A 5 -12.35 0.51 -1.54
C SER A 5 -12.76 0.20 -0.10
N SER A 6 -11.78 -0.21 0.70
CA SER A 6 -12.03 -0.54 2.10
C SER A 6 -11.21 0.34 3.03
N GLY A 7 -11.75 0.61 4.22
CA GLY A 7 -11.04 1.44 5.18
C GLY A 7 -11.09 2.92 4.80
N LYS A 8 -11.44 3.76 5.77
CA LYS A 8 -11.51 5.20 5.53
C LYS A 8 -10.34 5.91 6.20
N ALA A 9 -10.19 5.71 7.51
CA ALA A 9 -9.12 6.34 8.27
C ALA A 9 -7.84 5.51 8.19
N SER A 10 -7.40 5.25 6.95
CA SER A 10 -6.19 4.47 6.74
C SER A 10 -5.78 4.51 5.27
N THR A 11 -4.71 3.78 4.93
CA THR A 11 -4.22 3.73 3.56
C THR A 11 -3.95 2.29 3.13
N LYS A 12 -4.09 2.04 1.83
CA LYS A 12 -3.86 0.71 1.28
C LYS A 12 -2.93 0.77 0.07
N LEU A 13 -1.96 -0.13 0.04
CA LEU A 13 -1.00 -0.19 -1.06
C LEU A 13 -0.93 -1.58 -1.66
N HIS A 14 -0.90 -1.65 -2.98
CA HIS A 14 -0.83 -2.94 -3.68
C HIS A 14 0.58 -3.19 -4.20
N VAL A 15 0.99 -4.46 -4.16
CA VAL A 15 2.32 -4.84 -4.63
C VAL A 15 2.24 -6.00 -5.61
N GLY A 16 3.01 -5.92 -6.69
CA GLY A 16 3.02 -6.97 -7.69
C GLY A 16 4.41 -7.55 -7.92
N ASN A 17 4.46 -8.72 -8.53
CA ASN A 17 5.73 -9.37 -8.82
C ASN A 17 6.48 -9.69 -7.52
N ILE A 18 5.81 -10.38 -6.60
CA ILE A 18 6.40 -10.75 -5.33
C ILE A 18 7.23 -12.02 -5.45
N SER A 19 8.15 -12.22 -4.52
CA SER A 19 9.01 -13.40 -4.53
C SER A 19 8.34 -14.56 -3.81
N PRO A 20 8.57 -15.78 -4.32
CA PRO A 20 7.99 -17.00 -3.74
C PRO A 20 8.60 -17.35 -2.38
N THR A 21 9.64 -16.61 -2.01
CA THR A 21 10.32 -16.84 -0.73
C THR A 21 10.09 -15.67 0.22
N CYS A 22 9.40 -14.64 -0.27
CA CYS A 22 9.12 -13.46 0.55
C CYS A 22 8.12 -13.80 1.66
N THR A 23 8.49 -13.44 2.89
CA THR A 23 7.63 -13.70 4.04
C THR A 23 6.87 -12.45 4.45
N ASN A 24 5.65 -12.65 4.96
CA ASN A 24 4.82 -11.53 5.39
C ASN A 24 5.58 -10.62 6.34
N GLN A 25 6.58 -11.17 7.01
CA GLN A 25 7.38 -10.41 7.96
C GLN A 25 8.34 -9.47 7.22
N GLU A 26 8.82 -9.91 6.06
CA GLU A 26 9.73 -9.12 5.26
C GLU A 26 9.02 -7.92 4.63
N LEU A 27 8.00 -8.21 3.83
CA LEU A 27 7.25 -7.16 3.16
C LEU A 27 6.83 -6.08 4.15
N ARG A 28 6.17 -6.48 5.23
CA ARG A 28 5.72 -5.54 6.25
C ARG A 28 6.88 -4.69 6.75
N ALA A 29 7.88 -5.35 7.36
CA ALA A 29 9.04 -4.66 7.88
C ALA A 29 9.55 -3.61 6.89
N LYS A 30 9.63 -3.99 5.62
CA LYS A 30 10.11 -3.08 4.58
C LYS A 30 9.24 -1.83 4.52
N PHE A 31 7.93 -2.02 4.53
CA PHE A 31 6.99 -0.91 4.48
C PHE A 31 6.96 -0.16 5.81
N GLU A 32 7.31 -0.85 6.88
CA GLU A 32 7.33 -0.25 8.21
C GLU A 32 8.43 0.81 8.32
N GLU A 33 9.46 0.67 7.48
CA GLU A 33 10.57 1.61 7.48
C GLU A 33 10.08 3.03 7.21
N TYR A 34 8.91 3.14 6.60
CA TYR A 34 8.33 4.44 6.27
C TYR A 34 7.38 4.91 7.37
N GLY A 35 6.45 4.03 7.75
CA GLY A 35 5.50 4.36 8.79
C GLY A 35 5.01 3.14 9.54
N PRO A 36 4.24 3.37 10.62
CA PRO A 36 3.70 2.29 11.45
C PRO A 36 2.62 1.49 10.72
N VAL A 37 3.05 0.56 9.89
CA VAL A 37 2.13 -0.29 9.14
C VAL A 37 1.02 -0.83 10.05
N ILE A 38 -0.13 -1.10 9.45
CA ILE A 38 -1.26 -1.64 10.20
C ILE A 38 -1.41 -3.14 9.98
N GLU A 39 -1.59 -3.52 8.72
CA GLU A 39 -1.74 -4.94 8.37
C GLU A 39 -1.21 -5.21 6.96
N CYS A 40 -0.29 -6.16 6.86
CA CYS A 40 0.29 -6.51 5.57
C CYS A 40 0.04 -7.99 5.25
N ASP A 41 -0.18 -8.28 3.97
CA ASP A 41 -0.44 -9.63 3.53
C ASP A 41 0.21 -9.90 2.18
N ILE A 42 0.79 -11.10 2.04
CA ILE A 42 1.45 -11.48 0.79
C ILE A 42 0.56 -12.39 -0.06
N VAL A 43 0.78 -12.37 -1.37
CA VAL A 43 0.00 -13.19 -2.28
C VAL A 43 0.89 -13.88 -3.30
N LYS A 44 0.31 -14.77 -4.09
CA LYS A 44 1.07 -15.49 -5.11
C LYS A 44 2.16 -14.62 -5.70
N ASP A 45 1.78 -13.67 -6.55
CA ASP A 45 2.73 -12.77 -7.18
C ASP A 45 2.41 -11.31 -6.85
N TYR A 46 1.56 -11.12 -5.85
CA TYR A 46 1.17 -9.78 -5.44
C TYR A 46 1.10 -9.68 -3.91
N ALA A 47 0.74 -8.50 -3.43
CA ALA A 47 0.63 -8.27 -1.99
C ALA A 47 -0.18 -7.01 -1.69
N PHE A 48 -0.45 -6.77 -0.41
CA PHE A 48 -1.22 -5.60 0.01
C PHE A 48 -0.77 -5.12 1.39
N VAL A 49 -0.31 -3.87 1.45
CA VAL A 49 0.15 -3.29 2.70
C VAL A 49 -0.82 -2.22 3.20
N HIS A 50 -1.38 -2.43 4.39
CA HIS A 50 -2.32 -1.49 4.96
C HIS A 50 -1.59 -0.48 5.86
N MET A 51 -1.43 0.75 5.36
CA MET A 51 -0.76 1.80 6.12
C MET A 51 -1.75 2.56 6.98
N GLU A 52 -1.23 3.45 7.82
CA GLU A 52 -2.06 4.26 8.70
C GLU A 52 -2.20 5.68 8.18
N ARG A 53 -1.06 6.36 8.04
CA ARG A 53 -1.04 7.74 7.56
C ARG A 53 -0.68 7.78 6.08
N ALA A 54 -1.30 8.72 5.35
CA ALA A 54 -1.04 8.87 3.93
C ALA A 54 0.43 9.19 3.67
N GLU A 55 0.98 10.10 4.48
CA GLU A 55 2.37 10.50 4.33
C GLU A 55 3.28 9.28 4.28
N ASP A 56 2.98 8.29 5.11
CA ASP A 56 3.79 7.07 5.16
C ASP A 56 3.50 6.19 3.94
N ALA A 57 2.23 6.04 3.61
CA ALA A 57 1.83 5.23 2.46
C ALA A 57 2.42 5.79 1.16
N VAL A 58 2.02 7.00 0.81
CA VAL A 58 2.50 7.64 -0.40
C VAL A 58 4.01 7.49 -0.54
N GLU A 59 4.72 7.68 0.56
CA GLU A 59 6.18 7.56 0.55
C GLU A 59 6.60 6.10 0.35
N ALA A 60 6.01 5.21 1.14
CA ALA A 60 6.32 3.79 1.04
C ALA A 60 6.30 3.31 -0.40
N ILE A 61 5.51 3.99 -1.24
CA ILE A 61 5.40 3.65 -2.65
C ILE A 61 6.54 4.26 -3.46
N ARG A 62 6.58 5.59 -3.49
CA ARG A 62 7.62 6.30 -4.23
C ARG A 62 9.00 5.76 -3.88
N GLY A 63 9.09 5.06 -2.75
CA GLY A 63 10.36 4.51 -2.32
C GLY A 63 10.50 3.04 -2.67
N LEU A 64 9.43 2.28 -2.46
CA LEU A 64 9.44 0.85 -2.76
C LEU A 64 8.94 0.58 -4.17
N ASP A 65 8.64 1.66 -4.90
CA ASP A 65 8.15 1.54 -6.27
C ASP A 65 9.27 1.11 -7.21
N ASN A 66 9.07 -0.02 -7.88
CA ASN A 66 10.07 -0.54 -8.81
C ASN A 66 11.38 -0.83 -8.10
N THR A 67 11.29 -1.50 -6.95
CA THR A 67 12.47 -1.84 -6.18
C THR A 67 12.72 -3.34 -6.18
N GLU A 68 13.98 -3.73 -6.38
CA GLU A 68 14.35 -5.15 -6.41
C GLU A 68 14.03 -5.82 -5.08
N PHE A 69 12.98 -6.63 -5.08
CA PHE A 69 12.56 -7.34 -3.87
C PHE A 69 12.95 -8.81 -3.95
N GLN A 70 13.84 -9.23 -3.04
CA GLN A 70 14.29 -10.61 -3.01
C GLN A 70 14.84 -11.04 -4.36
N GLY A 71 15.34 -10.08 -5.13
CA GLY A 71 15.88 -10.38 -6.44
C GLY A 71 15.00 -9.88 -7.56
N LYS A 72 13.69 -9.99 -7.38
CA LYS A 72 12.74 -9.54 -8.38
C LYS A 72 12.09 -8.22 -7.97
N ARG A 73 12.07 -7.26 -8.89
CA ARG A 73 11.48 -5.96 -8.62
C ARG A 73 9.96 -6.05 -8.59
N MET A 74 9.35 -5.38 -7.61
CA MET A 74 7.89 -5.38 -7.47
C MET A 74 7.32 -3.99 -7.71
N HIS A 75 6.07 -3.94 -8.14
CA HIS A 75 5.40 -2.66 -8.41
C HIS A 75 4.46 -2.30 -7.26
N VAL A 76 4.73 -1.16 -6.62
CA VAL A 76 3.90 -0.70 -5.51
C VAL A 76 3.06 0.51 -5.92
N GLN A 77 1.76 0.45 -5.63
CA GLN A 77 0.85 1.53 -5.97
C GLN A 77 -0.32 1.57 -5.00
N LEU A 78 -1.27 2.47 -5.26
CA LEU A 78 -2.44 2.62 -4.41
C LEU A 78 -3.40 1.44 -4.59
N SER A 79 -4.00 0.99 -3.49
CA SER A 79 -4.92 -0.13 -3.53
C SER A 79 -6.37 0.37 -3.57
N THR A 80 -6.61 1.40 -4.38
CA THR A 80 -7.95 1.97 -4.52
C THR A 80 -8.25 2.35 -5.96
N SER A 81 -9.38 1.89 -6.47
CA SER A 81 -9.77 2.18 -7.84
C SER A 81 -10.96 3.14 -7.87
N ARG A 82 -10.67 4.43 -7.75
CA ARG A 82 -11.72 5.44 -7.76
C ARG A 82 -11.12 6.83 -7.99
N LEU A 83 -11.85 7.67 -8.72
CA LEU A 83 -11.39 9.03 -9.01
C LEU A 83 -12.55 10.01 -8.95
N ARG A 84 -12.45 10.98 -8.06
CA ARG A 84 -13.49 12.00 -7.91
C ARG A 84 -14.03 12.44 -9.27
N THR A 85 -15.27 12.89 -9.29
CA THR A 85 -15.90 13.35 -10.52
C THR A 85 -16.46 14.76 -10.38
N ALA A 86 -16.42 15.28 -9.15
CA ALA A 86 -16.92 16.62 -8.88
C ALA A 86 -16.17 17.26 -7.72
N SER A 87 -15.35 18.26 -8.03
CA SER A 87 -14.57 18.94 -7.01
C SER A 87 -15.47 19.54 -5.93
N GLY A 88 -15.51 18.88 -4.78
CA GLY A 88 -16.34 19.35 -3.68
C GLY A 88 -16.90 18.21 -2.85
N PRO A 89 -16.08 17.68 -1.92
CA PRO A 89 -16.48 16.59 -1.05
C PRO A 89 -17.53 17.00 -0.02
N SER A 90 -18.63 16.28 0.01
CA SER A 90 -19.72 16.58 0.94
C SER A 90 -20.57 15.34 1.20
N SER A 91 -20.70 14.98 2.47
CA SER A 91 -21.48 13.81 2.86
C SER A 91 -22.89 13.89 2.30
N GLY A 92 -23.41 12.75 1.85
CA GLY A 92 -24.75 12.71 1.30
C GLY A 92 -25.52 11.48 1.72
N GLY A 1 -14.20 -8.99 -1.39
CA GLY A 1 -14.16 -8.64 0.02
C GLY A 1 -15.46 -8.93 0.73
N SER A 2 -15.52 -8.59 2.01
CA SER A 2 -16.72 -8.83 2.81
C SER A 2 -17.28 -7.53 3.35
N SER A 3 -16.42 -6.71 3.94
CA SER A 3 -16.82 -5.44 4.50
C SER A 3 -16.60 -4.31 3.50
N GLY A 4 -17.68 -3.63 3.13
CA GLY A 4 -17.59 -2.53 2.19
C GLY A 4 -17.79 -1.18 2.84
N SER A 5 -16.88 -0.83 3.75
CA SER A 5 -16.96 0.44 4.46
C SER A 5 -15.81 1.35 4.06
N SER A 6 -16.04 2.20 3.06
CA SER A 6 -15.02 3.12 2.57
C SER A 6 -14.97 4.37 3.45
N GLY A 7 -15.00 4.17 4.77
CA GLY A 7 -14.96 5.29 5.69
C GLY A 7 -14.12 5.01 6.92
N LYS A 8 -12.81 4.93 6.73
CA LYS A 8 -11.89 4.65 7.84
C LYS A 8 -10.56 5.35 7.62
N ALA A 9 -10.03 5.94 8.68
CA ALA A 9 -8.74 6.64 8.61
C ALA A 9 -7.60 5.66 8.45
N SER A 10 -7.18 5.43 7.21
CA SER A 10 -6.08 4.51 6.93
C SER A 10 -5.72 4.54 5.44
N THR A 11 -4.75 3.72 5.06
CA THR A 11 -4.30 3.64 3.67
C THR A 11 -3.98 2.21 3.27
N LYS A 12 -4.08 1.93 1.98
CA LYS A 12 -3.78 0.60 1.46
C LYS A 12 -2.89 0.66 0.23
N LEU A 13 -1.86 -0.18 0.20
CA LEU A 13 -0.94 -0.21 -0.93
C LEU A 13 -0.88 -1.60 -1.55
N HIS A 14 -0.84 -1.65 -2.87
CA HIS A 14 -0.78 -2.92 -3.60
C HIS A 14 0.62 -3.18 -4.13
N VAL A 15 1.04 -4.44 -4.11
CA VAL A 15 2.37 -4.81 -4.61
C VAL A 15 2.27 -5.94 -5.61
N GLY A 16 3.11 -5.88 -6.65
CA GLY A 16 3.10 -6.91 -7.67
C GLY A 16 4.48 -7.51 -7.89
N ASN A 17 4.52 -8.65 -8.57
CA ASN A 17 5.79 -9.32 -8.85
C ASN A 17 6.51 -9.68 -7.56
N ILE A 18 5.81 -10.35 -6.66
CA ILE A 18 6.37 -10.75 -5.37
C ILE A 18 7.20 -12.02 -5.52
N SER A 19 8.12 -12.24 -4.57
CA SER A 19 8.97 -13.41 -4.59
C SER A 19 8.26 -14.63 -4.02
N PRO A 20 8.57 -15.81 -4.55
CA PRO A 20 7.96 -17.07 -4.11
C PRO A 20 8.41 -17.47 -2.71
N THR A 21 9.45 -16.79 -2.22
CA THR A 21 9.99 -17.09 -0.90
C THR A 21 9.81 -15.89 0.05
N CYS A 22 9.07 -14.89 -0.42
CA CYS A 22 8.82 -13.69 0.38
C CYS A 22 8.09 -14.04 1.67
N THR A 23 8.39 -13.30 2.74
CA THR A 23 7.77 -13.54 4.03
C THR A 23 6.95 -12.32 4.48
N ASN A 24 5.73 -12.58 4.95
CA ASN A 24 4.85 -11.50 5.40
C ASN A 24 5.60 -10.55 6.33
N GLN A 25 6.64 -11.06 6.98
CA GLN A 25 7.43 -10.25 7.90
C GLN A 25 8.43 -9.39 7.14
N GLU A 26 8.89 -9.88 5.99
CA GLU A 26 9.85 -9.17 5.17
C GLU A 26 9.19 -7.96 4.51
N LEU A 27 8.05 -8.19 3.87
CA LEU A 27 7.32 -7.12 3.19
C LEU A 27 6.93 -6.02 4.17
N ARG A 28 6.22 -6.41 5.22
CA ARG A 28 5.79 -5.45 6.24
C ARG A 28 6.97 -4.65 6.77
N ALA A 29 7.88 -5.34 7.46
CA ALA A 29 9.05 -4.70 8.02
C ALA A 29 9.60 -3.64 7.08
N LYS A 30 9.68 -3.97 5.81
CA LYS A 30 10.19 -3.04 4.80
C LYS A 30 9.33 -1.79 4.73
N PHE A 31 8.02 -1.97 4.71
CA PHE A 31 7.09 -0.85 4.64
C PHE A 31 7.11 -0.06 5.95
N GLU A 32 7.43 -0.74 7.05
CA GLU A 32 7.48 -0.10 8.36
C GLU A 32 8.51 1.02 8.37
N GLU A 33 9.49 0.93 7.47
CA GLU A 33 10.54 1.93 7.39
C GLU A 33 9.96 3.30 7.06
N TYR A 34 8.81 3.31 6.41
CA TYR A 34 8.15 4.56 6.04
C TYR A 34 7.17 5.01 7.12
N GLY A 35 6.26 4.11 7.50
CA GLY A 35 5.28 4.43 8.52
C GLY A 35 4.88 3.21 9.33
N PRO A 36 4.09 3.43 10.39
CA PRO A 36 3.62 2.36 11.27
C PRO A 36 2.60 1.46 10.58
N VAL A 37 3.09 0.43 9.90
CA VAL A 37 2.22 -0.50 9.20
C VAL A 37 1.14 -1.05 10.13
N ILE A 38 -0.05 -1.26 9.59
CA ILE A 38 -1.17 -1.78 10.36
C ILE A 38 -1.37 -3.27 10.12
N GLU A 39 -1.47 -3.66 8.86
CA GLU A 39 -1.65 -5.05 8.49
C GLU A 39 -1.18 -5.31 7.07
N CYS A 40 -0.27 -6.25 6.90
CA CYS A 40 0.27 -6.60 5.59
C CYS A 40 0.00 -8.06 5.26
N ASP A 41 -0.08 -8.37 3.97
CA ASP A 41 -0.33 -9.73 3.52
C ASP A 41 0.32 -9.98 2.17
N ILE A 42 0.93 -11.14 2.01
CA ILE A 42 1.59 -11.52 0.76
C ILE A 42 0.69 -12.40 -0.09
N VAL A 43 0.76 -12.21 -1.41
CA VAL A 43 -0.05 -13.00 -2.33
C VAL A 43 0.83 -13.72 -3.34
N LYS A 44 0.21 -14.59 -4.15
CA LYS A 44 0.94 -15.33 -5.17
C LYS A 44 2.02 -14.47 -5.81
N ASP A 45 1.59 -13.57 -6.68
CA ASP A 45 2.52 -12.67 -7.38
C ASP A 45 2.26 -11.21 -7.00
N TYR A 46 1.42 -11.01 -5.99
CA TYR A 46 1.08 -9.67 -5.54
C TYR A 46 1.06 -9.60 -4.01
N ALA A 47 0.76 -8.42 -3.48
CA ALA A 47 0.71 -8.22 -2.04
C ALA A 47 -0.10 -6.97 -1.69
N PHE A 48 -0.38 -6.79 -0.40
CA PHE A 48 -1.14 -5.64 0.06
C PHE A 48 -0.67 -5.20 1.44
N VAL A 49 -0.21 -3.96 1.53
CA VAL A 49 0.27 -3.40 2.81
C VAL A 49 -0.66 -2.32 3.33
N HIS A 50 -1.27 -2.57 4.49
CA HIS A 50 -2.18 -1.61 5.09
C HIS A 50 -1.42 -0.58 5.92
N MET A 51 -1.38 0.65 5.45
CA MET A 51 -0.69 1.73 6.16
C MET A 51 -1.66 2.50 7.05
N GLU A 52 -1.10 3.29 7.96
CA GLU A 52 -1.91 4.08 8.88
C GLU A 52 -2.14 5.48 8.32
N ARG A 53 -1.06 6.23 8.12
CA ARG A 53 -1.15 7.59 7.60
C ARG A 53 -0.82 7.61 6.11
N ALA A 54 -1.53 8.46 5.37
CA ALA A 54 -1.31 8.58 3.93
C ALA A 54 0.11 9.04 3.63
N GLU A 55 0.54 10.10 4.31
CA GLU A 55 1.88 10.65 4.11
C GLU A 55 2.92 9.52 4.07
N ASP A 56 2.73 8.52 4.92
CA ASP A 56 3.65 7.39 4.98
C ASP A 56 3.42 6.44 3.82
N ALA A 57 2.16 6.16 3.52
CA ALA A 57 1.80 5.27 2.42
C ALA A 57 2.37 5.77 1.10
N VAL A 58 2.01 7.00 0.74
CA VAL A 58 2.48 7.61 -0.50
C VAL A 58 3.99 7.48 -0.63
N GLU A 59 4.69 7.71 0.47
CA GLU A 59 6.15 7.63 0.48
C GLU A 59 6.61 6.19 0.25
N ALA A 60 6.08 5.27 1.05
CA ALA A 60 6.43 3.86 0.92
C ALA A 60 6.46 3.41 -0.53
N ILE A 61 5.59 4.02 -1.34
CA ILE A 61 5.50 3.68 -2.76
C ILE A 61 6.66 4.31 -3.53
N ARG A 62 6.70 5.64 -3.57
CA ARG A 62 7.75 6.36 -4.28
C ARG A 62 9.12 5.75 -3.98
N GLY A 63 9.21 5.05 -2.86
CA GLY A 63 10.47 4.43 -2.47
C GLY A 63 10.54 2.97 -2.88
N LEU A 64 9.55 2.19 -2.46
CA LEU A 64 9.51 0.77 -2.79
C LEU A 64 8.99 0.55 -4.20
N ASP A 65 8.74 1.64 -4.91
CA ASP A 65 8.24 1.57 -6.28
C ASP A 65 9.36 1.15 -7.24
N ASN A 66 9.20 -0.02 -7.86
CA ASN A 66 10.19 -0.53 -8.80
C ASN A 66 11.51 -0.81 -8.08
N THR A 67 11.44 -1.53 -6.97
CA THR A 67 12.62 -1.87 -6.19
C THR A 67 12.84 -3.38 -6.16
N GLU A 68 14.07 -3.80 -6.48
CA GLU A 68 14.40 -5.22 -6.49
C GLU A 68 14.21 -5.83 -5.11
N PHE A 69 13.07 -6.48 -4.91
CA PHE A 69 12.75 -7.11 -3.63
C PHE A 69 12.81 -8.63 -3.74
N GLN A 70 13.50 -9.26 -2.80
CA GLN A 70 13.63 -10.72 -2.79
C GLN A 70 14.26 -11.21 -4.10
N GLY A 71 15.01 -10.33 -4.75
CA GLY A 71 15.66 -10.70 -6.00
C GLY A 71 14.93 -10.14 -7.20
N LYS A 72 13.61 -10.01 -7.10
CA LYS A 72 12.80 -9.48 -8.19
C LYS A 72 12.18 -8.15 -7.81
N ARG A 73 12.04 -7.26 -8.79
CA ARG A 73 11.45 -5.94 -8.56
C ARG A 73 9.93 -6.03 -8.54
N MET A 74 9.32 -5.41 -7.54
CA MET A 74 7.86 -5.41 -7.41
C MET A 74 7.31 -4.00 -7.62
N HIS A 75 6.09 -3.93 -8.13
CA HIS A 75 5.44 -2.65 -8.38
C HIS A 75 4.50 -2.27 -7.23
N VAL A 76 4.77 -1.14 -6.60
CA VAL A 76 3.96 -0.67 -5.48
C VAL A 76 3.11 0.53 -5.88
N GLN A 77 1.81 0.46 -5.58
CA GLN A 77 0.90 1.54 -5.91
C GLN A 77 -0.28 1.59 -4.94
N LEU A 78 -1.20 2.50 -5.17
CA LEU A 78 -2.38 2.65 -4.30
C LEU A 78 -3.39 1.54 -4.57
N SER A 79 -3.86 0.92 -3.49
CA SER A 79 -4.84 -0.16 -3.62
C SER A 79 -6.23 0.39 -3.86
N THR A 80 -6.77 1.11 -2.87
CA THR A 80 -8.10 1.68 -2.97
C THR A 80 -8.02 3.17 -3.32
N SER A 81 -8.95 3.63 -4.16
CA SER A 81 -8.98 5.03 -4.57
C SER A 81 -9.15 5.94 -3.37
N ARG A 82 -8.24 6.90 -3.22
CA ARG A 82 -8.29 7.84 -2.11
C ARG A 82 -8.98 9.14 -2.52
N LEU A 83 -9.60 9.11 -3.70
CA LEU A 83 -10.30 10.29 -4.20
C LEU A 83 -11.82 10.11 -4.12
N ARG A 84 -12.52 11.19 -3.83
CA ARG A 84 -13.97 11.16 -3.71
C ARG A 84 -14.56 12.57 -3.78
N THR A 85 -15.75 12.68 -4.37
CA THR A 85 -16.41 13.97 -4.50
C THR A 85 -17.55 14.10 -3.49
N ALA A 86 -17.45 15.10 -2.62
CA ALA A 86 -18.47 15.34 -1.62
C ALA A 86 -18.22 16.66 -0.88
N SER A 87 -19.19 17.56 -0.98
CA SER A 87 -19.08 18.87 -0.32
C SER A 87 -18.82 18.71 1.17
N GLY A 88 -19.67 17.94 1.83
CA GLY A 88 -19.52 17.71 3.26
C GLY A 88 -19.93 16.32 3.68
N PRO A 89 -19.47 15.89 4.86
CA PRO A 89 -19.79 14.56 5.40
C PRO A 89 -21.25 14.44 5.82
N SER A 90 -21.96 15.56 5.80
CA SER A 90 -23.37 15.59 6.19
C SER A 90 -24.21 14.77 5.22
N SER A 91 -24.18 15.17 3.96
CA SER A 91 -24.95 14.47 2.93
C SER A 91 -24.03 13.65 2.03
N GLY A 92 -24.20 12.33 2.08
CA GLY A 92 -23.39 11.44 1.26
C GLY A 92 -21.91 11.53 1.62
N GLY A 1 -7.42 -5.67 -3.26
CA GLY A 1 -8.69 -5.53 -2.58
C GLY A 1 -9.39 -6.87 -2.38
N SER A 2 -9.93 -7.09 -1.19
CA SER A 2 -10.62 -8.33 -0.88
C SER A 2 -12.12 -8.10 -0.73
N SER A 3 -12.49 -7.21 0.19
CA SER A 3 -13.89 -6.90 0.43
C SER A 3 -14.25 -5.53 -0.13
N GLY A 4 -13.46 -4.52 0.23
CA GLY A 4 -13.72 -3.17 -0.24
C GLY A 4 -13.45 -2.12 0.81
N SER A 5 -13.43 -0.86 0.40
CA SER A 5 -13.19 0.25 1.32
C SER A 5 -13.58 1.58 0.69
N SER A 6 -14.28 2.41 1.47
CA SER A 6 -14.73 3.70 0.99
C SER A 6 -14.49 4.79 2.05
N GLY A 7 -13.86 5.89 1.63
CA GLY A 7 -13.59 6.97 2.55
C GLY A 7 -13.03 6.49 3.88
N LYS A 8 -12.06 5.57 3.80
CA LYS A 8 -11.43 5.04 5.00
C LYS A 8 -10.13 5.76 5.31
N ALA A 9 -9.97 6.16 6.57
CA ALA A 9 -8.78 6.87 7.01
C ALA A 9 -7.52 6.10 6.64
N SER A 10 -7.43 4.85 7.10
CA SER A 10 -6.28 4.01 6.82
C SER A 10 -5.91 4.07 5.34
N THR A 11 -4.78 3.48 4.99
CA THR A 11 -4.30 3.47 3.61
C THR A 11 -3.99 2.04 3.15
N LYS A 12 -4.08 1.82 1.84
CA LYS A 12 -3.80 0.50 1.27
C LYS A 12 -2.85 0.62 0.09
N LEU A 13 -1.84 -0.26 0.07
CA LEU A 13 -0.86 -0.26 -1.00
C LEU A 13 -0.73 -1.65 -1.62
N HIS A 14 -1.04 -1.74 -2.91
CA HIS A 14 -0.96 -3.02 -3.63
C HIS A 14 0.43 -3.22 -4.22
N VAL A 15 0.91 -4.46 -4.19
CA VAL A 15 2.22 -4.78 -4.73
C VAL A 15 2.14 -5.89 -5.77
N GLY A 16 3.03 -5.84 -6.76
CA GLY A 16 3.03 -6.84 -7.81
C GLY A 16 4.40 -7.46 -8.02
N ASN A 17 4.43 -8.65 -8.60
CA ASN A 17 5.69 -9.35 -8.86
C ASN A 17 6.39 -9.70 -7.55
N ILE A 18 5.68 -10.40 -6.68
CA ILE A 18 6.23 -10.80 -5.38
C ILE A 18 7.00 -12.12 -5.51
N SER A 19 7.90 -12.35 -4.56
CA SER A 19 8.70 -13.57 -4.55
C SER A 19 8.00 -14.69 -3.79
N PRO A 20 8.22 -15.93 -4.23
CA PRO A 20 7.62 -17.12 -3.62
C PRO A 20 8.19 -17.40 -2.23
N THR A 21 9.27 -16.72 -1.89
CA THR A 21 9.91 -16.89 -0.59
C THR A 21 9.75 -15.65 0.28
N CYS A 22 8.93 -14.72 -0.19
CA CYS A 22 8.68 -13.48 0.54
C CYS A 22 7.87 -13.75 1.80
N THR A 23 8.34 -13.24 2.93
CA THR A 23 7.67 -13.43 4.21
C THR A 23 7.00 -12.14 4.67
N ASN A 24 5.86 -12.28 5.33
CA ASN A 24 5.11 -11.13 5.83
C ASN A 24 6.00 -10.24 6.69
N GLN A 25 6.97 -10.86 7.36
CA GLN A 25 7.90 -10.12 8.22
C GLN A 25 8.85 -9.26 7.39
N GLU A 26 9.22 -9.76 6.22
CA GLU A 26 10.12 -9.04 5.33
C GLU A 26 9.41 -7.85 4.68
N LEU A 27 8.34 -8.15 3.95
CA LEU A 27 7.57 -7.12 3.26
C LEU A 27 7.11 -6.04 4.25
N ARG A 28 6.37 -6.47 5.27
CA ARG A 28 5.87 -5.54 6.28
C ARG A 28 6.99 -4.66 6.82
N ALA A 29 8.02 -5.30 7.36
CA ALA A 29 9.16 -4.58 7.91
C ALA A 29 9.62 -3.47 6.97
N LYS A 30 9.96 -3.84 5.74
CA LYS A 30 10.41 -2.87 4.75
C LYS A 30 9.46 -1.68 4.68
N PHE A 31 8.16 -1.95 4.72
CA PHE A 31 7.15 -0.91 4.66
C PHE A 31 7.08 -0.16 5.99
N GLU A 32 7.40 -0.85 7.08
CA GLU A 32 7.36 -0.25 8.41
C GLU A 32 8.43 0.82 8.54
N GLU A 33 9.47 0.73 7.72
CA GLU A 33 10.56 1.69 7.75
C GLU A 33 10.07 3.09 7.41
N TYR A 34 8.91 3.15 6.75
CA TYR A 34 8.33 4.44 6.36
C TYR A 34 7.29 4.89 7.38
N GLY A 35 6.38 3.99 7.74
CA GLY A 35 5.35 4.32 8.71
C GLY A 35 4.87 3.11 9.49
N PRO A 36 4.06 3.35 10.53
CA PRO A 36 3.52 2.27 11.38
C PRO A 36 2.49 1.43 10.64
N VAL A 37 2.96 0.45 9.88
CA VAL A 37 2.07 -0.43 9.12
C VAL A 37 0.98 -1.01 10.02
N ILE A 38 -0.18 -1.27 9.43
CA ILE A 38 -1.30 -1.83 10.19
C ILE A 38 -1.42 -3.33 9.95
N GLU A 39 -1.63 -3.72 8.70
CA GLU A 39 -1.76 -5.13 8.35
C GLU A 39 -1.23 -5.39 6.94
N CYS A 40 -0.32 -6.33 6.82
CA CYS A 40 0.28 -6.68 5.54
C CYS A 40 -0.08 -8.11 5.14
N ASP A 41 -0.43 -8.30 3.87
CA ASP A 41 -0.79 -9.63 3.37
C ASP A 41 -0.10 -9.90 2.04
N ILE A 42 0.50 -11.07 1.93
CA ILE A 42 1.19 -11.47 0.72
C ILE A 42 0.30 -12.33 -0.19
N VAL A 43 0.55 -12.26 -1.49
CA VAL A 43 -0.23 -13.02 -2.45
C VAL A 43 0.68 -13.74 -3.45
N LYS A 44 0.07 -14.60 -4.28
CA LYS A 44 0.83 -15.34 -5.28
C LYS A 44 1.95 -14.49 -5.87
N ASP A 45 1.57 -13.54 -6.73
CA ASP A 45 2.55 -12.66 -7.35
C ASP A 45 2.29 -11.20 -6.97
N TYR A 46 1.38 -11.00 -6.04
CA TYR A 46 1.03 -9.66 -5.58
C TYR A 46 0.96 -9.60 -4.06
N ALA A 47 0.67 -8.42 -3.52
CA ALA A 47 0.56 -8.22 -2.09
C ALA A 47 -0.23 -6.97 -1.75
N PHE A 48 -0.47 -6.75 -0.46
CA PHE A 48 -1.23 -5.59 -0.02
C PHE A 48 -0.78 -5.15 1.38
N VAL A 49 -0.20 -3.95 1.46
CA VAL A 49 0.28 -3.41 2.72
C VAL A 49 -0.65 -2.32 3.25
N HIS A 50 -1.37 -2.63 4.31
CA HIS A 50 -2.31 -1.68 4.91
C HIS A 50 -1.57 -0.68 5.79
N MET A 51 -1.49 0.56 5.35
CA MET A 51 -0.81 1.61 6.09
C MET A 51 -1.80 2.35 7.00
N GLU A 52 -1.29 3.34 7.75
CA GLU A 52 -2.11 4.12 8.65
C GLU A 52 -2.34 5.52 8.10
N ARG A 53 -1.26 6.27 7.91
CA ARG A 53 -1.33 7.62 7.38
C ARG A 53 -0.94 7.67 5.91
N ALA A 54 -1.46 8.66 5.19
CA ALA A 54 -1.16 8.82 3.78
C ALA A 54 0.29 9.23 3.56
N GLU A 55 0.69 10.30 4.24
CA GLU A 55 2.06 10.81 4.12
C GLU A 55 3.08 9.67 4.21
N ASP A 56 2.72 8.63 4.96
CA ASP A 56 3.59 7.48 5.13
C ASP A 56 3.40 6.48 4.00
N ALA A 57 2.15 6.26 3.61
CA ALA A 57 1.82 5.33 2.54
C ALA A 57 2.44 5.78 1.22
N VAL A 58 2.12 7.01 0.81
CA VAL A 58 2.63 7.56 -0.44
C VAL A 58 4.14 7.38 -0.53
N GLU A 59 4.84 7.71 0.55
CA GLU A 59 6.29 7.58 0.59
C GLU A 59 6.72 6.13 0.36
N ALA A 60 6.15 5.21 1.15
CA ALA A 60 6.48 3.81 1.02
C ALA A 60 6.42 3.35 -0.43
N ILE A 61 5.56 3.99 -1.21
CA ILE A 61 5.42 3.65 -2.62
C ILE A 61 6.51 4.30 -3.46
N ARG A 62 6.53 5.62 -3.48
CA ARG A 62 7.53 6.36 -4.24
C ARG A 62 8.93 5.81 -3.98
N GLY A 63 9.09 5.11 -2.86
CA GLY A 63 10.37 4.54 -2.52
C GLY A 63 10.48 3.07 -2.89
N LEU A 64 9.53 2.27 -2.42
CA LEU A 64 9.52 0.85 -2.70
C LEU A 64 8.99 0.57 -4.11
N ASP A 65 8.64 1.64 -4.82
CA ASP A 65 8.12 1.52 -6.18
C ASP A 65 9.21 1.06 -7.14
N ASN A 66 9.03 -0.12 -7.72
CA ASN A 66 10.00 -0.67 -8.66
C ASN A 66 11.34 -0.92 -7.96
N THR A 67 11.30 -1.63 -6.83
CA THR A 67 12.50 -1.94 -6.07
C THR A 67 12.82 -3.43 -6.13
N GLU A 68 14.03 -3.75 -6.56
CA GLU A 68 14.46 -5.15 -6.66
C GLU A 68 14.35 -5.85 -5.31
N PHE A 69 13.28 -6.63 -5.15
CA PHE A 69 13.05 -7.36 -3.91
C PHE A 69 13.42 -8.84 -4.06
N GLN A 70 14.37 -9.28 -3.25
CA GLN A 70 14.81 -10.67 -3.30
C GLN A 70 15.22 -11.07 -4.72
N GLY A 71 15.67 -10.08 -5.49
CA GLY A 71 16.09 -10.34 -6.85
C GLY A 71 15.07 -9.85 -7.87
N LYS A 72 13.79 -10.04 -7.57
CA LYS A 72 12.72 -9.62 -8.47
C LYS A 72 12.12 -8.30 -8.01
N ARG A 73 12.01 -7.35 -8.93
CA ARG A 73 11.45 -6.03 -8.63
C ARG A 73 9.93 -6.08 -8.60
N MET A 74 9.35 -5.49 -7.55
CA MET A 74 7.89 -5.48 -7.40
C MET A 74 7.35 -4.06 -7.60
N HIS A 75 6.13 -3.97 -8.12
CA HIS A 75 5.49 -2.68 -8.36
C HIS A 75 4.55 -2.33 -7.21
N VAL A 76 4.86 -1.24 -6.51
CA VAL A 76 4.04 -0.79 -5.39
C VAL A 76 3.21 0.43 -5.77
N GLN A 77 1.94 0.42 -5.39
CA GLN A 77 1.04 1.53 -5.69
C GLN A 77 -0.28 1.38 -4.96
N LEU A 78 -1.03 2.48 -4.84
CA LEU A 78 -2.31 2.46 -4.16
C LEU A 78 -3.10 1.19 -4.50
N SER A 79 -4.04 0.84 -3.64
CA SER A 79 -4.85 -0.35 -3.85
C SER A 79 -6.25 0.03 -4.34
N THR A 80 -6.76 1.14 -3.83
CA THR A 80 -8.09 1.62 -4.21
C THR A 80 -8.00 2.89 -5.04
N SER A 81 -7.30 3.89 -4.49
CA SER A 81 -7.13 5.16 -5.19
C SER A 81 -6.19 6.08 -4.41
N ARG A 82 -5.74 7.14 -5.06
CA ARG A 82 -4.83 8.10 -4.44
C ARG A 82 -5.60 9.16 -3.66
N LEU A 83 -4.90 9.88 -2.78
CA LEU A 83 -5.53 10.92 -1.98
C LEU A 83 -4.60 12.12 -1.81
N ARG A 84 -5.17 13.31 -1.74
CA ARG A 84 -4.39 14.53 -1.59
C ARG A 84 -4.20 14.87 -0.11
N THR A 85 -2.98 14.71 0.39
CA THR A 85 -2.68 15.00 1.78
C THR A 85 -3.20 16.37 2.18
N ALA A 86 -4.29 16.39 2.96
CA ALA A 86 -4.88 17.64 3.41
C ALA A 86 -5.10 17.63 4.92
N SER A 87 -4.04 17.90 5.67
CA SER A 87 -4.12 17.92 7.13
C SER A 87 -3.34 19.09 7.71
N GLY A 88 -3.96 19.82 8.62
CA GLY A 88 -3.31 20.95 9.24
C GLY A 88 -3.97 21.37 10.54
N PRO A 89 -3.96 20.47 11.52
CA PRO A 89 -4.55 20.71 12.84
C PRO A 89 -3.76 21.73 13.64
N SER A 90 -2.65 22.20 13.08
CA SER A 90 -1.81 23.18 13.75
C SER A 90 -2.06 24.58 13.20
N SER A 91 -2.78 25.39 13.97
CA SER A 91 -3.09 26.76 13.56
C SER A 91 -1.87 27.45 12.99
N GLY A 92 -2.07 28.62 12.40
CA GLY A 92 -0.97 29.37 11.83
C GLY A 92 -0.37 28.68 10.62
N GLY A 1 -24.54 12.88 -1.62
CA GLY A 1 -23.29 13.50 -1.23
C GLY A 1 -22.94 13.23 0.22
N SER A 2 -21.89 13.89 0.71
CA SER A 2 -21.45 13.70 2.08
C SER A 2 -22.32 14.51 3.05
N SER A 3 -22.18 14.23 4.34
CA SER A 3 -22.96 14.91 5.36
C SER A 3 -22.04 15.53 6.41
N GLY A 4 -21.25 14.69 7.07
CA GLY A 4 -20.34 15.17 8.09
C GLY A 4 -20.04 14.11 9.13
N SER A 5 -19.31 13.06 8.73
CA SER A 5 -18.95 11.99 9.64
C SER A 5 -17.60 11.39 9.27
N SER A 6 -16.73 11.25 10.26
CA SER A 6 -15.40 10.70 10.04
C SER A 6 -15.46 9.47 9.15
N GLY A 7 -14.70 9.51 8.05
CA GLY A 7 -14.68 8.40 7.13
C GLY A 7 -13.52 7.45 7.38
N LYS A 8 -12.78 7.12 6.33
CA LYS A 8 -11.65 6.22 6.44
C LYS A 8 -10.40 6.97 6.89
N ALA A 9 -9.67 6.40 7.85
CA ALA A 9 -8.45 7.02 8.36
C ALA A 9 -7.25 6.10 8.19
N SER A 10 -7.24 5.36 7.08
CA SER A 10 -6.15 4.43 6.79
C SER A 10 -5.76 4.50 5.31
N THR A 11 -4.74 3.74 4.95
CA THR A 11 -4.26 3.70 3.57
C THR A 11 -3.95 2.28 3.13
N LYS A 12 -3.88 2.08 1.81
CA LYS A 12 -3.60 0.76 1.25
C LYS A 12 -2.56 0.86 0.13
N LEU A 13 -1.69 -0.14 0.06
CA LEU A 13 -0.66 -0.17 -0.96
C LEU A 13 -0.53 -1.56 -1.56
N HIS A 14 -0.92 -1.69 -2.83
CA HIS A 14 -0.85 -2.97 -3.53
C HIS A 14 0.54 -3.19 -4.10
N VAL A 15 0.99 -4.44 -4.08
CA VAL A 15 2.30 -4.80 -4.60
C VAL A 15 2.22 -5.95 -5.60
N GLY A 16 3.03 -5.88 -6.64
CA GLY A 16 3.03 -6.92 -7.66
C GLY A 16 4.41 -7.52 -7.88
N ASN A 17 4.45 -8.66 -8.57
CA ASN A 17 5.72 -9.32 -8.85
C ASN A 17 6.45 -9.67 -7.56
N ILE A 18 5.77 -10.39 -6.68
CA ILE A 18 6.34 -10.79 -5.41
C ILE A 18 7.13 -12.10 -5.54
N SER A 19 7.89 -12.45 -4.50
CA SER A 19 8.69 -13.66 -4.51
C SER A 19 7.95 -14.79 -3.79
N PRO A 20 8.29 -16.04 -4.17
CA PRO A 20 7.68 -17.23 -3.58
C PRO A 20 8.11 -17.44 -2.13
N THR A 21 9.33 -17.00 -1.81
CA THR A 21 9.86 -17.15 -0.47
C THR A 21 9.56 -15.92 0.39
N CYS A 22 8.99 -14.89 -0.24
CA CYS A 22 8.64 -13.66 0.45
C CYS A 22 7.93 -13.96 1.76
N THR A 23 8.28 -13.22 2.81
CA THR A 23 7.68 -13.41 4.12
C THR A 23 7.03 -12.11 4.62
N ASN A 24 5.84 -12.24 5.19
CA ASN A 24 5.11 -11.08 5.71
C ASN A 24 6.03 -10.19 6.53
N GLN A 25 7.04 -10.79 7.15
CA GLN A 25 8.00 -10.05 7.97
C GLN A 25 8.93 -9.22 7.09
N GLU A 26 9.31 -9.77 5.93
CA GLU A 26 10.20 -9.08 5.02
C GLU A 26 9.49 -7.89 4.37
N LEU A 27 8.31 -8.14 3.82
CA LEU A 27 7.54 -7.10 3.16
C LEU A 27 7.11 -6.03 4.16
N ARG A 28 6.39 -6.44 5.19
CA ARG A 28 5.92 -5.51 6.22
C ARG A 28 7.08 -4.68 6.76
N ALA A 29 8.05 -5.36 7.37
CA ALA A 29 9.21 -4.69 7.93
C ALA A 29 9.70 -3.57 7.02
N LYS A 30 9.86 -3.89 5.74
CA LYS A 30 10.32 -2.91 4.76
C LYS A 30 9.39 -1.71 4.72
N PHE A 31 8.09 -1.97 4.66
CA PHE A 31 7.09 -0.91 4.62
C PHE A 31 7.03 -0.17 5.94
N GLU A 32 7.42 -0.84 7.01
CA GLU A 32 7.41 -0.26 8.35
C GLU A 32 8.47 0.82 8.48
N GLU A 33 9.40 0.85 7.52
CA GLU A 33 10.47 1.84 7.53
C GLU A 33 9.94 3.23 7.18
N TYR A 34 8.77 3.27 6.55
CA TYR A 34 8.14 4.52 6.17
C TYR A 34 7.09 4.96 7.19
N GLY A 35 6.29 4.00 7.64
CA GLY A 35 5.25 4.30 8.61
C GLY A 35 4.80 3.06 9.37
N PRO A 36 4.02 3.27 10.43
CA PRO A 36 3.51 2.19 11.27
C PRO A 36 2.47 1.34 10.54
N VAL A 37 2.94 0.30 9.84
CA VAL A 37 2.06 -0.59 9.11
C VAL A 37 0.96 -1.15 10.01
N ILE A 38 -0.21 -1.38 9.44
CA ILE A 38 -1.34 -1.92 10.18
C ILE A 38 -1.49 -3.42 9.95
N GLU A 39 -1.69 -3.79 8.69
CA GLU A 39 -1.86 -5.19 8.33
C GLU A 39 -1.31 -5.47 6.92
N CYS A 40 -0.39 -6.42 6.82
CA CYS A 40 0.21 -6.77 5.55
C CYS A 40 -0.14 -8.20 5.15
N ASP A 41 -0.45 -8.39 3.87
CA ASP A 41 -0.81 -9.71 3.36
C ASP A 41 -0.10 -10.00 2.05
N ILE A 42 0.53 -11.16 1.96
CA ILE A 42 1.25 -11.56 0.76
C ILE A 42 0.37 -12.42 -0.15
N VAL A 43 0.63 -12.34 -1.46
CA VAL A 43 -0.14 -13.12 -2.43
C VAL A 43 0.79 -13.82 -3.42
N LYS A 44 0.20 -14.66 -4.27
CA LYS A 44 0.97 -15.40 -5.26
C LYS A 44 2.10 -14.55 -5.82
N ASP A 45 1.74 -13.54 -6.62
CA ASP A 45 2.73 -12.65 -7.21
C ASP A 45 2.44 -11.19 -6.85
N TYR A 46 1.54 -11.00 -5.89
CA TYR A 46 1.17 -9.66 -5.45
C TYR A 46 1.04 -9.60 -3.93
N ALA A 47 0.67 -8.43 -3.42
CA ALA A 47 0.51 -8.25 -1.99
C ALA A 47 -0.29 -6.98 -1.68
N PHE A 48 -0.55 -6.74 -0.40
CA PHE A 48 -1.31 -5.57 0.03
C PHE A 48 -0.87 -5.11 1.42
N VAL A 49 -0.29 -3.92 1.48
CA VAL A 49 0.17 -3.36 2.75
C VAL A 49 -0.76 -2.25 3.24
N HIS A 50 -1.46 -2.50 4.34
CA HIS A 50 -2.37 -1.51 4.90
C HIS A 50 -1.62 -0.53 5.78
N MET A 51 -1.51 0.72 5.30
CA MET A 51 -0.81 1.76 6.04
C MET A 51 -1.79 2.54 6.91
N GLU A 52 -1.25 3.33 7.84
CA GLU A 52 -2.08 4.13 8.73
C GLU A 52 -2.29 5.53 8.17
N ARG A 53 -1.20 6.27 8.02
CA ARG A 53 -1.27 7.63 7.48
C ARG A 53 -0.88 7.65 6.01
N ALA A 54 -1.50 8.57 5.26
CA ALA A 54 -1.22 8.70 3.83
C ALA A 54 0.21 9.17 3.59
N GLU A 55 0.61 10.22 4.31
CA GLU A 55 1.96 10.76 4.17
C GLU A 55 3.01 9.66 4.18
N ASP A 56 2.79 8.66 5.03
CA ASP A 56 3.72 7.53 5.13
C ASP A 56 3.52 6.56 3.98
N ALA A 57 2.27 6.29 3.65
CA ALA A 57 1.94 5.37 2.56
C ALA A 57 2.53 5.87 1.24
N VAL A 58 2.12 7.07 0.84
CA VAL A 58 2.59 7.67 -0.40
C VAL A 58 4.11 7.53 -0.54
N GLU A 59 4.82 7.74 0.56
CA GLU A 59 6.27 7.63 0.57
C GLU A 59 6.71 6.18 0.40
N ALA A 60 6.11 5.29 1.18
CA ALA A 60 6.43 3.88 1.11
C ALA A 60 6.34 3.35 -0.32
N ILE A 61 5.59 4.05 -1.15
CA ILE A 61 5.41 3.67 -2.54
C ILE A 61 6.52 4.24 -3.42
N ARG A 62 6.56 5.57 -3.52
CA ARG A 62 7.57 6.24 -4.32
C ARG A 62 8.96 5.71 -4.00
N GLY A 63 9.08 5.06 -2.87
CA GLY A 63 10.37 4.51 -2.46
C GLY A 63 10.49 3.03 -2.76
N LEU A 64 9.45 2.27 -2.42
CA LEU A 64 9.44 0.83 -2.65
C LEU A 64 8.96 0.51 -4.06
N ASP A 65 8.63 1.55 -4.82
CA ASP A 65 8.16 1.38 -6.19
C ASP A 65 9.33 1.10 -7.13
N ASN A 66 9.33 -0.07 -7.75
CA ASN A 66 10.38 -0.46 -8.67
C ASN A 66 11.67 -0.77 -7.92
N THR A 67 11.53 -1.51 -6.81
CA THR A 67 12.69 -1.89 -6.01
C THR A 67 12.93 -3.39 -6.05
N GLU A 68 14.10 -3.78 -6.52
CA GLU A 68 14.45 -5.19 -6.62
C GLU A 68 14.25 -5.90 -5.28
N PHE A 69 13.16 -6.65 -5.17
CA PHE A 69 12.84 -7.37 -3.95
C PHE A 69 13.27 -8.83 -4.05
N GLN A 70 14.20 -9.23 -3.18
CA GLN A 70 14.69 -10.60 -3.18
C GLN A 70 15.14 -11.03 -4.57
N GLY A 71 15.54 -10.05 -5.38
CA GLY A 71 15.98 -10.34 -6.74
C GLY A 71 15.00 -9.85 -7.78
N LYS A 72 13.71 -10.02 -7.51
CA LYS A 72 12.66 -9.60 -8.43
C LYS A 72 12.04 -8.28 -7.99
N ARG A 73 11.90 -7.35 -8.93
CA ARG A 73 11.33 -6.04 -8.64
C ARG A 73 9.81 -6.13 -8.55
N MET A 74 9.23 -5.41 -7.59
CA MET A 74 7.78 -5.40 -7.41
C MET A 74 7.22 -4.00 -7.65
N HIS A 75 5.97 -3.94 -8.10
CA HIS A 75 5.31 -2.67 -8.37
C HIS A 75 4.40 -2.28 -7.21
N VAL A 76 4.75 -1.20 -6.53
CA VAL A 76 3.97 -0.72 -5.40
C VAL A 76 3.13 0.50 -5.79
N GLN A 77 1.85 0.46 -5.43
CA GLN A 77 0.94 1.56 -5.75
C GLN A 77 -0.32 1.49 -4.88
N LEU A 78 -1.13 2.54 -4.94
CA LEU A 78 -2.36 2.59 -4.16
C LEU A 78 -3.30 1.46 -4.55
N SER A 79 -3.63 0.62 -3.58
CA SER A 79 -4.52 -0.51 -3.82
C SER A 79 -5.84 -0.05 -4.44
N THR A 80 -6.34 1.08 -3.96
CA THR A 80 -7.59 1.64 -4.46
C THR A 80 -7.38 3.03 -5.05
N SER A 81 -6.98 3.07 -6.32
CA SER A 81 -6.73 4.34 -7.00
C SER A 81 -8.06 5.02 -7.36
N ARG A 82 -7.96 6.16 -8.03
CA ARG A 82 -9.14 6.91 -8.43
C ARG A 82 -10.18 6.92 -7.33
N LEU A 83 -9.75 7.23 -6.11
CA LEU A 83 -10.64 7.27 -4.96
C LEU A 83 -11.08 8.70 -4.66
N ARG A 84 -10.12 9.63 -4.68
CA ARG A 84 -10.40 11.03 -4.42
C ARG A 84 -10.09 11.89 -5.64
N THR A 85 -11.13 12.20 -6.42
CA THR A 85 -10.97 13.01 -7.61
C THR A 85 -11.44 14.44 -7.38
N ALA A 86 -12.58 14.58 -6.71
CA ALA A 86 -13.14 15.89 -6.42
C ALA A 86 -12.38 16.56 -5.28
N SER A 87 -11.61 17.60 -5.62
CA SER A 87 -10.83 18.33 -4.63
C SER A 87 -11.73 18.87 -3.53
N GLY A 88 -11.30 18.68 -2.27
CA GLY A 88 -12.07 19.15 -1.15
C GLY A 88 -12.36 20.64 -1.22
N PRO A 89 -13.53 21.05 -0.73
CA PRO A 89 -13.96 22.45 -0.73
C PRO A 89 -13.14 23.29 0.25
N SER A 90 -13.14 24.61 0.02
CA SER A 90 -12.40 25.53 0.88
C SER A 90 -12.78 25.33 2.34
N SER A 91 -14.07 25.18 2.60
CA SER A 91 -14.57 24.99 3.96
C SER A 91 -15.18 23.60 4.12
N GLY A 92 -16.12 23.27 3.25
CA GLY A 92 -16.77 21.97 3.30
C GLY A 92 -17.88 21.93 4.32
N GLY A 1 -12.00 -8.72 4.59
CA GLY A 1 -13.23 -8.40 3.87
C GLY A 1 -13.59 -6.93 4.00
N SER A 2 -12.76 -6.07 3.44
CA SER A 2 -13.00 -4.63 3.49
C SER A 2 -13.11 -4.04 2.08
N SER A 3 -13.95 -3.04 1.93
CA SER A 3 -14.15 -2.39 0.64
C SER A 3 -13.80 -0.91 0.71
N GLY A 4 -14.39 -0.22 1.68
CA GLY A 4 -14.13 1.21 1.83
C GLY A 4 -15.05 2.07 1.00
N SER A 5 -16.19 2.45 1.57
CA SER A 5 -17.16 3.28 0.86
C SER A 5 -17.43 4.57 1.63
N SER A 6 -17.00 4.60 2.88
CA SER A 6 -17.21 5.77 3.73
C SER A 6 -15.98 6.67 3.73
N GLY A 7 -14.83 6.07 4.05
CA GLY A 7 -13.59 6.83 4.08
C GLY A 7 -12.75 6.50 5.30
N LYS A 8 -12.75 5.24 5.70
CA LYS A 8 -11.98 4.80 6.86
C LYS A 8 -10.62 5.47 6.90
N ALA A 9 -10.19 5.87 8.09
CA ALA A 9 -8.90 6.53 8.26
C ALA A 9 -7.75 5.54 8.12
N SER A 10 -7.35 5.27 6.89
CA SER A 10 -6.25 4.34 6.63
C SER A 10 -5.84 4.37 5.16
N THR A 11 -4.80 3.63 4.83
CA THR A 11 -4.31 3.58 3.45
C THR A 11 -3.96 2.15 3.05
N LYS A 12 -4.04 1.88 1.74
CA LYS A 12 -3.72 0.54 1.22
C LYS A 12 -2.74 0.63 0.07
N LEU A 13 -1.71 -0.20 0.11
CA LEU A 13 -0.69 -0.21 -0.94
C LEU A 13 -0.63 -1.59 -1.60
N HIS A 14 -0.85 -1.61 -2.91
CA HIS A 14 -0.81 -2.87 -3.66
C HIS A 14 0.57 -3.11 -4.24
N VAL A 15 1.02 -4.36 -4.20
CA VAL A 15 2.33 -4.73 -4.72
C VAL A 15 2.23 -5.87 -5.72
N GLY A 16 3.05 -5.80 -6.77
CA GLY A 16 3.04 -6.83 -7.78
C GLY A 16 4.40 -7.45 -8.02
N ASN A 17 4.43 -8.65 -8.58
CA ASN A 17 5.68 -9.34 -8.85
C ASN A 17 6.39 -9.71 -7.55
N ILE A 18 5.68 -10.40 -6.68
CA ILE A 18 6.24 -10.83 -5.40
C ILE A 18 7.01 -12.13 -5.54
N SER A 19 7.82 -12.44 -4.53
CA SER A 19 8.62 -13.67 -4.54
C SER A 19 7.93 -14.77 -3.74
N PRO A 20 8.21 -16.03 -4.12
CA PRO A 20 7.63 -17.20 -3.45
C PRO A 20 8.17 -17.39 -2.04
N THR A 21 9.40 -16.94 -1.81
CA THR A 21 10.03 -17.05 -0.50
C THR A 21 9.75 -15.82 0.35
N CYS A 22 9.14 -14.81 -0.25
CA CYS A 22 8.82 -13.58 0.46
C CYS A 22 8.07 -13.89 1.77
N THR A 23 8.52 -13.25 2.84
CA THR A 23 7.89 -13.45 4.16
C THR A 23 7.22 -12.18 4.65
N ASN A 24 6.03 -12.32 5.21
CA ASN A 24 5.29 -11.17 5.73
C ASN A 24 6.20 -10.26 6.54
N GLN A 25 7.20 -10.85 7.18
CA GLN A 25 8.13 -10.08 8.00
C GLN A 25 9.03 -9.21 7.12
N GLU A 26 9.41 -9.74 5.95
CA GLU A 26 10.26 -9.02 5.02
C GLU A 26 9.52 -7.84 4.40
N LEU A 27 8.33 -8.10 3.89
CA LEU A 27 7.52 -7.06 3.27
C LEU A 27 7.09 -6.02 4.29
N ARG A 28 6.32 -6.46 5.29
CA ARG A 28 5.84 -5.56 6.33
C ARG A 28 6.99 -4.74 6.91
N ALA A 29 8.09 -5.40 7.23
CA ALA A 29 9.26 -4.74 7.79
C ALA A 29 9.74 -3.63 6.87
N LYS A 30 9.94 -3.94 5.60
CA LYS A 30 10.39 -2.97 4.62
C LYS A 30 9.47 -1.75 4.59
N PHE A 31 8.16 -2.01 4.63
CA PHE A 31 7.18 -0.94 4.61
C PHE A 31 7.16 -0.19 5.94
N GLU A 32 7.41 -0.90 7.03
CA GLU A 32 7.42 -0.32 8.36
C GLU A 32 8.49 0.77 8.46
N GLU A 33 9.44 0.75 7.52
CA GLU A 33 10.52 1.72 7.51
C GLU A 33 9.98 3.12 7.22
N TYR A 34 8.85 3.19 6.52
CA TYR A 34 8.24 4.46 6.18
C TYR A 34 7.22 4.88 7.24
N GLY A 35 6.33 3.96 7.59
CA GLY A 35 5.32 4.25 8.58
C GLY A 35 4.87 3.01 9.33
N PRO A 36 4.14 3.22 10.44
CA PRO A 36 3.63 2.12 11.27
C PRO A 36 2.54 1.31 10.58
N VAL A 37 2.95 0.27 9.85
CA VAL A 37 2.00 -0.57 9.14
C VAL A 37 0.91 -1.09 10.06
N ILE A 38 -0.27 -1.32 9.51
CA ILE A 38 -1.40 -1.82 10.30
C ILE A 38 -1.61 -3.31 10.07
N GLU A 39 -1.56 -3.73 8.80
CA GLU A 39 -1.75 -5.13 8.46
C GLU A 39 -1.28 -5.40 7.03
N CYS A 40 -0.29 -6.28 6.90
CA CYS A 40 0.25 -6.62 5.59
C CYS A 40 -0.12 -8.05 5.21
N ASP A 41 -0.30 -8.28 3.92
CA ASP A 41 -0.65 -9.61 3.41
C ASP A 41 0.00 -9.88 2.07
N ILE A 42 0.62 -11.05 1.94
CA ILE A 42 1.28 -11.44 0.71
C ILE A 42 0.37 -12.29 -0.17
N VAL A 43 0.59 -12.22 -1.48
CA VAL A 43 -0.21 -12.99 -2.43
C VAL A 43 0.68 -13.70 -3.45
N LYS A 44 0.05 -14.55 -4.27
CA LYS A 44 0.79 -15.29 -5.29
C LYS A 44 1.91 -14.45 -5.87
N ASP A 45 1.55 -13.49 -6.72
CA ASP A 45 2.53 -12.61 -7.34
C ASP A 45 2.28 -11.15 -6.97
N TYR A 46 1.36 -10.94 -6.02
CA TYR A 46 1.03 -9.60 -5.57
C TYR A 46 0.98 -9.53 -4.04
N ALA A 47 0.68 -8.35 -3.52
CA ALA A 47 0.58 -8.15 -2.07
C ALA A 47 -0.21 -6.90 -1.74
N PHE A 48 -0.45 -6.68 -0.45
CA PHE A 48 -1.20 -5.51 0.00
C PHE A 48 -0.76 -5.08 1.40
N VAL A 49 -0.18 -3.89 1.47
CA VAL A 49 0.29 -3.36 2.75
C VAL A 49 -0.64 -2.28 3.28
N HIS A 50 -1.35 -2.60 4.36
CA HIS A 50 -2.29 -1.66 4.97
C HIS A 50 -1.54 -0.63 5.82
N MET A 51 -1.50 0.60 5.33
CA MET A 51 -0.82 1.68 6.05
C MET A 51 -1.81 2.47 6.91
N GLU A 52 -1.29 3.21 7.87
CA GLU A 52 -2.12 4.01 8.75
C GLU A 52 -2.41 5.37 8.14
N ARG A 53 -1.36 6.18 7.97
CA ARG A 53 -1.50 7.51 7.39
C ARG A 53 -1.12 7.50 5.92
N ALA A 54 -1.50 8.56 5.21
CA ALA A 54 -1.19 8.68 3.79
C ALA A 54 0.26 9.08 3.56
N GLU A 55 0.67 10.16 4.21
CA GLU A 55 2.04 10.66 4.08
C GLU A 55 3.04 9.50 4.16
N ASP A 56 2.73 8.53 5.01
CA ASP A 56 3.61 7.37 5.19
C ASP A 56 3.44 6.39 4.03
N ALA A 57 2.18 6.18 3.62
CA ALA A 57 1.89 5.27 2.52
C ALA A 57 2.45 5.78 1.21
N VAL A 58 2.02 6.97 0.80
CA VAL A 58 2.50 7.57 -0.44
C VAL A 58 4.01 7.46 -0.57
N GLU A 59 4.71 7.69 0.54
CA GLU A 59 6.17 7.61 0.56
C GLU A 59 6.63 6.18 0.34
N ALA A 60 6.09 5.25 1.13
CA ALA A 60 6.46 3.85 1.01
C ALA A 60 6.41 3.38 -0.43
N ILE A 61 5.59 4.05 -1.24
CA ILE A 61 5.46 3.69 -2.65
C ILE A 61 6.57 4.32 -3.49
N ARG A 62 6.59 5.65 -3.52
CA ARG A 62 7.61 6.38 -4.28
C ARG A 62 9.00 5.84 -3.97
N GLY A 63 9.13 5.16 -2.84
CA GLY A 63 10.41 4.61 -2.44
C GLY A 63 10.54 3.15 -2.77
N LEU A 64 9.52 2.37 -2.43
CA LEU A 64 9.51 0.93 -2.69
C LEU A 64 8.99 0.64 -4.10
N ASP A 65 8.68 1.69 -4.85
CA ASP A 65 8.17 1.55 -6.20
C ASP A 65 9.28 1.12 -7.15
N ASN A 66 9.10 -0.03 -7.80
CA ASN A 66 10.09 -0.55 -8.74
C ASN A 66 11.41 -0.83 -8.04
N THR A 67 11.34 -1.54 -6.91
CA THR A 67 12.54 -1.88 -6.14
C THR A 67 12.78 -3.38 -6.14
N GLU A 68 14.03 -3.78 -6.35
CA GLU A 68 14.40 -5.19 -6.37
C GLU A 68 14.12 -5.84 -5.02
N PHE A 69 13.09 -6.69 -4.97
CA PHE A 69 12.72 -7.38 -3.75
C PHE A 69 13.07 -8.86 -3.82
N GLN A 70 13.99 -9.29 -2.97
CA GLN A 70 14.41 -10.69 -2.94
C GLN A 70 14.89 -11.14 -4.32
N GLY A 71 15.37 -10.18 -5.11
CA GLY A 71 15.84 -10.50 -6.45
C GLY A 71 14.93 -9.99 -7.54
N LYS A 72 13.62 -10.11 -7.30
CA LYS A 72 12.63 -9.66 -8.27
C LYS A 72 12.04 -8.32 -7.86
N ARG A 73 11.94 -7.39 -8.81
CA ARG A 73 11.40 -6.07 -8.54
C ARG A 73 9.87 -6.10 -8.54
N MET A 74 9.27 -5.46 -7.54
CA MET A 74 7.82 -5.41 -7.43
C MET A 74 7.30 -3.99 -7.62
N HIS A 75 6.09 -3.87 -8.15
CA HIS A 75 5.48 -2.57 -8.38
C HIS A 75 4.52 -2.21 -7.25
N VAL A 76 4.84 -1.13 -6.54
CA VAL A 76 4.01 -0.68 -5.42
C VAL A 76 3.19 0.56 -5.81
N GLN A 77 1.91 0.55 -5.46
CA GLN A 77 1.03 1.66 -5.78
C GLN A 77 -0.23 1.63 -4.90
N LEU A 78 -1.12 2.58 -5.12
CA LEU A 78 -2.36 2.66 -4.35
C LEU A 78 -3.32 1.54 -4.77
N SER A 79 -3.93 0.90 -3.78
CA SER A 79 -4.87 -0.19 -4.03
C SER A 79 -6.21 0.36 -4.53
N THR A 80 -6.83 1.21 -3.72
CA THR A 80 -8.11 1.80 -4.07
C THR A 80 -7.93 2.98 -5.02
N SER A 81 -8.80 3.07 -6.02
CA SER A 81 -8.73 4.15 -7.00
C SER A 81 -9.86 5.17 -6.76
N ARG A 82 -9.64 6.08 -5.82
CA ARG A 82 -10.62 7.10 -5.50
C ARG A 82 -10.65 8.18 -6.58
N LEU A 83 -11.54 8.02 -7.56
CA LEU A 83 -11.67 8.99 -8.64
C LEU A 83 -12.83 9.93 -8.39
N ARG A 84 -12.52 11.21 -8.23
CA ARG A 84 -13.54 12.23 -7.98
C ARG A 84 -13.10 13.58 -8.55
N THR A 85 -14.05 14.29 -9.14
CA THR A 85 -13.77 15.60 -9.73
C THR A 85 -13.94 16.71 -8.70
N ALA A 86 -12.97 17.62 -8.64
CA ALA A 86 -13.02 18.73 -7.70
C ALA A 86 -13.08 20.06 -8.44
N SER A 87 -13.93 20.96 -7.97
CA SER A 87 -14.09 22.27 -8.58
C SER A 87 -13.42 23.34 -7.73
N GLY A 88 -13.23 24.53 -8.32
CA GLY A 88 -12.60 25.63 -7.61
C GLY A 88 -13.42 26.90 -7.67
N PRO A 89 -13.39 27.68 -6.57
CA PRO A 89 -14.12 28.94 -6.48
C PRO A 89 -13.55 30.02 -7.39
N SER A 90 -12.50 29.67 -8.13
CA SER A 90 -11.85 30.61 -9.04
C SER A 90 -11.26 31.79 -8.27
N SER A 91 -10.66 31.50 -7.12
CA SER A 91 -10.06 32.53 -6.29
C SER A 91 -8.65 32.85 -6.76
N GLY A 92 -8.45 34.07 -7.26
CA GLY A 92 -7.15 34.49 -7.74
C GLY A 92 -7.02 35.98 -7.86
N GLY A 1 -22.92 2.12 -4.35
CA GLY A 1 -22.15 3.05 -3.54
C GLY A 1 -20.81 3.40 -4.16
N SER A 2 -20.44 4.67 -4.09
CA SER A 2 -19.17 5.12 -4.64
C SER A 2 -18.69 6.39 -3.94
N SER A 3 -17.55 6.28 -3.25
CA SER A 3 -16.98 7.40 -2.52
C SER A 3 -18.08 8.23 -1.87
N GLY A 4 -19.05 7.55 -1.28
CA GLY A 4 -20.15 8.24 -0.62
C GLY A 4 -20.05 8.17 0.89
N SER A 5 -19.29 9.09 1.47
CA SER A 5 -19.11 9.13 2.92
C SER A 5 -18.62 7.77 3.44
N SER A 6 -17.69 7.17 2.72
CA SER A 6 -17.13 5.87 3.10
C SER A 6 -16.23 6.01 4.32
N GLY A 7 -15.23 6.88 4.22
CA GLY A 7 -14.31 7.09 5.32
C GLY A 7 -13.11 6.18 5.25
N LYS A 8 -12.39 6.24 4.13
CA LYS A 8 -11.20 5.41 3.94
C LYS A 8 -9.97 6.06 4.56
N ALA A 9 -10.12 6.52 5.80
CA ALA A 9 -9.02 7.17 6.51
C ALA A 9 -7.71 6.43 6.26
N SER A 10 -7.66 5.17 6.66
CA SER A 10 -6.46 4.36 6.50
C SER A 10 -5.97 4.40 5.05
N THR A 11 -4.90 3.68 4.77
CA THR A 11 -4.32 3.63 3.42
C THR A 11 -3.92 2.22 3.05
N LYS A 12 -3.91 1.93 1.74
CA LYS A 12 -3.54 0.62 1.24
C LYS A 12 -2.48 0.72 0.16
N LEU A 13 -1.61 -0.28 0.08
CA LEU A 13 -0.55 -0.29 -0.91
C LEU A 13 -0.46 -1.65 -1.58
N HIS A 14 -0.85 -1.71 -2.85
CA HIS A 14 -0.81 -2.95 -3.62
C HIS A 14 0.57 -3.18 -4.21
N VAL A 15 1.04 -4.43 -4.15
CA VAL A 15 2.34 -4.78 -4.68
C VAL A 15 2.24 -5.90 -5.71
N GLY A 16 3.11 -5.86 -6.71
CA GLY A 16 3.10 -6.88 -7.75
C GLY A 16 4.46 -7.50 -7.97
N ASN A 17 4.48 -8.66 -8.62
CA ASN A 17 5.74 -9.35 -8.90
C ASN A 17 6.46 -9.69 -7.60
N ILE A 18 5.75 -10.35 -6.69
CA ILE A 18 6.33 -10.74 -5.41
C ILE A 18 7.12 -12.03 -5.53
N SER A 19 8.03 -12.26 -4.58
CA SER A 19 8.86 -13.45 -4.59
C SER A 19 8.17 -14.60 -3.86
N PRO A 20 8.41 -15.83 -4.32
CA PRO A 20 7.82 -17.04 -3.72
C PRO A 20 8.40 -17.34 -2.35
N THR A 21 9.44 -16.60 -1.97
CA THR A 21 10.08 -16.80 -0.67
C THR A 21 9.86 -15.60 0.24
N CYS A 22 9.12 -14.61 -0.27
CA CYS A 22 8.82 -13.40 0.50
C CYS A 22 8.06 -13.74 1.77
N THR A 23 8.44 -13.12 2.88
CA THR A 23 7.79 -13.35 4.16
C THR A 23 7.14 -12.08 4.68
N ASN A 24 5.90 -12.22 5.16
CA ASN A 24 5.16 -11.09 5.69
C ASN A 24 6.05 -10.21 6.57
N GLN A 25 6.96 -10.85 7.30
CA GLN A 25 7.87 -10.13 8.18
C GLN A 25 8.81 -9.24 7.37
N GLU A 26 9.26 -9.75 6.23
CA GLU A 26 10.17 -8.99 5.37
C GLU A 26 9.46 -7.82 4.72
N LEU A 27 8.42 -8.13 3.94
CA LEU A 27 7.65 -7.09 3.25
C LEU A 27 7.21 -6.01 4.22
N ARG A 28 6.44 -6.40 5.23
CA ARG A 28 5.95 -5.46 6.23
C ARG A 28 7.06 -4.55 6.71
N ALA A 29 8.06 -5.13 7.36
CA ALA A 29 9.20 -4.37 7.87
C ALA A 29 9.62 -3.29 6.89
N LYS A 30 9.93 -3.70 5.66
CA LYS A 30 10.35 -2.76 4.63
C LYS A 30 9.34 -1.61 4.49
N PHE A 31 8.07 -1.92 4.65
CA PHE A 31 7.01 -0.93 4.56
C PHE A 31 6.83 -0.19 5.89
N GLU A 32 7.28 -0.82 6.97
CA GLU A 32 7.17 -0.22 8.30
C GLU A 32 8.21 0.89 8.48
N GLU A 33 9.26 0.85 7.67
CA GLU A 33 10.32 1.84 7.75
C GLU A 33 9.77 3.24 7.50
N TYR A 34 8.74 3.32 6.65
CA TYR A 34 8.14 4.61 6.33
C TYR A 34 7.16 5.04 7.42
N GLY A 35 6.31 4.12 7.84
CA GLY A 35 5.35 4.42 8.88
C GLY A 35 4.85 3.18 9.61
N PRO A 36 4.05 3.39 10.66
CA PRO A 36 3.50 2.29 11.45
C PRO A 36 2.46 1.47 10.69
N VAL A 37 2.91 0.41 10.02
CA VAL A 37 2.01 -0.44 9.25
C VAL A 37 0.86 -0.95 10.11
N ILE A 38 -0.27 -1.25 9.48
CA ILE A 38 -1.43 -1.75 10.19
C ILE A 38 -1.61 -3.26 9.96
N GLU A 39 -1.63 -3.67 8.70
CA GLU A 39 -1.78 -5.07 8.35
C GLU A 39 -1.23 -5.35 6.95
N CYS A 40 -0.27 -6.27 6.88
CA CYS A 40 0.35 -6.64 5.61
C CYS A 40 -0.06 -8.05 5.19
N ASP A 41 -0.35 -8.21 3.91
CA ASP A 41 -0.76 -9.51 3.38
C ASP A 41 -0.05 -9.81 2.06
N ILE A 42 0.51 -11.00 1.96
CA ILE A 42 1.22 -11.40 0.74
C ILE A 42 0.33 -12.26 -0.15
N VAL A 43 0.60 -12.22 -1.45
CA VAL A 43 -0.18 -13.00 -2.42
C VAL A 43 0.74 -13.71 -3.42
N LYS A 44 0.15 -14.56 -4.25
CA LYS A 44 0.92 -15.29 -5.26
C LYS A 44 2.05 -14.44 -5.82
N ASP A 45 1.69 -13.48 -6.68
CA ASP A 45 2.67 -12.60 -7.29
C ASP A 45 2.39 -11.14 -6.92
N TYR A 46 1.50 -10.94 -5.96
CA TYR A 46 1.14 -9.60 -5.52
C TYR A 46 1.05 -9.54 -3.99
N ALA A 47 0.74 -8.36 -3.47
CA ALA A 47 0.63 -8.16 -2.04
C ALA A 47 -0.19 -6.92 -1.71
N PHE A 48 -0.43 -6.70 -0.43
CA PHE A 48 -1.21 -5.54 0.01
C PHE A 48 -0.78 -5.09 1.41
N VAL A 49 -0.19 -3.90 1.49
CA VAL A 49 0.27 -3.36 2.75
C VAL A 49 -0.66 -2.28 3.26
N HIS A 50 -1.39 -2.58 4.33
CA HIS A 50 -2.33 -1.63 4.92
C HIS A 50 -1.60 -0.62 5.80
N MET A 51 -1.56 0.63 5.35
CA MET A 51 -0.89 1.70 6.09
C MET A 51 -1.88 2.47 6.96
N GLU A 52 -1.37 3.20 7.93
CA GLU A 52 -2.22 3.99 8.82
C GLU A 52 -2.34 5.44 8.32
N ARG A 53 -1.21 6.05 8.04
CA ARG A 53 -1.19 7.43 7.56
C ARG A 53 -0.93 7.48 6.06
N ALA A 54 -1.34 8.57 5.42
CA ALA A 54 -1.16 8.75 3.99
C ALA A 54 0.29 9.09 3.66
N GLU A 55 0.82 10.12 4.33
CA GLU A 55 2.19 10.55 4.11
C GLU A 55 3.15 9.37 4.11
N ASP A 56 2.90 8.41 5.00
CA ASP A 56 3.74 7.21 5.10
C ASP A 56 3.48 6.27 3.93
N ALA A 57 2.20 6.14 3.56
CA ALA A 57 1.82 5.25 2.46
C ALA A 57 2.37 5.77 1.14
N VAL A 58 1.99 6.99 0.77
CA VAL A 58 2.44 7.59 -0.48
C VAL A 58 3.96 7.49 -0.61
N GLU A 59 4.66 7.64 0.51
CA GLU A 59 6.12 7.57 0.52
C GLU A 59 6.59 6.12 0.36
N ALA A 60 6.02 5.22 1.15
CA ALA A 60 6.37 3.82 1.11
C ALA A 60 6.37 3.29 -0.33
N ILE A 61 5.55 3.93 -1.18
CA ILE A 61 5.46 3.54 -2.58
C ILE A 61 6.57 4.16 -3.41
N ARG A 62 6.57 5.49 -3.48
CA ARG A 62 7.58 6.21 -4.24
C ARG A 62 8.98 5.73 -3.88
N GLY A 63 9.10 5.06 -2.74
CA GLY A 63 10.38 4.56 -2.30
C GLY A 63 10.57 3.08 -2.62
N LEU A 64 9.53 2.29 -2.39
CA LEU A 64 9.59 0.86 -2.65
C LEU A 64 9.08 0.54 -4.05
N ASP A 65 8.75 1.59 -4.80
CA ASP A 65 8.26 1.42 -6.17
C ASP A 65 9.38 0.97 -7.09
N ASN A 66 9.18 -0.18 -7.73
CA ASN A 66 10.18 -0.73 -8.64
C ASN A 66 11.48 -1.03 -7.91
N THR A 67 11.37 -1.76 -6.80
CA THR A 67 12.54 -2.11 -6.01
C THR A 67 12.80 -3.62 -6.06
N GLU A 68 14.00 -3.99 -6.51
CA GLU A 68 14.38 -5.40 -6.61
C GLU A 68 14.08 -6.13 -5.30
N PHE A 69 12.95 -6.84 -5.26
CA PHE A 69 12.55 -7.58 -4.07
C PHE A 69 12.94 -9.06 -4.19
N GLN A 70 13.78 -9.52 -3.27
CA GLN A 70 14.23 -10.91 -3.28
C GLN A 70 14.75 -11.30 -4.66
N GLY A 71 15.28 -10.33 -5.39
CA GLY A 71 15.82 -10.60 -6.71
C GLY A 71 14.92 -10.07 -7.81
N LYS A 72 13.61 -10.18 -7.61
CA LYS A 72 12.64 -9.70 -8.59
C LYS A 72 12.01 -8.39 -8.14
N ARG A 73 12.02 -7.40 -9.04
CA ARG A 73 11.45 -6.09 -8.73
C ARG A 73 9.93 -6.16 -8.68
N MET A 74 9.35 -5.46 -7.71
CA MET A 74 7.90 -5.43 -7.55
C MET A 74 7.35 -4.02 -7.74
N HIS A 75 6.11 -3.93 -8.22
CA HIS A 75 5.48 -2.64 -8.44
C HIS A 75 4.54 -2.28 -7.29
N VAL A 76 4.80 -1.15 -6.64
CA VAL A 76 3.98 -0.70 -5.52
C VAL A 76 3.13 0.49 -5.92
N GLN A 77 1.85 0.46 -5.53
CA GLN A 77 0.93 1.54 -5.84
C GLN A 77 -0.32 1.46 -4.96
N LEU A 78 -1.15 2.50 -5.04
CA LEU A 78 -2.37 2.55 -4.25
C LEU A 78 -3.31 1.39 -4.61
N SER A 79 -3.85 0.73 -3.60
CA SER A 79 -4.75 -0.39 -3.81
C SER A 79 -6.18 0.09 -4.05
N THR A 80 -6.75 0.73 -3.02
CA THR A 80 -8.11 1.24 -3.12
C THR A 80 -8.17 2.47 -4.02
N SER A 81 -9.29 2.63 -4.72
CA SER A 81 -9.47 3.76 -5.62
C SER A 81 -10.51 4.73 -5.06
N ARG A 82 -10.53 5.95 -5.61
CA ARG A 82 -11.46 6.97 -5.16
C ARG A 82 -11.42 8.19 -6.08
N LEU A 83 -12.31 9.14 -5.84
CA LEU A 83 -12.36 10.35 -6.65
C LEU A 83 -12.04 11.58 -5.81
N ARG A 84 -11.77 12.70 -6.48
CA ARG A 84 -11.43 13.94 -5.80
C ARG A 84 -12.47 15.03 -6.12
N THR A 85 -13.45 15.18 -5.24
CA THR A 85 -14.48 16.18 -5.43
C THR A 85 -13.96 17.59 -5.19
N ALA A 86 -14.37 18.52 -6.04
CA ALA A 86 -13.94 19.91 -5.92
C ALA A 86 -15.07 20.80 -5.41
N SER A 87 -16.26 20.59 -5.94
CA SER A 87 -17.43 21.37 -5.53
C SER A 87 -17.80 21.07 -4.08
N GLY A 88 -17.16 21.77 -3.15
CA GLY A 88 -17.46 21.57 -1.74
C GLY A 88 -18.94 21.46 -1.46
N PRO A 89 -19.28 21.04 -0.24
CA PRO A 89 -20.68 20.87 0.18
C PRO A 89 -21.39 22.22 0.34
N SER A 90 -20.66 23.31 0.11
CA SER A 90 -21.21 24.65 0.24
C SER A 90 -21.22 25.36 -1.12
N SER A 91 -22.14 26.30 -1.28
CA SER A 91 -22.25 27.05 -2.52
C SER A 91 -21.31 28.26 -2.52
N GLY A 92 -21.51 29.15 -1.56
CA GLY A 92 -20.68 30.33 -1.45
C GLY A 92 -20.56 30.85 -0.04
N GLY A 1 -22.74 -1.64 10.88
CA GLY A 1 -23.59 -0.62 10.29
C GLY A 1 -23.57 -0.67 8.77
N SER A 2 -24.21 0.32 8.16
CA SER A 2 -24.28 0.39 6.70
C SER A 2 -23.45 1.55 6.17
N SER A 3 -22.48 1.24 5.31
CA SER A 3 -21.61 2.25 4.73
C SER A 3 -22.42 3.28 3.95
N GLY A 4 -22.53 4.49 4.50
CA GLY A 4 -23.28 5.53 3.85
C GLY A 4 -22.43 6.32 2.86
N SER A 5 -22.50 7.64 2.94
CA SER A 5 -21.75 8.51 2.05
C SER A 5 -20.49 9.04 2.73
N SER A 6 -19.48 8.18 2.85
CA SER A 6 -18.23 8.56 3.48
C SER A 6 -17.12 7.57 3.14
N GLY A 7 -16.19 8.00 2.31
CA GLY A 7 -15.08 7.14 1.92
C GLY A 7 -13.78 7.51 2.59
N LYS A 8 -13.82 7.61 3.91
CA LYS A 8 -12.63 7.97 4.69
C LYS A 8 -12.14 6.78 5.50
N ALA A 9 -11.18 6.04 4.96
CA ALA A 9 -10.61 4.88 5.63
C ALA A 9 -9.09 4.94 5.64
N SER A 10 -8.47 3.87 6.16
CA SER A 10 -7.02 3.80 6.22
C SER A 10 -6.40 3.79 4.83
N THR A 11 -5.09 3.60 4.76
CA THR A 11 -4.38 3.57 3.49
C THR A 11 -3.96 2.15 3.13
N LYS A 12 -4.15 1.78 1.87
CA LYS A 12 -3.77 0.45 1.40
C LYS A 12 -2.88 0.54 0.17
N LEU A 13 -1.76 -0.19 0.20
CA LEU A 13 -0.82 -0.20 -0.91
C LEU A 13 -0.77 -1.57 -1.57
N HIS A 14 -0.86 -1.60 -2.90
CA HIS A 14 -0.82 -2.84 -3.65
C HIS A 14 0.58 -3.10 -4.20
N VAL A 15 1.00 -4.36 -4.17
CA VAL A 15 2.31 -4.75 -4.66
C VAL A 15 2.21 -5.87 -5.68
N GLY A 16 3.03 -5.78 -6.73
CA GLY A 16 3.02 -6.79 -7.78
C GLY A 16 4.38 -7.40 -8.01
N ASN A 17 4.40 -8.63 -8.51
CA ASN A 17 5.65 -9.33 -8.77
C ASN A 17 6.37 -9.69 -7.47
N ILE A 18 5.66 -10.40 -6.60
CA ILE A 18 6.22 -10.81 -5.32
C ILE A 18 6.96 -12.14 -5.45
N SER A 19 7.84 -12.42 -4.48
CA SER A 19 8.61 -13.65 -4.49
C SER A 19 7.82 -14.80 -3.86
N PRO A 20 8.06 -16.02 -4.37
CA PRO A 20 7.38 -17.22 -3.87
C PRO A 20 7.83 -17.60 -2.47
N THR A 21 8.95 -17.04 -2.04
CA THR A 21 9.50 -17.33 -0.71
C THR A 21 9.46 -16.09 0.17
N CYS A 22 8.77 -15.06 -0.30
CA CYS A 22 8.66 -13.81 0.45
C CYS A 22 7.92 -14.02 1.77
N THR A 23 8.40 -13.38 2.83
CA THR A 23 7.77 -13.51 4.14
C THR A 23 7.01 -12.24 4.50
N ASN A 24 5.81 -12.42 5.05
CA ASN A 24 4.97 -11.29 5.45
C ASN A 24 5.77 -10.28 6.24
N GLN A 25 6.80 -10.76 6.93
CA GLN A 25 7.65 -9.89 7.74
C GLN A 25 8.67 -9.16 6.88
N GLU A 26 9.07 -9.79 5.78
CA GLU A 26 10.04 -9.19 4.86
C GLU A 26 9.45 -7.98 4.16
N LEU A 27 8.19 -8.09 3.77
CA LEU A 27 7.50 -7.00 3.08
C LEU A 27 7.16 -5.87 4.05
N ARG A 28 6.31 -6.16 5.03
CA ARG A 28 5.92 -5.17 6.01
C ARG A 28 7.12 -4.43 6.57
N ALA A 29 8.21 -5.17 6.78
CA ALA A 29 9.45 -4.59 7.30
C ALA A 29 9.83 -3.32 6.53
N LYS A 30 9.99 -3.46 5.22
CA LYS A 30 10.35 -2.33 4.37
C LYS A 30 9.31 -1.21 4.48
N PHE A 31 8.05 -1.59 4.45
CA PHE A 31 6.96 -0.62 4.54
C PHE A 31 6.96 0.06 5.92
N GLU A 32 7.45 -0.65 6.92
CA GLU A 32 7.51 -0.12 8.28
C GLU A 32 8.55 0.99 8.38
N GLU A 33 9.52 0.98 7.46
CA GLU A 33 10.57 1.99 7.46
C GLU A 33 9.99 3.39 7.19
N TYR A 34 8.76 3.42 6.69
CA TYR A 34 8.11 4.68 6.38
C TYR A 34 7.13 5.06 7.49
N GLY A 35 6.25 4.13 7.85
CA GLY A 35 5.28 4.39 8.89
C GLY A 35 4.83 3.12 9.60
N PRO A 36 4.12 3.29 10.72
CA PRO A 36 3.62 2.15 11.51
C PRO A 36 2.52 1.38 10.79
N VAL A 37 2.92 0.52 9.86
CA VAL A 37 1.96 -0.29 9.11
C VAL A 37 0.88 -0.86 10.02
N ILE A 38 -0.27 -1.17 9.44
CA ILE A 38 -1.38 -1.74 10.20
C ILE A 38 -1.46 -3.25 10.02
N GLU A 39 -1.58 -3.69 8.77
CA GLU A 39 -1.67 -5.11 8.47
C GLU A 39 -1.21 -5.40 7.05
N CYS A 40 -0.20 -6.25 6.91
CA CYS A 40 0.34 -6.61 5.60
C CYS A 40 0.03 -8.06 5.26
N ASP A 41 0.03 -8.37 3.97
CA ASP A 41 -0.24 -9.73 3.51
C ASP A 41 0.41 -10.00 2.16
N ILE A 42 0.99 -11.18 2.02
CA ILE A 42 1.66 -11.56 0.78
C ILE A 42 0.78 -12.48 -0.06
N VAL A 43 0.78 -12.27 -1.37
CA VAL A 43 -0.01 -13.08 -2.28
C VAL A 43 0.87 -13.78 -3.31
N LYS A 44 0.27 -14.65 -4.11
CA LYS A 44 1.00 -15.38 -5.14
C LYS A 44 2.10 -14.51 -5.75
N ASP A 45 1.70 -13.56 -6.59
CA ASP A 45 2.65 -12.66 -7.23
C ASP A 45 2.37 -11.21 -6.86
N TYR A 46 1.44 -11.02 -5.93
CA TYR A 46 1.06 -9.68 -5.49
C TYR A 46 1.02 -9.60 -3.98
N ALA A 47 0.75 -8.41 -3.46
CA ALA A 47 0.67 -8.20 -2.01
C ALA A 47 -0.16 -6.96 -1.67
N PHE A 48 -0.39 -6.74 -0.39
CA PHE A 48 -1.18 -5.60 0.06
C PHE A 48 -0.72 -5.13 1.44
N VAL A 49 -0.32 -3.87 1.53
CA VAL A 49 0.14 -3.29 2.78
C VAL A 49 -0.87 -2.29 3.33
N HIS A 50 -1.53 -2.64 4.43
CA HIS A 50 -2.51 -1.77 5.04
C HIS A 50 -1.83 -0.74 5.95
N MET A 51 -1.64 0.46 5.42
CA MET A 51 -1.00 1.54 6.17
C MET A 51 -2.00 2.23 7.08
N GLU A 52 -1.55 3.28 7.76
CA GLU A 52 -2.42 4.04 8.67
C GLU A 52 -2.44 5.52 8.29
N ARG A 53 -1.36 5.99 7.69
CA ARG A 53 -1.25 7.38 7.28
C ARG A 53 -0.82 7.49 5.82
N ALA A 54 -1.41 8.43 5.09
CA ALA A 54 -1.08 8.64 3.69
C ALA A 54 0.36 9.09 3.53
N GLU A 55 0.75 10.09 4.33
CA GLU A 55 2.11 10.61 4.27
C GLU A 55 3.14 9.49 4.36
N ASP A 56 2.77 8.40 5.02
CA ASP A 56 3.66 7.25 5.17
C ASP A 56 3.47 6.26 4.03
N ALA A 57 2.22 6.02 3.67
CA ALA A 57 1.90 5.10 2.58
C ALA A 57 2.45 5.60 1.25
N VAL A 58 2.05 6.81 0.88
CA VAL A 58 2.50 7.41 -0.37
C VAL A 58 4.01 7.34 -0.50
N GLU A 59 4.71 7.63 0.60
CA GLU A 59 6.16 7.60 0.61
C GLU A 59 6.69 6.19 0.40
N ALA A 60 6.10 5.24 1.12
CA ALA A 60 6.51 3.85 1.01
C ALA A 60 6.51 3.38 -0.45
N ILE A 61 5.60 3.96 -1.24
CA ILE A 61 5.49 3.61 -2.65
C ILE A 61 6.63 4.23 -3.46
N ARG A 62 6.62 5.56 -3.55
CA ARG A 62 7.65 6.28 -4.30
C ARG A 62 9.04 5.70 -4.00
N GLY A 63 9.17 5.05 -2.85
CA GLY A 63 10.44 4.48 -2.46
C GLY A 63 10.52 2.99 -2.78
N LEU A 64 9.53 2.25 -2.32
CA LEU A 64 9.49 0.80 -2.57
C LEU A 64 9.01 0.49 -3.97
N ASP A 65 8.75 1.54 -4.75
CA ASP A 65 8.28 1.38 -6.12
C ASP A 65 9.43 0.96 -7.04
N ASN A 66 9.25 -0.16 -7.72
CA ASN A 66 10.27 -0.68 -8.64
C ASN A 66 11.55 -0.98 -7.88
N THR A 67 11.43 -1.62 -6.73
CA THR A 67 12.58 -1.97 -5.92
C THR A 67 12.84 -3.47 -5.94
N GLU A 68 14.06 -3.85 -6.35
CA GLU A 68 14.43 -5.26 -6.42
C GLU A 68 14.19 -5.96 -5.09
N PHE A 69 13.07 -6.66 -4.98
CA PHE A 69 12.73 -7.38 -3.75
C PHE A 69 13.10 -8.85 -3.86
N GLN A 70 14.08 -9.27 -3.05
CA GLN A 70 14.54 -10.65 -3.05
C GLN A 70 15.03 -11.06 -4.44
N GLY A 71 15.46 -10.08 -5.22
CA GLY A 71 15.96 -10.36 -6.56
C GLY A 71 15.00 -9.88 -7.64
N LYS A 72 13.71 -9.99 -7.36
CA LYS A 72 12.69 -9.56 -8.31
C LYS A 72 12.06 -8.25 -7.89
N ARG A 73 12.06 -7.27 -8.78
CA ARG A 73 11.49 -5.96 -8.49
C ARG A 73 9.96 -6.02 -8.48
N MET A 74 9.36 -5.42 -7.47
CA MET A 74 7.91 -5.41 -7.34
C MET A 74 7.35 -4.01 -7.55
N HIS A 75 6.14 -3.92 -8.09
CA HIS A 75 5.50 -2.64 -8.35
C HIS A 75 4.55 -2.28 -7.20
N VAL A 76 4.84 -1.18 -6.52
CA VAL A 76 4.01 -0.73 -5.41
C VAL A 76 3.22 0.52 -5.79
N GLN A 77 1.95 0.55 -5.41
CA GLN A 77 1.08 1.67 -5.72
C GLN A 77 -0.16 1.67 -4.83
N LEU A 78 -1.08 2.60 -5.08
CA LEU A 78 -2.30 2.70 -4.30
C LEU A 78 -3.26 1.58 -4.64
N SER A 79 -3.78 0.91 -3.62
CA SER A 79 -4.72 -0.19 -3.82
C SER A 79 -6.08 0.33 -4.25
N THR A 80 -6.64 1.26 -3.48
CA THR A 80 -7.93 1.84 -3.78
C THR A 80 -7.97 3.32 -3.44
N SER A 81 -8.35 4.14 -4.42
CA SER A 81 -8.41 5.58 -4.23
C SER A 81 -9.70 6.15 -4.82
N ARG A 82 -10.56 6.67 -3.96
CA ARG A 82 -11.83 7.24 -4.40
C ARG A 82 -11.92 8.72 -4.03
N LEU A 83 -10.86 9.47 -4.33
CA LEU A 83 -10.81 10.89 -4.03
C LEU A 83 -11.45 11.70 -5.15
N ARG A 84 -12.50 11.15 -5.75
CA ARG A 84 -13.20 11.83 -6.83
C ARG A 84 -13.95 13.06 -6.32
N THR A 85 -13.32 14.21 -6.43
CA THR A 85 -13.92 15.46 -5.97
C THR A 85 -13.44 16.64 -6.80
N ALA A 86 -14.08 17.79 -6.61
CA ALA A 86 -13.71 19.00 -7.35
C ALA A 86 -13.18 20.07 -6.40
N SER A 87 -12.38 19.66 -5.43
CA SER A 87 -11.82 20.59 -4.46
C SER A 87 -10.61 21.31 -5.05
N GLY A 88 -10.12 22.32 -4.32
CA GLY A 88 -8.98 23.08 -4.79
C GLY A 88 -8.78 24.36 -4.00
N PRO A 89 -7.96 24.28 -2.93
CA PRO A 89 -7.68 25.44 -2.08
C PRO A 89 -6.81 26.48 -2.79
N SER A 90 -6.94 27.74 -2.36
CA SER A 90 -6.17 28.82 -2.95
C SER A 90 -6.10 30.01 -2.00
N SER A 91 -5.20 30.94 -2.30
CA SER A 91 -5.02 32.13 -1.48
C SER A 91 -4.70 33.35 -2.33
N GLY A 92 -5.21 34.50 -1.91
CA GLY A 92 -4.97 35.73 -2.66
C GLY A 92 -5.75 36.91 -2.11
N GLY A 1 -13.02 -10.70 8.75
CA GLY A 1 -12.53 -10.70 7.38
C GLY A 1 -12.95 -9.46 6.62
N SER A 2 -11.97 -8.76 6.06
CA SER A 2 -12.24 -7.54 5.31
C SER A 2 -12.10 -7.78 3.81
N SER A 3 -13.12 -7.40 3.05
CA SER A 3 -13.10 -7.59 1.60
C SER A 3 -13.55 -6.31 0.89
N GLY A 4 -12.59 -5.61 0.28
CA GLY A 4 -12.90 -4.38 -0.42
C GLY A 4 -13.37 -3.28 0.52
N SER A 5 -12.56 -2.98 1.53
CA SER A 5 -12.89 -1.95 2.49
C SER A 5 -12.40 -0.58 2.02
N SER A 6 -13.14 0.46 2.36
CA SER A 6 -12.78 1.82 1.96
C SER A 6 -12.52 2.69 3.19
N GLY A 7 -11.33 2.54 3.78
CA GLY A 7 -10.99 3.31 4.96
C GLY A 7 -10.19 4.55 4.61
N LYS A 8 -10.74 5.72 4.93
CA LYS A 8 -10.07 6.99 4.66
C LYS A 8 -8.87 7.18 5.58
N ALA A 9 -9.09 6.98 6.88
CA ALA A 9 -8.03 7.13 7.87
C ALA A 9 -6.82 6.27 7.52
N SER A 10 -7.08 5.01 7.17
CA SER A 10 -6.01 4.08 6.82
C SER A 10 -5.73 4.13 5.32
N THR A 11 -4.74 3.36 4.89
CA THR A 11 -4.37 3.32 3.48
C THR A 11 -4.03 1.89 3.04
N LYS A 12 -4.16 1.64 1.74
CA LYS A 12 -3.86 0.32 1.19
C LYS A 12 -2.90 0.42 0.01
N LEU A 13 -1.81 -0.32 0.09
CA LEU A 13 -0.79 -0.32 -0.96
C LEU A 13 -0.70 -1.69 -1.63
N HIS A 14 -1.02 -1.72 -2.93
CA HIS A 14 -0.97 -2.98 -3.68
C HIS A 14 0.42 -3.18 -4.29
N VAL A 15 0.92 -4.41 -4.19
CA VAL A 15 2.23 -4.74 -4.73
C VAL A 15 2.13 -5.89 -5.73
N GLY A 16 3.00 -5.86 -6.73
CA GLY A 16 3.00 -6.91 -7.74
C GLY A 16 4.37 -7.50 -7.97
N ASN A 17 4.42 -8.67 -8.60
CA ASN A 17 5.68 -9.33 -8.87
C ASN A 17 6.43 -9.65 -7.57
N ILE A 18 5.75 -10.36 -6.68
CA ILE A 18 6.35 -10.72 -5.39
C ILE A 18 7.11 -12.04 -5.51
N SER A 19 8.02 -12.26 -4.56
CA SER A 19 8.82 -13.48 -4.54
C SER A 19 8.02 -14.65 -3.96
N PRO A 20 8.30 -15.86 -4.45
CA PRO A 20 7.63 -17.09 -4.00
C PRO A 20 8.03 -17.46 -2.57
N THR A 21 9.09 -16.83 -2.06
CA THR A 21 9.56 -17.10 -0.71
C THR A 21 9.45 -15.86 0.17
N CYS A 22 8.70 -14.87 -0.30
CA CYS A 22 8.51 -13.63 0.45
C CYS A 22 7.88 -13.91 1.81
N THR A 23 8.36 -13.19 2.82
CA THR A 23 7.85 -13.36 4.19
C THR A 23 7.18 -12.09 4.68
N ASN A 24 6.03 -12.25 5.34
CA ASN A 24 5.28 -11.12 5.86
C ASN A 24 6.20 -10.18 6.65
N GLN A 25 7.12 -10.77 7.42
CA GLN A 25 8.05 -9.99 8.22
C GLN A 25 9.01 -9.21 7.32
N GLU A 26 9.25 -9.72 6.11
CA GLU A 26 10.15 -9.07 5.17
C GLU A 26 9.46 -7.89 4.49
N LEU A 27 8.28 -8.14 3.92
CA LEU A 27 7.52 -7.11 3.23
C LEU A 27 7.08 -6.03 4.21
N ARG A 28 6.33 -6.43 5.24
CA ARG A 28 5.84 -5.49 6.24
C ARG A 28 6.98 -4.64 6.79
N ALA A 29 7.98 -5.30 7.38
CA ALA A 29 9.13 -4.60 7.95
C ALA A 29 9.62 -3.50 7.01
N LYS A 30 9.86 -3.87 5.75
CA LYS A 30 10.33 -2.91 4.77
C LYS A 30 9.41 -1.70 4.70
N PHE A 31 8.11 -1.94 4.73
CA PHE A 31 7.13 -0.87 4.68
C PHE A 31 7.07 -0.11 6.01
N GLU A 32 7.37 -0.81 7.10
CA GLU A 32 7.36 -0.21 8.42
C GLU A 32 8.40 0.89 8.53
N GLU A 33 9.45 0.79 7.73
CA GLU A 33 10.53 1.78 7.73
C GLU A 33 10.00 3.16 7.35
N TYR A 34 8.86 3.18 6.65
CA TYR A 34 8.26 4.43 6.23
C TYR A 34 7.22 4.90 7.24
N GLY A 35 6.33 4.00 7.63
CA GLY A 35 5.29 4.34 8.59
C GLY A 35 4.83 3.14 9.40
N PRO A 36 4.01 3.40 10.42
CA PRO A 36 3.48 2.35 11.29
C PRO A 36 2.47 1.45 10.58
N VAL A 37 2.98 0.45 9.87
CA VAL A 37 2.13 -0.48 9.14
C VAL A 37 0.99 -1.00 10.02
N ILE A 38 -0.18 -1.19 9.41
CA ILE A 38 -1.33 -1.68 10.15
C ILE A 38 -1.54 -3.17 9.92
N GLU A 39 -1.55 -3.58 8.66
CA GLU A 39 -1.74 -4.97 8.30
C GLU A 39 -1.19 -5.26 6.90
N CYS A 40 -0.30 -6.24 6.81
CA CYS A 40 0.30 -6.61 5.53
C CYS A 40 -0.03 -8.06 5.18
N ASP A 41 -0.22 -8.31 3.89
CA ASP A 41 -0.55 -9.66 3.42
C ASP A 41 0.13 -9.94 2.08
N ILE A 42 0.73 -11.12 1.97
CA ILE A 42 1.41 -11.51 0.74
C ILE A 42 0.52 -12.39 -0.13
N VAL A 43 0.77 -12.35 -1.44
CA VAL A 43 -0.01 -13.15 -2.38
C VAL A 43 0.88 -13.81 -3.42
N LYS A 44 0.29 -14.67 -4.25
CA LYS A 44 1.04 -15.36 -5.29
C LYS A 44 2.13 -14.48 -5.86
N ASP A 45 1.74 -13.51 -6.69
CA ASP A 45 2.69 -12.60 -7.30
C ASP A 45 2.36 -11.15 -6.96
N TYR A 46 1.60 -10.97 -5.88
CA TYR A 46 1.20 -9.64 -5.44
C TYR A 46 1.07 -9.58 -3.92
N ALA A 47 0.80 -8.38 -3.40
CA ALA A 47 0.64 -8.20 -1.97
C ALA A 47 -0.16 -6.94 -1.66
N PHE A 48 -0.42 -6.70 -0.38
CA PHE A 48 -1.19 -5.54 0.05
C PHE A 48 -0.73 -5.05 1.42
N VAL A 49 -0.10 -3.89 1.45
CA VAL A 49 0.38 -3.31 2.70
C VAL A 49 -0.54 -2.20 3.20
N HIS A 50 -1.30 -2.50 4.24
CA HIS A 50 -2.22 -1.53 4.82
C HIS A 50 -1.49 -0.54 5.73
N MET A 51 -1.38 0.70 5.27
CA MET A 51 -0.69 1.74 6.03
C MET A 51 -1.68 2.48 6.93
N GLU A 52 -1.14 3.31 7.82
CA GLU A 52 -1.97 4.08 8.74
C GLU A 52 -2.17 5.50 8.23
N ARG A 53 -1.07 6.22 8.06
CA ARG A 53 -1.12 7.60 7.57
C ARG A 53 -0.81 7.66 6.09
N ALA A 54 -1.48 8.58 5.38
CA ALA A 54 -1.28 8.74 3.95
C ALA A 54 0.18 9.02 3.63
N GLU A 55 0.74 10.04 4.27
CA GLU A 55 2.13 10.42 4.05
C GLU A 55 3.03 9.19 4.08
N ASP A 56 2.72 8.25 4.96
CA ASP A 56 3.50 7.03 5.08
C ASP A 56 3.28 6.12 3.87
N ALA A 57 2.04 6.03 3.42
CA ALA A 57 1.71 5.19 2.27
C ALA A 57 2.32 5.75 1.00
N VAL A 58 2.02 7.00 0.69
CA VAL A 58 2.54 7.65 -0.50
C VAL A 58 4.06 7.57 -0.55
N GLU A 59 4.69 7.66 0.62
CA GLU A 59 6.14 7.59 0.70
C GLU A 59 6.63 6.16 0.49
N ALA A 60 6.04 5.21 1.20
CA ALA A 60 6.42 3.81 1.08
C ALA A 60 6.38 3.36 -0.38
N ILE A 61 5.57 4.04 -1.18
CA ILE A 61 5.45 3.71 -2.60
C ILE A 61 6.56 4.35 -3.42
N ARG A 62 6.59 5.69 -3.43
CA ARG A 62 7.61 6.42 -4.17
C ARG A 62 9.00 5.83 -3.93
N GLY A 63 9.15 5.13 -2.80
CA GLY A 63 10.43 4.52 -2.47
C GLY A 63 10.48 3.06 -2.86
N LEU A 64 9.55 2.28 -2.34
CA LEU A 64 9.50 0.84 -2.63
C LEU A 64 9.01 0.59 -4.05
N ASP A 65 8.69 1.67 -4.76
CA ASP A 65 8.20 1.57 -6.13
C ASP A 65 9.33 1.15 -7.07
N ASN A 66 9.14 0.01 -7.73
CA ASN A 66 10.14 -0.50 -8.67
C ASN A 66 11.46 -0.77 -7.96
N THR A 67 11.40 -1.57 -6.89
CA THR A 67 12.58 -1.92 -6.12
C THR A 67 12.82 -3.42 -6.11
N GLU A 68 14.02 -3.83 -6.49
CA GLU A 68 14.37 -5.25 -6.52
C GLU A 68 14.07 -5.92 -5.19
N PHE A 69 13.00 -6.70 -5.15
CA PHE A 69 12.61 -7.40 -3.94
C PHE A 69 13.00 -8.87 -4.00
N GLN A 70 13.84 -9.31 -3.07
CA GLN A 70 14.29 -10.69 -3.01
C GLN A 70 14.74 -11.16 -4.39
N GLY A 71 15.30 -10.24 -5.18
CA GLY A 71 15.77 -10.58 -6.51
C GLY A 71 14.89 -10.00 -7.59
N LYS A 72 13.58 -10.15 -7.43
CA LYS A 72 12.63 -9.63 -8.41
C LYS A 72 12.03 -8.31 -7.94
N ARG A 73 11.98 -7.33 -8.85
CA ARG A 73 11.43 -6.03 -8.53
C ARG A 73 9.91 -6.05 -8.56
N MET A 74 9.28 -5.51 -7.52
CA MET A 74 7.83 -5.47 -7.42
C MET A 74 7.31 -4.04 -7.59
N HIS A 75 6.12 -3.92 -8.16
CA HIS A 75 5.52 -2.61 -8.37
C HIS A 75 4.55 -2.26 -7.24
N VAL A 76 4.84 -1.16 -6.55
CA VAL A 76 4.00 -0.71 -5.45
C VAL A 76 3.17 0.50 -5.84
N GLN A 77 1.88 0.45 -5.52
CA GLN A 77 0.97 1.54 -5.84
C GLN A 77 -0.29 1.48 -4.98
N LEU A 78 -1.07 2.55 -5.00
CA LEU A 78 -2.30 2.62 -4.23
C LEU A 78 -3.27 1.52 -4.65
N SER A 79 -3.60 0.63 -3.72
CA SER A 79 -4.51 -0.47 -3.99
C SER A 79 -5.71 0.02 -4.81
N THR A 80 -6.26 1.16 -4.40
CA THR A 80 -7.42 1.74 -5.08
C THR A 80 -7.14 3.17 -5.51
N SER A 81 -7.39 3.46 -6.79
CA SER A 81 -7.17 4.80 -7.33
C SER A 81 -8.41 5.66 -7.16
N ARG A 82 -8.40 6.51 -6.12
CA ARG A 82 -9.51 7.40 -5.84
C ARG A 82 -9.49 8.61 -6.78
N LEU A 83 -10.48 8.68 -7.66
CA LEU A 83 -10.57 9.80 -8.60
C LEU A 83 -10.74 11.12 -7.86
N ARG A 84 -11.84 11.26 -7.13
CA ARG A 84 -12.11 12.48 -6.37
C ARG A 84 -11.87 12.26 -4.88
N THR A 85 -10.89 12.97 -4.33
CA THR A 85 -10.55 12.85 -2.92
C THR A 85 -11.16 14.00 -2.12
N ALA A 86 -12.34 13.76 -1.55
CA ALA A 86 -13.03 14.78 -0.76
C ALA A 86 -13.38 15.99 -1.61
N SER A 87 -13.86 15.73 -2.82
CA SER A 87 -14.23 16.81 -3.74
C SER A 87 -15.28 17.73 -3.10
N GLY A 88 -14.90 18.98 -2.91
CA GLY A 88 -15.81 19.94 -2.29
C GLY A 88 -15.77 21.29 -2.98
N PRO A 89 -16.87 22.06 -2.88
CA PRO A 89 -16.97 23.38 -3.49
C PRO A 89 -16.07 24.41 -2.79
N SER A 90 -15.40 23.98 -1.73
CA SER A 90 -14.52 24.86 -0.98
C SER A 90 -15.26 26.09 -0.49
N SER A 91 -16.52 25.90 -0.10
CA SER A 91 -17.34 27.01 0.38
C SER A 91 -16.84 27.51 1.73
N GLY A 92 -16.64 26.59 2.66
CA GLY A 92 -16.15 26.97 3.98
C GLY A 92 -16.84 28.20 4.52
N GLY A 1 -8.65 23.75 -1.35
CA GLY A 1 -10.06 23.37 -1.31
C GLY A 1 -10.26 21.93 -0.88
N SER A 2 -11.25 21.27 -1.48
CA SER A 2 -11.54 19.88 -1.15
C SER A 2 -12.40 19.24 -2.24
N SER A 3 -12.30 17.92 -2.36
CA SER A 3 -13.04 17.18 -3.37
C SER A 3 -13.12 15.70 -3.00
N GLY A 4 -14.35 15.21 -2.80
CA GLY A 4 -14.55 13.81 -2.45
C GLY A 4 -14.60 13.60 -0.95
N SER A 5 -15.00 12.39 -0.54
CA SER A 5 -15.10 12.06 0.87
C SER A 5 -13.94 12.67 1.66
N SER A 6 -12.73 12.51 1.14
CA SER A 6 -11.54 13.04 1.79
C SER A 6 -11.45 12.56 3.23
N GLY A 7 -11.76 11.29 3.45
CA GLY A 7 -11.71 10.72 4.78
C GLY A 7 -10.34 10.18 5.13
N LYS A 8 -9.77 10.69 6.21
CA LYS A 8 -8.45 10.25 6.66
C LYS A 8 -8.56 9.21 7.78
N ALA A 9 -8.58 7.94 7.38
CA ALA A 9 -8.68 6.85 8.35
C ALA A 9 -7.51 5.88 8.21
N SER A 10 -7.27 5.43 6.99
CA SER A 10 -6.19 4.48 6.72
C SER A 10 -5.79 4.53 5.25
N THR A 11 -4.76 3.76 4.90
CA THR A 11 -4.27 3.71 3.53
C THR A 11 -3.89 2.28 3.13
N LYS A 12 -3.88 2.01 1.83
CA LYS A 12 -3.53 0.70 1.33
C LYS A 12 -2.49 0.80 0.22
N LEU A 13 -1.61 -0.20 0.14
CA LEU A 13 -0.56 -0.22 -0.88
C LEU A 13 -0.49 -1.58 -1.56
N HIS A 14 -0.84 -1.61 -2.84
CA HIS A 14 -0.81 -2.86 -3.60
C HIS A 14 0.58 -3.13 -4.15
N VAL A 15 0.98 -4.40 -4.15
CA VAL A 15 2.29 -4.79 -4.64
C VAL A 15 2.18 -5.91 -5.67
N GLY A 16 3.05 -5.88 -6.68
CA GLY A 16 3.04 -6.90 -7.71
C GLY A 16 4.41 -7.50 -7.96
N ASN A 17 4.44 -8.65 -8.61
CA ASN A 17 5.70 -9.32 -8.92
C ASN A 17 6.43 -9.71 -7.63
N ILE A 18 5.74 -10.43 -6.75
CA ILE A 18 6.32 -10.86 -5.49
C ILE A 18 7.08 -12.17 -5.66
N SER A 19 7.93 -12.49 -4.69
CA SER A 19 8.71 -13.71 -4.72
C SER A 19 8.03 -14.81 -3.91
N PRO A 20 8.27 -16.07 -4.32
CA PRO A 20 7.69 -17.24 -3.65
C PRO A 20 8.29 -17.47 -2.26
N THR A 21 9.50 -16.97 -2.06
CA THR A 21 10.19 -17.11 -0.78
C THR A 21 9.99 -15.88 0.10
N CYS A 22 9.20 -14.94 -0.39
CA CYS A 22 8.92 -13.71 0.35
C CYS A 22 8.18 -14.02 1.66
N THR A 23 8.64 -13.40 2.74
CA THR A 23 8.03 -13.61 4.05
C THR A 23 7.16 -12.41 4.45
N ASN A 24 5.93 -12.69 4.86
CA ASN A 24 5.00 -11.65 5.27
C ASN A 24 5.68 -10.64 6.18
N GLN A 25 6.70 -11.11 6.91
CA GLN A 25 7.44 -10.25 7.82
C GLN A 25 8.45 -9.40 7.08
N GLU A 26 8.99 -9.94 5.99
CA GLU A 26 9.98 -9.22 5.19
C GLU A 26 9.34 -8.02 4.50
N LEU A 27 8.16 -8.23 3.94
CA LEU A 27 7.45 -7.15 3.24
C LEU A 27 7.04 -6.06 4.22
N ARG A 28 6.25 -6.43 5.22
CA ARG A 28 5.78 -5.47 6.22
C ARG A 28 6.93 -4.60 6.72
N ALA A 29 7.91 -5.23 7.35
CA ALA A 29 9.07 -4.51 7.87
C ALA A 29 9.51 -3.40 6.91
N LYS A 30 9.77 -3.78 5.66
CA LYS A 30 10.20 -2.83 4.65
C LYS A 30 9.24 -1.65 4.57
N PHE A 31 7.95 -1.94 4.58
CA PHE A 31 6.93 -0.90 4.52
C PHE A 31 6.85 -0.14 5.84
N GLU A 32 7.26 -0.79 6.92
CA GLU A 32 7.24 -0.18 8.24
C GLU A 32 8.31 0.89 8.38
N GLU A 33 9.31 0.82 7.50
CA GLU A 33 10.42 1.78 7.52
C GLU A 33 9.90 3.20 7.32
N TYR A 34 8.81 3.32 6.56
CA TYR A 34 8.22 4.63 6.28
C TYR A 34 7.25 5.04 7.39
N GLY A 35 6.31 4.16 7.71
CA GLY A 35 5.35 4.45 8.75
C GLY A 35 4.88 3.20 9.47
N PRO A 36 4.14 3.38 10.57
CA PRO A 36 3.61 2.27 11.37
C PRO A 36 2.52 1.51 10.65
N VAL A 37 2.91 0.49 9.89
CA VAL A 37 1.96 -0.32 9.15
C VAL A 37 0.89 -0.90 10.06
N ILE A 38 -0.26 -1.23 9.49
CA ILE A 38 -1.36 -1.79 10.25
C ILE A 38 -1.48 -3.29 10.03
N GLU A 39 -1.62 -3.69 8.76
CA GLU A 39 -1.74 -5.11 8.42
C GLU A 39 -1.16 -5.37 7.03
N CYS A 40 -0.24 -6.32 6.96
CA CYS A 40 0.41 -6.68 5.70
C CYS A 40 0.12 -8.13 5.34
N ASP A 41 -0.10 -8.38 4.05
CA ASP A 41 -0.39 -9.73 3.58
C ASP A 41 0.27 -9.98 2.22
N ILE A 42 0.85 -11.16 2.04
CA ILE A 42 1.50 -11.51 0.79
C ILE A 42 0.60 -12.39 -0.07
N VAL A 43 0.81 -12.35 -1.38
CA VAL A 43 0.02 -13.14 -2.31
C VAL A 43 0.91 -13.80 -3.36
N LYS A 44 0.31 -14.65 -4.18
CA LYS A 44 1.04 -15.35 -5.23
C LYS A 44 2.15 -14.46 -5.80
N ASP A 45 1.75 -13.49 -6.62
CA ASP A 45 2.71 -12.57 -7.23
C ASP A 45 2.38 -11.13 -6.87
N TYR A 46 1.55 -10.96 -5.85
CA TYR A 46 1.15 -9.62 -5.41
C TYR A 46 1.04 -9.56 -3.89
N ALA A 47 0.80 -8.37 -3.37
CA ALA A 47 0.66 -8.17 -1.93
C ALA A 47 -0.14 -6.92 -1.61
N PHE A 48 -0.45 -6.72 -0.34
CA PHE A 48 -1.22 -5.56 0.10
C PHE A 48 -0.78 -5.10 1.48
N VAL A 49 -0.26 -3.88 1.56
CA VAL A 49 0.21 -3.33 2.82
C VAL A 49 -0.75 -2.24 3.33
N HIS A 50 -1.44 -2.53 4.43
CA HIS A 50 -2.39 -1.58 5.01
C HIS A 50 -1.66 -0.55 5.85
N MET A 51 -1.54 0.67 5.32
CA MET A 51 -0.86 1.76 6.02
C MET A 51 -1.86 2.55 6.87
N GLU A 52 -1.33 3.31 7.83
CA GLU A 52 -2.17 4.12 8.70
C GLU A 52 -2.33 5.52 8.15
N ARG A 53 -1.22 6.24 8.02
CA ARG A 53 -1.24 7.61 7.51
C ARG A 53 -0.83 7.63 6.04
N ALA A 54 -1.41 8.57 5.29
CA ALA A 54 -1.10 8.71 3.87
C ALA A 54 0.34 9.16 3.66
N GLU A 55 0.73 10.20 4.39
CA GLU A 55 2.09 10.74 4.29
C GLU A 55 3.12 9.61 4.31
N ASP A 56 2.81 8.54 5.03
CA ASP A 56 3.71 7.40 5.13
C ASP A 56 3.51 6.44 3.97
N ALA A 57 2.25 6.19 3.62
CA ALA A 57 1.92 5.29 2.52
C ALA A 57 2.45 5.83 1.19
N VAL A 58 2.00 7.04 0.84
CA VAL A 58 2.43 7.66 -0.40
C VAL A 58 3.94 7.56 -0.59
N GLU A 59 4.68 7.76 0.50
CA GLU A 59 6.13 7.70 0.47
C GLU A 59 6.60 6.27 0.23
N ALA A 60 6.08 5.34 1.02
CA ALA A 60 6.44 3.94 0.89
C ALA A 60 6.41 3.49 -0.56
N ILE A 61 5.51 4.07 -1.34
CA ILE A 61 5.38 3.73 -2.75
C ILE A 61 6.49 4.36 -3.57
N ARG A 62 6.50 5.69 -3.65
CA ARG A 62 7.51 6.41 -4.40
C ARG A 62 8.90 5.86 -4.10
N GLY A 63 9.04 5.19 -2.97
CA GLY A 63 10.32 4.63 -2.59
C GLY A 63 10.42 3.14 -2.92
N LEU A 64 9.41 2.39 -2.52
CA LEU A 64 9.38 0.95 -2.77
C LEU A 64 8.88 0.65 -4.19
N ASP A 65 8.60 1.71 -4.93
CA ASP A 65 8.13 1.56 -6.30
C ASP A 65 9.27 1.18 -7.24
N ASN A 66 9.24 -0.06 -7.74
CA ASN A 66 10.26 -0.54 -8.65
C ASN A 66 11.57 -0.81 -7.90
N THR A 67 11.47 -1.56 -6.81
CA THR A 67 12.64 -1.89 -6.01
C THR A 67 12.88 -3.40 -5.98
N GLU A 68 14.05 -3.81 -6.43
CA GLU A 68 14.41 -5.23 -6.46
C GLU A 68 14.08 -5.89 -5.13
N PHE A 69 13.03 -6.69 -5.11
CA PHE A 69 12.61 -7.39 -3.89
C PHE A 69 12.92 -8.88 -3.98
N GLN A 70 13.71 -9.38 -3.03
CA GLN A 70 14.08 -10.79 -3.01
C GLN A 70 14.61 -11.23 -4.36
N GLY A 71 15.23 -10.31 -5.09
CA GLY A 71 15.77 -10.62 -6.39
C GLY A 71 14.91 -10.09 -7.53
N LYS A 72 13.59 -10.14 -7.34
CA LYS A 72 12.66 -9.66 -8.35
C LYS A 72 12.02 -8.34 -7.92
N ARG A 73 12.06 -7.36 -8.82
CA ARG A 73 11.49 -6.05 -8.54
C ARG A 73 9.96 -6.11 -8.52
N MET A 74 9.36 -5.47 -7.53
CA MET A 74 7.91 -5.44 -7.40
C MET A 74 7.36 -4.03 -7.60
N HIS A 75 6.14 -3.95 -8.09
CA HIS A 75 5.49 -2.66 -8.33
C HIS A 75 4.55 -2.29 -7.19
N VAL A 76 4.86 -1.20 -6.50
CA VAL A 76 4.04 -0.74 -5.38
C VAL A 76 3.23 0.49 -5.76
N GLN A 77 1.97 0.51 -5.35
CA GLN A 77 1.08 1.63 -5.64
C GLN A 77 -0.16 1.58 -4.77
N LEU A 78 -1.05 2.54 -4.98
CA LEU A 78 -2.29 2.62 -4.20
C LEU A 78 -3.21 1.44 -4.53
N SER A 79 -3.86 0.90 -3.51
CA SER A 79 -4.77 -0.23 -3.69
C SER A 79 -6.22 0.25 -3.75
N THR A 80 -6.61 0.77 -4.91
CA THR A 80 -7.97 1.26 -5.10
C THR A 80 -8.22 1.63 -6.56
N SER A 81 -9.39 1.29 -7.06
CA SER A 81 -9.76 1.58 -8.44
C SER A 81 -11.10 2.30 -8.52
N ARG A 82 -11.32 3.23 -7.59
CA ARG A 82 -12.57 3.98 -7.54
C ARG A 82 -12.31 5.47 -7.74
N LEU A 83 -11.17 5.79 -8.33
CA LEU A 83 -10.79 7.18 -8.57
C LEU A 83 -11.97 7.97 -9.14
N ARG A 84 -12.63 7.39 -10.14
CA ARG A 84 -13.78 8.03 -10.77
C ARG A 84 -14.85 7.00 -11.12
N THR A 85 -16.07 7.24 -10.65
CA THR A 85 -17.18 6.34 -10.91
C THR A 85 -18.50 7.11 -11.02
N ALA A 86 -19.54 6.41 -11.46
CA ALA A 86 -20.86 7.03 -11.61
C ALA A 86 -21.63 7.02 -10.29
N SER A 87 -21.96 8.21 -9.80
CA SER A 87 -22.69 8.33 -8.54
C SER A 87 -23.87 7.36 -8.50
N GLY A 88 -24.81 7.55 -9.42
CA GLY A 88 -25.98 6.68 -9.46
C GLY A 88 -27.27 7.43 -9.25
N PRO A 89 -27.72 8.15 -10.30
CA PRO A 89 -28.96 8.94 -10.23
C PRO A 89 -30.21 8.06 -10.18
N SER A 90 -30.04 6.78 -10.51
CA SER A 90 -31.16 5.84 -10.50
C SER A 90 -31.38 5.30 -9.09
N SER A 91 -30.71 5.89 -8.11
CA SER A 91 -30.84 5.47 -6.72
C SER A 91 -31.90 6.30 -6.00
N GLY A 92 -31.72 7.61 -6.00
CA GLY A 92 -32.66 8.49 -5.35
C GLY A 92 -32.70 8.29 -3.84
N GLY A 1 -16.10 5.37 -0.06
CA GLY A 1 -16.87 5.97 1.02
C GLY A 1 -16.80 7.49 1.01
N SER A 2 -17.61 8.12 1.86
CA SER A 2 -17.64 9.58 1.94
C SER A 2 -16.56 10.09 2.89
N SER A 3 -15.85 11.13 2.47
CA SER A 3 -14.79 11.71 3.29
C SER A 3 -15.26 13.00 3.94
N GLY A 4 -15.82 13.90 3.14
CA GLY A 4 -16.30 15.18 3.65
C GLY A 4 -15.17 16.13 3.97
N SER A 5 -14.17 16.20 3.09
CA SER A 5 -13.03 17.08 3.29
C SER A 5 -12.43 16.89 4.68
N SER A 6 -12.29 15.63 5.10
CA SER A 6 -11.74 15.32 6.40
C SER A 6 -10.38 14.64 6.28
N GLY A 7 -10.36 13.49 5.60
CA GLY A 7 -9.11 12.76 5.41
C GLY A 7 -8.70 11.99 6.64
N LYS A 8 -9.67 11.31 7.27
CA LYS A 8 -9.41 10.52 8.46
C LYS A 8 -9.69 9.04 8.21
N ALA A 9 -8.69 8.34 7.70
CA ALA A 9 -8.83 6.91 7.42
C ALA A 9 -7.47 6.27 7.13
N SER A 10 -7.45 4.94 7.09
CA SER A 10 -6.22 4.20 6.83
C SER A 10 -5.86 4.25 5.35
N THR A 11 -4.75 3.62 5.00
CA THR A 11 -4.28 3.58 3.61
C THR A 11 -3.93 2.16 3.19
N LYS A 12 -4.04 1.89 1.90
CA LYS A 12 -3.73 0.58 1.36
C LYS A 12 -2.75 0.68 0.18
N LEU A 13 -1.75 -0.20 0.18
CA LEU A 13 -0.74 -0.20 -0.87
C LEU A 13 -0.70 -1.56 -1.57
N HIS A 14 -0.86 -1.54 -2.89
CA HIS A 14 -0.84 -2.77 -3.68
C HIS A 14 0.55 -3.04 -4.22
N VAL A 15 0.96 -4.31 -4.20
CA VAL A 15 2.27 -4.71 -4.68
C VAL A 15 2.16 -5.84 -5.71
N GLY A 16 3.07 -5.83 -6.68
CA GLY A 16 3.05 -6.86 -7.71
C GLY A 16 4.42 -7.49 -7.92
N ASN A 17 4.44 -8.67 -8.52
CA ASN A 17 5.69 -9.37 -8.78
C ASN A 17 6.40 -9.69 -7.47
N ILE A 18 5.71 -10.37 -6.57
CA ILE A 18 6.28 -10.74 -5.27
C ILE A 18 7.13 -11.99 -5.39
N SER A 19 8.05 -12.18 -4.44
CA SER A 19 8.92 -13.35 -4.43
C SER A 19 8.22 -14.55 -3.82
N PRO A 20 8.65 -15.75 -4.22
CA PRO A 20 8.07 -17.01 -3.72
C PRO A 20 8.42 -17.26 -2.25
N THR A 21 9.52 -16.66 -1.80
CA THR A 21 9.95 -16.82 -0.42
C THR A 21 9.69 -15.56 0.40
N CYS A 22 8.88 -14.66 -0.17
CA CYS A 22 8.55 -13.41 0.51
C CYS A 22 7.65 -13.67 1.71
N THR A 23 8.10 -13.26 2.88
CA THR A 23 7.33 -13.45 4.11
C THR A 23 6.81 -12.12 4.65
N ASN A 24 5.63 -12.16 5.25
CA ASN A 24 5.02 -10.95 5.81
C ASN A 24 6.01 -10.22 6.72
N GLN A 25 6.92 -10.97 7.33
CA GLN A 25 7.91 -10.40 8.23
C GLN A 25 8.90 -9.53 7.46
N GLU A 26 9.11 -9.86 6.19
CA GLU A 26 10.03 -9.10 5.35
C GLU A 26 9.33 -7.89 4.74
N LEU A 27 8.34 -8.14 3.90
CA LEU A 27 7.59 -7.07 3.25
C LEU A 27 7.15 -6.02 4.27
N ARG A 28 6.46 -6.48 5.32
CA ARG A 28 5.98 -5.59 6.35
C ARG A 28 7.09 -4.67 6.86
N ALA A 29 8.14 -5.28 7.42
CA ALA A 29 9.27 -4.53 7.94
C ALA A 29 9.71 -3.45 6.95
N LYS A 30 9.94 -3.85 5.70
CA LYS A 30 10.35 -2.91 4.66
C LYS A 30 9.42 -1.71 4.60
N PHE A 31 8.13 -1.97 4.77
CA PHE A 31 7.13 -0.89 4.73
C PHE A 31 7.06 -0.17 6.07
N GLU A 32 7.41 -0.87 7.14
CA GLU A 32 7.39 -0.29 8.48
C GLU A 32 8.41 0.82 8.61
N GLU A 33 9.45 0.76 7.78
CA GLU A 33 10.50 1.77 7.79
C GLU A 33 9.94 3.16 7.47
N TYR A 34 8.87 3.18 6.68
CA TYR A 34 8.24 4.44 6.29
C TYR A 34 7.22 4.87 7.34
N GLY A 35 6.32 3.96 7.69
CA GLY A 35 5.30 4.27 8.69
C GLY A 35 4.86 3.05 9.47
N PRO A 36 4.07 3.27 10.52
CA PRO A 36 3.56 2.19 11.38
C PRO A 36 2.53 1.33 10.66
N VAL A 37 3.00 0.39 9.85
CA VAL A 37 2.11 -0.51 9.11
C VAL A 37 1.00 -1.04 10.00
N ILE A 38 -0.16 -1.30 9.40
CA ILE A 38 -1.30 -1.82 10.14
C ILE A 38 -1.45 -3.32 9.96
N GLU A 39 -1.51 -3.75 8.70
CA GLU A 39 -1.65 -5.18 8.39
C GLU A 39 -1.18 -5.46 6.96
N CYS A 40 -0.14 -6.26 6.84
CA CYS A 40 0.41 -6.61 5.53
C CYS A 40 0.02 -8.05 5.15
N ASP A 41 -0.35 -8.23 3.88
CA ASP A 41 -0.73 -9.54 3.39
C ASP A 41 -0.04 -9.86 2.06
N ILE A 42 0.52 -11.06 1.97
CA ILE A 42 1.21 -11.49 0.76
C ILE A 42 0.32 -12.36 -0.11
N VAL A 43 0.56 -12.34 -1.41
CA VAL A 43 -0.21 -13.13 -2.36
C VAL A 43 0.69 -13.84 -3.36
N LYS A 44 0.09 -14.69 -4.19
CA LYS A 44 0.84 -15.42 -5.21
C LYS A 44 1.97 -14.56 -5.78
N ASP A 45 1.59 -13.57 -6.56
CA ASP A 45 2.56 -12.67 -7.18
C ASP A 45 2.27 -11.21 -6.82
N TYR A 46 1.34 -11.01 -5.90
CA TYR A 46 0.95 -9.68 -5.47
C TYR A 46 0.87 -9.59 -3.96
N ALA A 47 0.62 -8.39 -3.45
CA ALA A 47 0.51 -8.17 -2.01
C ALA A 47 -0.28 -6.91 -1.71
N PHE A 48 -0.56 -6.68 -0.43
CA PHE A 48 -1.32 -5.50 -0.01
C PHE A 48 -0.89 -5.06 1.39
N VAL A 49 -0.26 -3.90 1.47
CA VAL A 49 0.19 -3.35 2.75
C VAL A 49 -0.74 -2.26 3.25
N HIS A 50 -1.50 -2.57 4.30
CA HIS A 50 -2.43 -1.60 4.87
C HIS A 50 -1.70 -0.61 5.77
N MET A 51 -1.53 0.61 5.28
CA MET A 51 -0.85 1.65 6.04
C MET A 51 -1.83 2.40 6.93
N GLU A 52 -1.29 3.16 7.88
CA GLU A 52 -2.12 3.92 8.80
C GLU A 52 -2.31 5.36 8.31
N ARG A 53 -1.19 6.02 8.01
CA ARG A 53 -1.24 7.39 7.53
C ARG A 53 -0.95 7.46 6.03
N ALA A 54 -1.36 8.54 5.40
CA ALA A 54 -1.15 8.73 3.97
C ALA A 54 0.30 9.06 3.66
N GLU A 55 0.82 10.09 4.33
CA GLU A 55 2.20 10.52 4.14
C GLU A 55 3.14 9.32 4.15
N ASP A 56 2.84 8.34 5.00
CA ASP A 56 3.66 7.14 5.10
C ASP A 56 3.43 6.21 3.92
N ALA A 57 2.17 6.07 3.52
CA ALA A 57 1.81 5.22 2.40
C ALA A 57 2.39 5.74 1.10
N VAL A 58 2.06 7.00 0.77
CA VAL A 58 2.56 7.62 -0.45
C VAL A 58 4.07 7.48 -0.58
N GLU A 59 4.76 7.58 0.55
CA GLU A 59 6.22 7.46 0.56
C GLU A 59 6.64 6.01 0.34
N ALA A 60 6.06 5.10 1.11
CA ALA A 60 6.37 3.68 1.00
C ALA A 60 6.28 3.21 -0.44
N ILE A 61 5.58 3.99 -1.27
CA ILE A 61 5.42 3.66 -2.69
C ILE A 61 6.54 4.26 -3.52
N ARG A 62 6.60 5.60 -3.54
CA ARG A 62 7.62 6.30 -4.30
C ARG A 62 9.01 5.75 -3.99
N GLY A 63 9.13 5.05 -2.87
CA GLY A 63 10.40 4.48 -2.49
C GLY A 63 10.54 3.02 -2.88
N LEU A 64 9.55 2.22 -2.51
CA LEU A 64 9.56 0.79 -2.83
C LEU A 64 9.01 0.54 -4.23
N ASP A 65 8.65 1.62 -4.91
CA ASP A 65 8.12 1.52 -6.27
C ASP A 65 9.20 1.08 -7.25
N ASN A 66 9.02 -0.10 -7.83
CA ASN A 66 9.97 -0.63 -8.79
C ASN A 66 11.34 -0.85 -8.14
N THR A 67 11.33 -1.57 -7.02
CA THR A 67 12.57 -1.86 -6.29
C THR A 67 12.85 -3.35 -6.25
N GLU A 68 14.03 -3.75 -6.71
CA GLU A 68 14.42 -5.16 -6.73
C GLU A 68 14.19 -5.79 -5.36
N PHE A 69 13.18 -6.64 -5.26
CA PHE A 69 12.86 -7.31 -4.00
C PHE A 69 13.27 -8.78 -4.05
N GLN A 70 14.13 -9.17 -3.13
CA GLN A 70 14.62 -10.55 -3.06
C GLN A 70 15.05 -11.04 -4.44
N GLY A 71 15.50 -10.11 -5.28
CA GLY A 71 15.95 -10.47 -6.62
C GLY A 71 15.04 -9.92 -7.69
N LYS A 72 13.73 -10.09 -7.51
CA LYS A 72 12.75 -9.62 -8.46
C LYS A 72 12.13 -8.31 -8.00
N ARG A 73 12.04 -7.34 -8.91
CA ARG A 73 11.47 -6.04 -8.61
C ARG A 73 9.95 -6.11 -8.61
N MET A 74 9.33 -5.46 -7.62
CA MET A 74 7.87 -5.45 -7.50
C MET A 74 7.33 -4.03 -7.70
N HIS A 75 6.11 -3.95 -8.23
CA HIS A 75 5.48 -2.65 -8.48
C HIS A 75 4.53 -2.29 -7.34
N VAL A 76 4.80 -1.15 -6.70
CA VAL A 76 3.97 -0.69 -5.58
C VAL A 76 3.19 0.56 -5.97
N GLN A 77 1.88 0.54 -5.72
CA GLN A 77 1.02 1.67 -6.04
C GLN A 77 -0.25 1.65 -5.19
N LEU A 78 -1.04 2.70 -5.30
CA LEU A 78 -2.29 2.81 -4.54
C LEU A 78 -3.17 1.58 -4.78
N SER A 79 -3.88 1.15 -3.74
CA SER A 79 -4.76 0.00 -3.84
C SER A 79 -5.81 0.21 -4.93
N THR A 80 -6.71 1.16 -4.69
CA THR A 80 -7.77 1.47 -5.64
C THR A 80 -7.80 2.96 -5.98
N SER A 81 -8.07 3.27 -7.24
CA SER A 81 -8.11 4.66 -7.69
C SER A 81 -8.78 4.76 -9.06
N ARG A 82 -9.56 5.81 -9.25
CA ARG A 82 -10.26 6.02 -10.52
C ARG A 82 -9.81 7.34 -11.17
N LEU A 83 -9.82 8.41 -10.39
CA LEU A 83 -9.41 9.72 -10.88
C LEU A 83 -8.44 10.39 -9.92
N ARG A 84 -8.06 11.62 -10.25
CA ARG A 84 -7.13 12.37 -9.41
C ARG A 84 -7.81 12.88 -8.15
N THR A 85 -8.92 13.59 -8.33
CA THR A 85 -9.67 14.13 -7.21
C THR A 85 -8.87 15.21 -6.48
N ALA A 86 -8.11 16.00 -7.23
CA ALA A 86 -7.31 17.06 -6.66
C ALA A 86 -6.36 16.50 -5.59
N SER A 87 -5.86 15.30 -5.81
CA SER A 87 -4.96 14.66 -4.86
C SER A 87 -4.00 15.68 -4.26
N GLY A 88 -3.93 15.71 -2.94
CA GLY A 88 -3.04 16.63 -2.25
C GLY A 88 -3.47 16.90 -0.82
N PRO A 89 -2.54 17.39 -0.01
CA PRO A 89 -2.80 17.70 1.41
C PRO A 89 -3.72 18.90 1.57
N SER A 90 -3.84 19.70 0.53
CA SER A 90 -4.69 20.89 0.56
C SER A 90 -5.97 20.62 1.32
N SER A 91 -6.43 21.62 2.07
CA SER A 91 -7.65 21.49 2.86
C SER A 91 -8.26 22.86 3.16
N GLY A 92 -9.50 22.85 3.65
CA GLY A 92 -10.17 24.10 3.96
C GLY A 92 -11.62 23.89 4.35
N GLY A 1 -10.38 21.30 -6.09
CA GLY A 1 -11.19 21.97 -5.08
C GLY A 1 -11.00 21.38 -3.71
N SER A 2 -11.92 21.68 -2.80
CA SER A 2 -11.85 21.18 -1.43
C SER A 2 -12.96 20.16 -1.17
N SER A 3 -12.78 19.37 -0.12
CA SER A 3 -13.75 18.35 0.24
C SER A 3 -13.38 17.68 1.56
N GLY A 4 -14.29 17.75 2.53
CA GLY A 4 -14.04 17.15 3.83
C GLY A 4 -13.53 15.74 3.72
N SER A 5 -12.66 15.35 4.64
CA SER A 5 -12.10 14.01 4.65
C SER A 5 -13.12 12.98 5.13
N SER A 6 -13.60 12.15 4.20
CA SER A 6 -14.59 11.13 4.54
C SER A 6 -13.91 9.84 4.98
N GLY A 7 -13.66 9.74 6.29
CA GLY A 7 -13.01 8.55 6.82
C GLY A 7 -11.59 8.37 6.31
N LYS A 8 -11.43 7.45 5.37
CA LYS A 8 -10.11 7.18 4.79
C LYS A 8 -9.01 7.30 5.84
N ALA A 9 -9.31 6.83 7.06
CA ALA A 9 -8.34 6.89 8.15
C ALA A 9 -7.07 6.12 7.80
N SER A 10 -7.21 4.84 7.51
CA SER A 10 -6.07 4.00 7.16
C SER A 10 -5.79 4.06 5.67
N THR A 11 -4.73 3.39 5.24
CA THR A 11 -4.34 3.36 3.83
C THR A 11 -4.10 1.95 3.35
N LYS A 12 -3.97 1.78 2.04
CA LYS A 12 -3.74 0.47 1.44
C LYS A 12 -2.83 0.58 0.22
N LEU A 13 -1.79 -0.24 0.19
CA LEU A 13 -0.84 -0.23 -0.93
C LEU A 13 -0.77 -1.61 -1.59
N HIS A 14 -0.97 -1.64 -2.90
CA HIS A 14 -0.92 -2.89 -3.65
C HIS A 14 0.46 -3.12 -4.24
N VAL A 15 0.92 -4.36 -4.20
CA VAL A 15 2.23 -4.71 -4.74
C VAL A 15 2.13 -5.85 -5.76
N GLY A 16 3.05 -5.85 -6.72
CA GLY A 16 3.04 -6.88 -7.74
C GLY A 16 4.40 -7.49 -7.96
N ASN A 17 4.44 -8.62 -8.66
CA ASN A 17 5.70 -9.31 -8.93
C ASN A 17 6.42 -9.67 -7.64
N ILE A 18 5.71 -10.36 -6.75
CA ILE A 18 6.29 -10.77 -5.47
C ILE A 18 7.02 -12.11 -5.59
N SER A 19 7.88 -12.39 -4.63
CA SER A 19 8.64 -13.64 -4.62
C SER A 19 7.89 -14.72 -3.86
N PRO A 20 8.01 -15.97 -4.35
CA PRO A 20 7.35 -17.12 -3.74
C PRO A 20 7.96 -17.49 -2.38
N THR A 21 9.03 -16.79 -2.02
CA THR A 21 9.70 -17.04 -0.75
C THR A 21 9.58 -15.84 0.18
N CYS A 22 8.97 -14.77 -0.31
CA CYS A 22 8.80 -13.56 0.48
C CYS A 22 8.08 -13.87 1.79
N THR A 23 8.49 -13.18 2.86
CA THR A 23 7.89 -13.38 4.17
C THR A 23 7.16 -12.13 4.64
N ASN A 24 6.00 -12.33 5.27
CA ASN A 24 5.20 -11.22 5.77
C ASN A 24 6.06 -10.26 6.58
N GLN A 25 7.02 -10.81 7.31
CA GLN A 25 7.90 -10.01 8.14
C GLN A 25 8.88 -9.20 7.29
N GLU A 26 9.19 -9.74 6.11
CA GLU A 26 10.12 -9.06 5.20
C GLU A 26 9.44 -7.89 4.52
N LEU A 27 8.34 -8.16 3.82
CA LEU A 27 7.59 -7.13 3.12
C LEU A 27 7.13 -6.04 4.08
N ARG A 28 6.45 -6.45 5.14
CA ARG A 28 5.95 -5.51 6.14
C ARG A 28 7.06 -4.56 6.60
N ALA A 29 8.18 -5.14 7.04
CA ALA A 29 9.31 -4.34 7.49
C ALA A 29 9.70 -3.29 6.47
N LYS A 30 9.95 -3.73 5.23
CA LYS A 30 10.33 -2.82 4.15
C LYS A 30 9.36 -1.64 4.07
N PHE A 31 8.12 -1.87 4.46
CA PHE A 31 7.10 -0.82 4.44
C PHE A 31 7.09 -0.05 5.76
N GLU A 32 7.38 -0.75 6.85
CA GLU A 32 7.39 -0.13 8.17
C GLU A 32 8.52 0.89 8.28
N GLU A 33 9.44 0.86 7.32
CA GLU A 33 10.58 1.78 7.31
C GLU A 33 10.11 3.20 7.06
N TYR A 34 8.89 3.35 6.54
CA TYR A 34 8.33 4.66 6.26
C TYR A 34 7.35 5.08 7.35
N GLY A 35 6.38 4.22 7.61
CA GLY A 35 5.38 4.50 8.64
C GLY A 35 4.92 3.27 9.38
N PRO A 36 4.15 3.46 10.46
CA PRO A 36 3.64 2.37 11.27
C PRO A 36 2.58 1.55 10.54
N VAL A 37 3.03 0.52 9.82
CA VAL A 37 2.12 -0.34 9.08
C VAL A 37 1.05 -0.92 9.99
N ILE A 38 -0.09 -1.30 9.41
CA ILE A 38 -1.18 -1.87 10.17
C ILE A 38 -1.26 -3.39 9.96
N GLU A 39 -1.41 -3.80 8.71
CA GLU A 39 -1.50 -5.21 8.37
C GLU A 39 -1.05 -5.46 6.94
N CYS A 40 -0.09 -6.39 6.79
CA CYS A 40 0.43 -6.71 5.47
C CYS A 40 0.09 -8.15 5.09
N ASP A 41 -0.30 -8.36 3.84
CA ASP A 41 -0.66 -9.68 3.35
C ASP A 41 0.00 -9.96 2.01
N ILE A 42 0.71 -11.08 1.92
CA ILE A 42 1.39 -11.47 0.68
C ILE A 42 0.48 -12.33 -0.19
N VAL A 43 0.64 -12.19 -1.50
CA VAL A 43 -0.16 -12.95 -2.46
C VAL A 43 0.73 -13.68 -3.46
N LYS A 44 0.12 -14.52 -4.28
CA LYS A 44 0.85 -15.27 -5.30
C LYS A 44 1.97 -14.43 -5.89
N ASP A 45 1.61 -13.48 -6.74
CA ASP A 45 2.59 -12.60 -7.38
C ASP A 45 2.36 -11.15 -6.98
N TYR A 46 1.45 -10.93 -6.04
CA TYR A 46 1.12 -9.59 -5.57
C TYR A 46 1.06 -9.54 -4.05
N ALA A 47 0.73 -8.37 -3.51
CA ALA A 47 0.62 -8.20 -2.07
C ALA A 47 -0.15 -6.93 -1.73
N PHE A 48 -0.45 -6.75 -0.45
CA PHE A 48 -1.19 -5.57 0.01
C PHE A 48 -0.72 -5.15 1.40
N VAL A 49 -0.15 -3.95 1.48
CA VAL A 49 0.34 -3.42 2.75
C VAL A 49 -0.62 -2.37 3.32
N HIS A 50 -1.39 -2.77 4.32
CA HIS A 50 -2.34 -1.86 4.94
C HIS A 50 -1.63 -0.83 5.82
N MET A 51 -1.52 0.39 5.31
CA MET A 51 -0.85 1.45 6.05
C MET A 51 -1.84 2.19 6.95
N GLU A 52 -1.33 3.15 7.72
CA GLU A 52 -2.17 3.92 8.63
C GLU A 52 -2.35 5.35 8.12
N ARG A 53 -1.24 6.06 7.98
CA ARG A 53 -1.27 7.44 7.50
C ARG A 53 -0.92 7.52 6.02
N ALA A 54 -1.47 8.50 5.33
CA ALA A 54 -1.21 8.69 3.91
C ALA A 54 0.23 9.14 3.66
N GLU A 55 0.65 10.17 4.39
CA GLU A 55 2.01 10.70 4.26
C GLU A 55 3.03 9.57 4.33
N ASP A 56 2.66 8.47 4.97
CA ASP A 56 3.55 7.33 5.11
C ASP A 56 3.35 6.34 3.96
N ALA A 57 2.09 6.12 3.59
CA ALA A 57 1.76 5.20 2.51
C ALA A 57 2.31 5.70 1.18
N VAL A 58 2.05 6.97 0.87
CA VAL A 58 2.52 7.56 -0.37
C VAL A 58 4.03 7.46 -0.49
N GLU A 59 4.73 7.69 0.62
CA GLU A 59 6.18 7.63 0.64
C GLU A 59 6.67 6.19 0.44
N ALA A 60 6.11 5.27 1.22
CA ALA A 60 6.49 3.87 1.13
C ALA A 60 6.47 3.39 -0.32
N ILE A 61 5.56 3.94 -1.12
CA ILE A 61 5.45 3.57 -2.52
C ILE A 61 6.59 4.18 -3.34
N ARG A 62 6.60 5.51 -3.43
CA ARG A 62 7.64 6.21 -4.18
C ARG A 62 9.02 5.68 -3.83
N GLY A 63 9.12 5.02 -2.67
CA GLY A 63 10.40 4.47 -2.24
C GLY A 63 10.52 3.00 -2.52
N LEU A 64 9.47 2.24 -2.23
CA LEU A 64 9.47 0.80 -2.46
C LEU A 64 8.98 0.48 -3.87
N ASP A 65 8.70 1.52 -4.65
CA ASP A 65 8.23 1.35 -6.01
C ASP A 65 9.37 0.91 -6.93
N ASN A 66 9.10 -0.07 -7.78
CA ASN A 66 10.11 -0.58 -8.70
C ASN A 66 11.43 -0.80 -8.00
N THR A 67 11.41 -1.60 -6.93
CA THR A 67 12.60 -1.90 -6.16
C THR A 67 12.84 -3.40 -6.08
N GLU A 68 14.03 -3.84 -6.47
CA GLU A 68 14.38 -5.25 -6.44
C GLU A 68 14.15 -5.83 -5.05
N PHE A 69 13.10 -6.63 -4.92
CA PHE A 69 12.76 -7.26 -3.64
C PHE A 69 13.05 -8.75 -3.67
N GLN A 70 13.85 -9.22 -2.73
CA GLN A 70 14.21 -10.63 -2.64
C GLN A 70 14.71 -11.13 -3.99
N GLY A 71 15.23 -10.23 -4.80
CA GLY A 71 15.72 -10.62 -6.12
C GLY A 71 14.89 -10.04 -7.25
N LYS A 72 13.58 -10.16 -7.13
CA LYS A 72 12.67 -9.64 -8.15
C LYS A 72 12.07 -8.30 -7.72
N ARG A 73 12.01 -7.36 -8.64
CA ARG A 73 11.45 -6.04 -8.36
C ARG A 73 9.93 -6.07 -8.41
N MET A 74 9.30 -5.49 -7.38
CA MET A 74 7.85 -5.44 -7.31
C MET A 74 7.34 -4.02 -7.49
N HIS A 75 6.17 -3.89 -8.11
CA HIS A 75 5.56 -2.57 -8.35
C HIS A 75 4.59 -2.22 -7.23
N VAL A 76 4.83 -1.09 -6.58
CA VAL A 76 3.96 -0.64 -5.49
C VAL A 76 3.13 0.56 -5.92
N GLN A 77 1.83 0.50 -5.62
CA GLN A 77 0.92 1.58 -5.97
C GLN A 77 -0.34 1.53 -5.12
N LEU A 78 -1.16 2.58 -5.21
CA LEU A 78 -2.39 2.65 -4.45
C LEU A 78 -3.27 1.42 -4.69
N SER A 79 -3.96 0.99 -3.65
CA SER A 79 -4.83 -0.18 -3.74
C SER A 79 -6.22 0.21 -4.22
N THR A 80 -6.89 1.05 -3.42
CA THR A 80 -8.23 1.50 -3.76
C THR A 80 -8.20 2.50 -4.92
N SER A 81 -8.31 1.97 -6.14
CA SER A 81 -8.29 2.81 -7.33
C SER A 81 -9.71 3.08 -7.83
N ARG A 82 -10.63 3.28 -6.89
CA ARG A 82 -12.03 3.54 -7.23
C ARG A 82 -12.32 5.03 -7.18
N LEU A 83 -13.00 5.53 -8.20
CA LEU A 83 -13.35 6.94 -8.27
C LEU A 83 -14.86 7.13 -8.35
N ARG A 84 -15.49 7.36 -7.20
CA ARG A 84 -16.93 7.56 -7.13
C ARG A 84 -17.30 9.00 -7.47
N THR A 85 -18.35 9.17 -8.27
CA THR A 85 -18.80 10.48 -8.67
C THR A 85 -19.30 11.29 -7.48
N ALA A 86 -20.14 10.66 -6.65
CA ALA A 86 -20.68 11.31 -5.47
C ALA A 86 -19.65 12.26 -4.85
N SER A 87 -19.84 13.56 -5.07
CA SER A 87 -18.94 14.57 -4.54
C SER A 87 -19.15 14.75 -3.05
N GLY A 88 -20.32 15.26 -2.67
CA GLY A 88 -20.62 15.48 -1.28
C GLY A 88 -21.93 14.81 -0.86
N PRO A 89 -21.86 13.52 -0.52
CA PRO A 89 -23.03 12.75 -0.09
C PRO A 89 -23.54 13.18 1.28
N SER A 90 -22.61 13.40 2.20
CA SER A 90 -22.97 13.81 3.55
C SER A 90 -23.60 15.20 3.55
N SER A 91 -22.94 16.14 2.88
CA SER A 91 -23.42 17.51 2.80
C SER A 91 -22.96 18.19 1.52
N GLY A 92 -23.85 18.94 0.88
CA GLY A 92 -23.50 19.62 -0.34
C GLY A 92 -24.60 19.53 -1.38
N GLY A 1 -0.10 23.18 1.41
CA GLY A 1 -0.92 22.57 2.44
C GLY A 1 -2.10 23.44 2.81
N SER A 2 -2.58 23.30 4.05
CA SER A 2 -3.72 24.07 4.52
C SER A 2 -4.93 23.87 3.60
N SER A 3 -5.15 22.63 3.19
CA SER A 3 -6.27 22.31 2.32
C SER A 3 -7.44 21.72 3.11
N GLY A 4 -7.71 22.31 4.27
CA GLY A 4 -8.80 21.83 5.10
C GLY A 4 -8.61 20.38 5.52
N SER A 5 -9.70 19.76 5.99
CA SER A 5 -9.65 18.38 6.43
C SER A 5 -10.76 17.56 5.78
N SER A 6 -10.44 16.89 4.68
CA SER A 6 -11.40 16.07 3.96
C SER A 6 -11.80 14.85 4.77
N GLY A 7 -10.80 14.07 5.18
CA GLY A 7 -11.06 12.88 5.96
C GLY A 7 -9.78 12.18 6.40
N LYS A 8 -9.78 11.66 7.62
CA LYS A 8 -8.62 10.97 8.17
C LYS A 8 -8.88 9.47 8.26
N ALA A 9 -8.45 8.72 7.25
CA ALA A 9 -8.63 7.27 7.23
C ALA A 9 -7.32 6.56 6.91
N SER A 10 -7.31 5.25 7.10
CA SER A 10 -6.12 4.45 6.83
C SER A 10 -5.76 4.49 5.35
N THR A 11 -4.71 3.77 4.97
CA THR A 11 -4.26 3.73 3.59
C THR A 11 -3.98 2.29 3.15
N LYS A 12 -3.92 2.08 1.84
CA LYS A 12 -3.66 0.76 1.29
C LYS A 12 -2.66 0.84 0.14
N LEU A 13 -1.73 -0.10 0.12
CA LEU A 13 -0.71 -0.15 -0.93
C LEU A 13 -0.63 -1.53 -1.57
N HIS A 14 -0.90 -1.59 -2.87
CA HIS A 14 -0.87 -2.86 -3.60
C HIS A 14 0.52 -3.11 -4.18
N VAL A 15 0.95 -4.37 -4.12
CA VAL A 15 2.27 -4.75 -4.63
C VAL A 15 2.15 -5.89 -5.63
N GLY A 16 3.02 -5.88 -6.64
CA GLY A 16 3.00 -6.92 -7.65
C GLY A 16 4.37 -7.52 -7.89
N ASN A 17 4.41 -8.64 -8.58
CA ASN A 17 5.67 -9.32 -8.89
C ASN A 17 6.41 -9.69 -7.60
N ILE A 18 5.73 -10.42 -6.73
CA ILE A 18 6.32 -10.84 -5.46
C ILE A 18 7.07 -12.16 -5.62
N SER A 19 7.98 -12.43 -4.68
CA SER A 19 8.77 -13.65 -4.71
C SER A 19 8.07 -14.78 -3.96
N PRO A 20 8.40 -16.02 -4.31
CA PRO A 20 7.82 -17.21 -3.67
C PRO A 20 8.29 -17.38 -2.23
N THR A 21 9.49 -16.88 -1.94
CA THR A 21 10.06 -16.98 -0.60
C THR A 21 9.77 -15.72 0.21
N CYS A 22 8.97 -14.83 -0.35
CA CYS A 22 8.62 -13.58 0.32
C CYS A 22 7.86 -13.86 1.62
N THR A 23 8.25 -13.16 2.68
CA THR A 23 7.60 -13.34 3.98
C THR A 23 7.04 -12.03 4.50
N ASN A 24 5.94 -12.10 5.23
CA ASN A 24 5.30 -10.92 5.78
C ASN A 24 6.30 -10.07 6.57
N GLN A 25 7.09 -10.73 7.41
CA GLN A 25 8.08 -10.04 8.22
C GLN A 25 9.01 -9.20 7.36
N GLU A 26 9.30 -9.71 6.16
CA GLU A 26 10.18 -9.00 5.23
C GLU A 26 9.45 -7.80 4.60
N LEU A 27 8.32 -8.09 3.96
CA LEU A 27 7.53 -7.05 3.30
C LEU A 27 7.07 -6.00 4.32
N ARG A 28 6.27 -6.43 5.29
CA ARG A 28 5.77 -5.53 6.32
C ARG A 28 6.89 -4.69 6.90
N ALA A 29 7.96 -5.35 7.34
CA ALA A 29 9.11 -4.66 7.92
C ALA A 29 9.56 -3.50 7.03
N LYS A 30 9.87 -3.83 5.77
CA LYS A 30 10.32 -2.82 4.82
C LYS A 30 9.34 -1.64 4.77
N PHE A 31 8.05 -1.95 4.68
CA PHE A 31 7.04 -0.91 4.63
C PHE A 31 6.92 -0.19 5.96
N GLU A 32 7.29 -0.88 7.04
CA GLU A 32 7.23 -0.29 8.38
C GLU A 32 8.26 0.80 8.53
N GLU A 33 9.29 0.78 7.68
CA GLU A 33 10.35 1.78 7.72
C GLU A 33 9.79 3.17 7.45
N TYR A 34 8.68 3.23 6.73
CA TYR A 34 8.05 4.50 6.39
C TYR A 34 7.04 4.91 7.46
N GLY A 35 6.11 3.99 7.76
CA GLY A 35 5.10 4.28 8.77
C GLY A 35 4.67 3.04 9.52
N PRO A 36 3.88 3.24 10.58
CA PRO A 36 3.37 2.14 11.40
C PRO A 36 2.35 1.28 10.67
N VAL A 37 2.84 0.33 9.87
CA VAL A 37 1.96 -0.56 9.12
C VAL A 37 0.84 -1.12 10.00
N ILE A 38 -0.31 -1.36 9.39
CA ILE A 38 -1.45 -1.90 10.12
C ILE A 38 -1.58 -3.41 9.91
N GLU A 39 -1.77 -3.80 8.66
CA GLU A 39 -1.91 -5.22 8.32
C GLU A 39 -1.32 -5.52 6.95
N CYS A 40 -0.31 -6.37 6.91
CA CYS A 40 0.34 -6.73 5.66
C CYS A 40 0.00 -8.16 5.27
N ASP A 41 -0.27 -8.37 3.99
CA ASP A 41 -0.62 -9.69 3.48
C ASP A 41 0.07 -9.96 2.13
N ILE A 42 0.63 -11.15 2.00
CA ILE A 42 1.31 -11.52 0.77
C ILE A 42 0.42 -12.39 -0.12
N VAL A 43 0.70 -12.38 -1.43
CA VAL A 43 -0.07 -13.17 -2.37
C VAL A 43 0.83 -13.84 -3.40
N LYS A 44 0.24 -14.69 -4.23
CA LYS A 44 0.99 -15.40 -5.26
C LYS A 44 2.10 -14.52 -5.82
N ASP A 45 1.73 -13.55 -6.66
CA ASP A 45 2.70 -12.64 -7.26
C ASP A 45 2.39 -11.20 -6.89
N TYR A 46 1.53 -11.02 -5.90
CA TYR A 46 1.14 -9.69 -5.45
C TYR A 46 1.07 -9.62 -3.93
N ALA A 47 0.80 -8.43 -3.40
CA ALA A 47 0.70 -8.24 -1.96
C ALA A 47 -0.11 -6.99 -1.64
N PHE A 48 -0.40 -6.80 -0.35
CA PHE A 48 -1.17 -5.65 0.10
C PHE A 48 -0.70 -5.17 1.48
N VAL A 49 -0.27 -3.92 1.55
CA VAL A 49 0.20 -3.34 2.81
C VAL A 49 -0.71 -2.20 3.26
N HIS A 50 -1.46 -2.45 4.34
CA HIS A 50 -2.36 -1.45 4.89
C HIS A 50 -1.60 -0.46 5.76
N MET A 51 -1.55 0.80 5.31
CA MET A 51 -0.86 1.84 6.07
C MET A 51 -1.83 2.62 6.94
N GLU A 52 -1.30 3.42 7.86
CA GLU A 52 -2.13 4.21 8.77
C GLU A 52 -2.24 5.65 8.26
N ARG A 53 -1.10 6.28 8.01
CA ARG A 53 -1.08 7.66 7.54
C ARG A 53 -0.85 7.70 6.03
N ALA A 54 -1.33 8.77 5.40
CA ALA A 54 -1.17 8.94 3.95
C ALA A 54 0.28 9.25 3.59
N GLU A 55 0.85 10.24 4.27
CA GLU A 55 2.22 10.64 4.01
C GLU A 55 3.16 9.45 4.11
N ASP A 56 2.86 8.53 5.03
CA ASP A 56 3.68 7.35 5.22
C ASP A 56 3.49 6.35 4.09
N ALA A 57 2.25 6.28 3.58
CA ALA A 57 1.93 5.37 2.49
C ALA A 57 2.50 5.88 1.16
N VAL A 58 2.14 7.11 0.80
CA VAL A 58 2.63 7.71 -0.43
C VAL A 58 4.14 7.54 -0.58
N GLU A 59 4.85 7.66 0.54
CA GLU A 59 6.29 7.51 0.54
C GLU A 59 6.70 6.06 0.31
N ALA A 60 6.11 5.16 1.10
CA ALA A 60 6.42 3.74 1.00
C ALA A 60 6.30 3.26 -0.44
N ILE A 61 5.60 4.03 -1.25
CA ILE A 61 5.41 3.68 -2.66
C ILE A 61 6.53 4.26 -3.53
N ARG A 62 6.62 5.58 -3.56
CA ARG A 62 7.64 6.27 -4.34
C ARG A 62 9.03 5.69 -4.03
N GLY A 63 9.15 5.04 -2.88
CA GLY A 63 10.43 4.46 -2.50
C GLY A 63 10.53 3.00 -2.87
N LEU A 64 9.53 2.21 -2.46
CA LEU A 64 9.52 0.78 -2.75
C LEU A 64 9.01 0.52 -4.16
N ASP A 65 8.65 1.59 -4.87
CA ASP A 65 8.14 1.47 -6.23
C ASP A 65 9.24 1.03 -7.18
N ASN A 66 9.05 -0.14 -7.80
CA ASN A 66 10.03 -0.69 -8.73
C ASN A 66 11.35 -0.96 -8.03
N THR A 67 11.29 -1.65 -6.90
CA THR A 67 12.49 -1.98 -6.13
C THR A 67 12.77 -3.48 -6.16
N GLU A 68 14.00 -3.84 -6.50
CA GLU A 68 14.39 -5.24 -6.56
C GLU A 68 14.14 -5.94 -5.23
N PHE A 69 13.12 -6.79 -5.20
CA PHE A 69 12.77 -7.52 -3.99
C PHE A 69 13.20 -8.99 -4.09
N GLN A 70 14.15 -9.38 -3.26
CA GLN A 70 14.65 -10.75 -3.26
C GLN A 70 15.10 -11.17 -4.65
N GLY A 71 15.50 -10.18 -5.46
CA GLY A 71 15.95 -10.48 -6.81
C GLY A 71 15.00 -9.94 -7.86
N LYS A 72 13.70 -10.10 -7.62
CA LYS A 72 12.68 -9.63 -8.56
C LYS A 72 12.07 -8.32 -8.08
N ARG A 73 11.99 -7.34 -8.98
CA ARG A 73 11.43 -6.04 -8.65
C ARG A 73 9.90 -6.11 -8.59
N MET A 74 9.32 -5.42 -7.62
CA MET A 74 7.87 -5.40 -7.46
C MET A 74 7.32 -3.98 -7.65
N HIS A 75 6.09 -3.90 -8.14
CA HIS A 75 5.44 -2.61 -8.38
C HIS A 75 4.51 -2.25 -7.22
N VAL A 76 4.80 -1.13 -6.56
CA VAL A 76 4.00 -0.68 -5.43
C VAL A 76 3.17 0.54 -5.82
N GLN A 77 1.89 0.53 -5.46
CA GLN A 77 1.00 1.63 -5.76
C GLN A 77 -0.25 1.59 -4.88
N LEU A 78 -1.16 2.52 -5.11
CA LEU A 78 -2.40 2.59 -4.33
C LEU A 78 -3.31 1.41 -4.66
N SER A 79 -3.94 0.85 -3.63
CA SER A 79 -4.84 -0.28 -3.81
C SER A 79 -6.23 0.19 -4.22
N THR A 80 -6.28 1.17 -5.11
CA THR A 80 -7.55 1.72 -5.58
C THR A 80 -8.50 1.98 -4.42
N SER A 81 -7.95 2.26 -3.26
CA SER A 81 -8.74 2.52 -2.07
C SER A 81 -10.03 3.25 -2.43
N ARG A 82 -11.16 2.70 -2.01
CA ARG A 82 -12.46 3.29 -2.30
C ARG A 82 -12.98 4.07 -1.09
N LEU A 83 -12.66 5.35 -1.05
CA LEU A 83 -13.10 6.21 0.05
C LEU A 83 -14.59 6.52 -0.05
N ARG A 84 -15.33 6.16 0.99
CA ARG A 84 -16.77 6.39 1.02
C ARG A 84 -17.23 6.70 2.44
N THR A 85 -18.07 7.73 2.56
CA THR A 85 -18.59 8.14 3.87
C THR A 85 -20.10 8.38 3.81
N ALA A 86 -20.82 7.85 4.79
CA ALA A 86 -22.27 8.01 4.84
C ALA A 86 -22.64 9.47 5.10
N SER A 87 -23.55 9.99 4.28
CA SER A 87 -23.99 11.38 4.40
C SER A 87 -25.08 11.50 5.47
N GLY A 88 -26.07 10.62 5.40
CA GLY A 88 -27.16 10.64 6.36
C GLY A 88 -28.51 10.87 5.70
N PRO A 89 -29.02 9.83 5.03
CA PRO A 89 -30.32 9.89 4.34
C PRO A 89 -31.49 9.97 5.32
N SER A 90 -31.18 9.91 6.61
CA SER A 90 -32.21 9.97 7.65
C SER A 90 -32.43 11.41 8.11
N SER A 91 -31.33 12.12 8.38
CA SER A 91 -31.40 13.49 8.83
C SER A 91 -30.61 14.42 7.90
N GLY A 92 -31.32 15.35 7.27
CA GLY A 92 -30.68 16.27 6.35
C GLY A 92 -31.58 16.68 5.21
N GLY A 1 -21.73 9.75 -0.02
CA GLY A 1 -23.17 9.73 -0.21
C GLY A 1 -23.74 8.33 -0.14
N SER A 2 -23.34 7.48 -1.08
CA SER A 2 -23.81 6.10 -1.11
C SER A 2 -22.82 5.15 -0.45
N SER A 3 -21.55 5.29 -0.81
CA SER A 3 -20.50 4.44 -0.25
C SER A 3 -20.74 4.18 1.23
N GLY A 4 -20.94 5.26 1.99
CA GLY A 4 -21.18 5.13 3.41
C GLY A 4 -19.92 5.35 4.24
N SER A 5 -18.99 4.41 4.14
CA SER A 5 -17.74 4.49 4.87
C SER A 5 -16.69 5.27 4.08
N SER A 6 -16.47 6.51 4.48
CA SER A 6 -15.50 7.36 3.81
C SER A 6 -14.57 8.03 4.83
N GLY A 7 -13.43 8.51 4.36
CA GLY A 7 -12.48 9.17 5.23
C GLY A 7 -11.05 8.66 5.04
N LYS A 8 -10.14 9.16 5.86
CA LYS A 8 -8.75 8.76 5.78
C LYS A 8 -8.38 7.83 6.93
N ALA A 9 -9.26 6.89 7.23
CA ALA A 9 -9.03 5.94 8.31
C ALA A 9 -7.69 5.24 8.15
N SER A 10 -7.52 4.55 7.02
CA SER A 10 -6.29 3.83 6.73
C SER A 10 -5.92 3.93 5.26
N THR A 11 -4.80 3.31 4.89
CA THR A 11 -4.35 3.32 3.50
C THR A 11 -3.95 1.92 3.04
N LYS A 12 -4.14 1.64 1.76
CA LYS A 12 -3.81 0.35 1.19
C LYS A 12 -2.78 0.49 0.08
N LEU A 13 -1.79 -0.39 0.07
CA LEU A 13 -0.74 -0.36 -0.95
C LEU A 13 -0.62 -1.72 -1.64
N HIS A 14 -1.00 -1.76 -2.91
CA HIS A 14 -0.94 -2.99 -3.70
C HIS A 14 0.45 -3.17 -4.29
N VAL A 15 0.94 -4.41 -4.24
CA VAL A 15 2.26 -4.72 -4.78
C VAL A 15 2.19 -5.86 -5.79
N GLY A 16 3.04 -5.79 -6.81
CA GLY A 16 3.06 -6.82 -7.83
C GLY A 16 4.43 -7.42 -8.04
N ASN A 17 4.47 -8.62 -8.61
CA ASN A 17 5.74 -9.31 -8.85
C ASN A 17 6.44 -9.64 -7.54
N ILE A 18 5.73 -10.31 -6.64
CA ILE A 18 6.29 -10.68 -5.35
C ILE A 18 7.04 -12.01 -5.43
N SER A 19 7.95 -12.23 -4.50
CA SER A 19 8.74 -13.46 -4.46
C SER A 19 7.97 -14.57 -3.75
N PRO A 20 8.14 -15.81 -4.23
CA PRO A 20 7.49 -16.98 -3.66
C PRO A 20 8.05 -17.34 -2.28
N THR A 21 9.13 -16.66 -1.89
CA THR A 21 9.75 -16.91 -0.59
C THR A 21 9.54 -15.73 0.35
N CYS A 22 8.99 -14.65 -0.17
CA CYS A 22 8.73 -13.46 0.62
C CYS A 22 7.91 -13.80 1.86
N THR A 23 8.24 -13.16 2.97
CA THR A 23 7.54 -13.39 4.23
C THR A 23 6.87 -12.11 4.73
N ASN A 24 5.74 -12.26 5.41
CA ASN A 24 5.01 -11.12 5.94
C ASN A 24 5.94 -10.20 6.73
N GLN A 25 6.93 -10.79 7.39
CA GLN A 25 7.89 -10.02 8.17
C GLN A 25 8.83 -9.23 7.26
N GLU A 26 9.10 -9.78 6.08
CA GLU A 26 9.97 -9.12 5.12
C GLU A 26 9.28 -7.93 4.47
N LEU A 27 8.16 -8.20 3.80
CA LEU A 27 7.40 -7.15 3.12
C LEU A 27 6.97 -6.08 4.11
N ARG A 28 6.32 -6.50 5.19
CA ARG A 28 5.85 -5.57 6.21
C ARG A 28 6.98 -4.65 6.66
N ALA A 29 8.06 -5.25 7.16
CA ALA A 29 9.20 -4.48 7.63
C ALA A 29 9.63 -3.44 6.60
N LYS A 30 9.86 -3.89 5.37
CA LYS A 30 10.26 -3.00 4.30
C LYS A 30 9.37 -1.76 4.24
N PHE A 31 8.09 -1.94 4.56
CA PHE A 31 7.13 -0.85 4.55
C PHE A 31 7.12 -0.12 5.89
N GLU A 32 7.41 -0.86 6.96
CA GLU A 32 7.43 -0.28 8.29
C GLU A 32 8.49 0.81 8.40
N GLU A 33 9.51 0.71 7.55
CA GLU A 33 10.60 1.69 7.55
C GLU A 33 10.07 3.09 7.27
N TYR A 34 8.94 3.16 6.58
CA TYR A 34 8.33 4.45 6.23
C TYR A 34 7.40 4.91 7.34
N GLY A 35 6.48 4.04 7.74
CA GLY A 35 5.54 4.38 8.79
C GLY A 35 5.02 3.15 9.53
N PRO A 36 4.21 3.38 10.57
CA PRO A 36 3.64 2.31 11.39
C PRO A 36 2.59 1.50 10.62
N VAL A 37 3.04 0.43 9.96
CA VAL A 37 2.14 -0.42 9.20
C VAL A 37 1.05 -1.01 10.08
N ILE A 38 -0.10 -1.28 9.49
CA ILE A 38 -1.23 -1.86 10.22
C ILE A 38 -1.31 -3.36 10.00
N GLU A 39 -1.47 -3.76 8.75
CA GLU A 39 -1.59 -5.17 8.40
C GLU A 39 -1.14 -5.42 6.96
N CYS A 40 -0.15 -6.29 6.78
CA CYS A 40 0.36 -6.61 5.46
C CYS A 40 0.04 -8.05 5.09
N ASP A 41 -0.29 -8.26 3.82
CA ASP A 41 -0.62 -9.60 3.33
C ASP A 41 0.09 -9.90 2.01
N ILE A 42 0.65 -11.09 1.91
CA ILE A 42 1.37 -11.50 0.70
C ILE A 42 0.50 -12.38 -0.19
N VAL A 43 0.72 -12.30 -1.49
CA VAL A 43 -0.04 -13.09 -2.45
C VAL A 43 0.88 -13.78 -3.45
N LYS A 44 0.29 -14.63 -4.29
CA LYS A 44 1.06 -15.35 -5.31
C LYS A 44 2.17 -14.46 -5.89
N ASP A 45 1.76 -13.48 -6.68
CA ASP A 45 2.72 -12.56 -7.29
C ASP A 45 2.40 -11.12 -6.92
N TYR A 46 1.49 -10.93 -5.96
CA TYR A 46 1.09 -9.61 -5.52
C TYR A 46 1.01 -9.55 -3.99
N ALA A 47 0.74 -8.37 -3.47
CA ALA A 47 0.62 -8.17 -2.02
C ALA A 47 -0.23 -6.95 -1.70
N PHE A 48 -0.38 -6.67 -0.41
CA PHE A 48 -1.17 -5.53 0.03
C PHE A 48 -0.75 -5.08 1.43
N VAL A 49 -0.17 -3.89 1.50
CA VAL A 49 0.29 -3.33 2.77
C VAL A 49 -0.68 -2.29 3.30
N HIS A 50 -1.34 -2.61 4.41
CA HIS A 50 -2.30 -1.70 5.02
C HIS A 50 -1.59 -0.66 5.88
N MET A 51 -1.44 0.54 5.34
CA MET A 51 -0.77 1.62 6.05
C MET A 51 -1.77 2.38 6.93
N GLU A 52 -1.25 3.20 7.83
CA GLU A 52 -2.09 3.99 8.73
C GLU A 52 -2.31 5.39 8.19
N ARG A 53 -1.21 6.12 7.99
CA ARG A 53 -1.28 7.48 7.48
C ARG A 53 -0.89 7.53 6.00
N ALA A 54 -1.39 8.53 5.29
CA ALA A 54 -1.09 8.68 3.86
C ALA A 54 0.40 8.98 3.66
N GLU A 55 0.88 10.03 4.31
CA GLU A 55 2.28 10.43 4.18
C GLU A 55 3.20 9.21 4.22
N ASP A 56 2.82 8.21 5.02
CA ASP A 56 3.61 6.99 5.13
C ASP A 56 3.37 6.07 3.94
N ALA A 57 2.11 6.01 3.49
CA ALA A 57 1.75 5.17 2.36
C ALA A 57 2.36 5.70 1.07
N VAL A 58 2.05 6.95 0.75
CA VAL A 58 2.56 7.59 -0.46
C VAL A 58 4.08 7.46 -0.55
N GLU A 59 4.75 7.59 0.58
CA GLU A 59 6.20 7.48 0.64
C GLU A 59 6.65 6.05 0.39
N ALA A 60 6.08 5.12 1.16
CA ALA A 60 6.43 3.71 1.01
C ALA A 60 6.40 3.28 -0.44
N ILE A 61 5.59 3.95 -1.25
CA ILE A 61 5.49 3.64 -2.67
C ILE A 61 6.61 4.29 -3.46
N ARG A 62 6.64 5.62 -3.48
CA ARG A 62 7.67 6.35 -4.20
C ARG A 62 9.05 5.75 -3.94
N GLY A 63 9.17 5.03 -2.83
CA GLY A 63 10.44 4.40 -2.49
C GLY A 63 10.51 2.95 -2.90
N LEU A 64 9.52 2.17 -2.46
CA LEU A 64 9.47 0.75 -2.78
C LEU A 64 8.92 0.53 -4.18
N ASP A 65 8.64 1.62 -4.89
CA ASP A 65 8.12 1.55 -6.25
C ASP A 65 9.22 1.23 -7.24
N ASN A 66 9.18 0.02 -7.79
CA ASN A 66 10.18 -0.41 -8.77
C ASN A 66 11.53 -0.67 -8.08
N THR A 67 11.49 -1.47 -7.00
CA THR A 67 12.71 -1.79 -6.26
C THR A 67 12.91 -3.30 -6.18
N GLU A 68 14.06 -3.76 -6.63
CA GLU A 68 14.38 -5.18 -6.61
C GLU A 68 14.15 -5.77 -5.22
N PHE A 69 13.04 -6.49 -5.07
CA PHE A 69 12.69 -7.10 -3.79
C PHE A 69 13.02 -8.60 -3.80
N GLN A 70 13.78 -9.03 -2.81
CA GLN A 70 14.17 -10.43 -2.69
C GLN A 70 14.67 -10.96 -4.04
N GLY A 71 15.27 -10.07 -4.83
CA GLY A 71 15.78 -10.48 -6.13
C GLY A 71 14.93 -9.95 -7.27
N LYS A 72 13.61 -10.05 -7.12
CA LYS A 72 12.69 -9.59 -8.15
C LYS A 72 12.08 -8.25 -7.76
N ARG A 73 11.97 -7.35 -8.74
CA ARG A 73 11.40 -6.03 -8.49
C ARG A 73 9.87 -6.09 -8.51
N MET A 74 9.25 -5.41 -7.55
CA MET A 74 7.79 -5.39 -7.46
C MET A 74 7.26 -3.96 -7.60
N HIS A 75 6.09 -3.85 -8.22
CA HIS A 75 5.47 -2.54 -8.42
C HIS A 75 4.51 -2.20 -7.28
N VAL A 76 4.79 -1.11 -6.57
CA VAL A 76 3.96 -0.69 -5.45
C VAL A 76 3.11 0.52 -5.83
N GLN A 77 1.82 0.45 -5.52
CA GLN A 77 0.90 1.54 -5.83
C GLN A 77 -0.34 1.47 -4.95
N LEU A 78 -1.23 2.44 -5.11
CA LEU A 78 -2.46 2.49 -4.33
C LEU A 78 -3.42 1.39 -4.76
N SER A 79 -4.04 0.72 -3.78
CA SER A 79 -4.98 -0.36 -4.07
C SER A 79 -6.35 0.20 -4.41
N THR A 80 -6.85 1.10 -3.57
CA THR A 80 -8.16 1.71 -3.77
C THR A 80 -8.07 3.23 -3.74
N SER A 81 -8.03 3.84 -4.92
CA SER A 81 -7.93 5.29 -5.02
C SER A 81 -9.32 5.91 -5.21
N ARG A 82 -10.04 6.09 -4.11
CA ARG A 82 -11.38 6.67 -4.16
C ARG A 82 -11.42 7.85 -5.12
N LEU A 83 -10.36 8.65 -5.11
CA LEU A 83 -10.27 9.82 -5.99
C LEU A 83 -8.82 10.26 -6.16
N ARG A 84 -8.58 11.06 -7.20
CA ARG A 84 -7.24 11.55 -7.49
C ARG A 84 -7.22 13.07 -7.57
N THR A 85 -8.20 13.70 -6.93
CA THR A 85 -8.30 15.16 -6.94
C THR A 85 -8.11 15.73 -5.53
N ALA A 86 -7.07 16.55 -5.36
CA ALA A 86 -6.78 17.16 -4.08
C ALA A 86 -6.69 18.67 -4.19
N SER A 87 -7.83 19.35 -4.02
CA SER A 87 -7.88 20.80 -4.12
C SER A 87 -6.96 21.31 -5.24
N GLY A 88 -6.95 20.59 -6.35
CA GLY A 88 -6.11 20.98 -7.48
C GLY A 88 -6.60 22.25 -8.15
N PRO A 89 -7.63 22.12 -9.01
CA PRO A 89 -8.21 23.25 -9.73
C PRO A 89 -8.97 24.20 -8.80
N SER A 90 -9.07 25.46 -9.22
CA SER A 90 -9.77 26.47 -8.43
C SER A 90 -10.58 27.40 -9.33
N SER A 91 -11.30 28.32 -8.71
CA SER A 91 -12.12 29.28 -9.46
C SER A 91 -12.09 30.65 -8.80
N GLY A 92 -12.47 31.68 -9.56
CA GLY A 92 -12.48 33.03 -9.03
C GLY A 92 -11.10 33.51 -8.63
N GLY A 1 8.53 19.27 1.53
CA GLY A 1 7.27 18.54 1.49
C GLY A 1 6.21 19.27 0.69
N SER A 2 6.22 19.07 -0.62
CA SER A 2 5.25 19.71 -1.50
C SER A 2 3.82 19.42 -1.04
N SER A 3 2.86 20.02 -1.74
CA SER A 3 1.45 19.84 -1.40
C SER A 3 1.11 18.35 -1.32
N GLY A 4 0.01 18.04 -0.62
CA GLY A 4 -0.41 16.67 -0.47
C GLY A 4 -1.80 16.54 0.12
N SER A 5 -2.10 15.37 0.67
CA SER A 5 -3.42 15.13 1.26
C SER A 5 -3.29 14.25 2.51
N SER A 6 -4.06 14.59 3.54
CA SER A 6 -4.04 13.84 4.79
C SER A 6 -5.45 13.39 5.18
N GLY A 7 -5.68 12.09 5.13
CA GLY A 7 -6.98 11.55 5.48
C GLY A 7 -6.92 10.63 6.68
N LYS A 8 -7.66 10.99 7.74
CA LYS A 8 -7.69 10.19 8.95
C LYS A 8 -7.81 8.70 8.63
N ALA A 9 -8.72 8.36 7.73
CA ALA A 9 -8.93 6.98 7.33
C ALA A 9 -7.61 6.29 7.03
N SER A 10 -7.62 4.96 7.07
CA SER A 10 -6.42 4.18 6.81
C SER A 10 -6.06 4.21 5.33
N THR A 11 -4.96 3.55 4.98
CA THR A 11 -4.51 3.50 3.60
C THR A 11 -4.21 2.07 3.17
N LYS A 12 -4.25 1.82 1.87
CA LYS A 12 -3.99 0.49 1.32
C LYS A 12 -3.02 0.58 0.14
N LEU A 13 -1.94 -0.21 0.20
CA LEU A 13 -0.94 -0.22 -0.86
C LEU A 13 -0.90 -1.58 -1.54
N HIS A 14 -1.01 -1.58 -2.86
CA HIS A 14 -0.98 -2.82 -3.63
C HIS A 14 0.41 -3.06 -4.21
N VAL A 15 0.85 -4.32 -4.16
CA VAL A 15 2.16 -4.69 -4.67
C VAL A 15 2.06 -5.85 -5.67
N GLY A 16 2.93 -5.84 -6.67
CA GLY A 16 2.92 -6.88 -7.68
C GLY A 16 4.29 -7.47 -7.91
N ASN A 17 4.34 -8.62 -8.59
CA ASN A 17 5.61 -9.28 -8.88
C ASN A 17 6.35 -9.63 -7.59
N ILE A 18 5.67 -10.35 -6.70
CA ILE A 18 6.27 -10.75 -5.43
C ILE A 18 7.07 -12.04 -5.58
N SER A 19 7.97 -12.28 -4.64
CA SER A 19 8.80 -13.48 -4.66
C SER A 19 8.12 -14.63 -3.92
N PRO A 20 8.31 -15.86 -4.42
CA PRO A 20 7.72 -17.06 -3.84
C PRO A 20 8.35 -17.41 -2.49
N THR A 21 9.41 -16.69 -2.13
CA THR A 21 10.11 -16.92 -0.87
C THR A 21 9.93 -15.74 0.08
N CYS A 22 9.22 -14.71 -0.37
CA CYS A 22 8.98 -13.52 0.43
C CYS A 22 8.10 -13.85 1.63
N THR A 23 8.32 -13.14 2.73
CA THR A 23 7.54 -13.36 3.95
C THR A 23 6.94 -12.04 4.45
N ASN A 24 5.96 -12.16 5.35
CA ASN A 24 5.31 -10.99 5.92
C ASN A 24 6.30 -10.15 6.73
N GLN A 25 7.12 -10.83 7.53
CA GLN A 25 8.11 -10.15 8.36
C GLN A 25 9.11 -9.38 7.50
N GLU A 26 9.21 -9.75 6.22
CA GLU A 26 10.12 -9.09 5.30
C GLU A 26 9.45 -7.90 4.64
N LEU A 27 8.33 -8.15 3.96
CA LEU A 27 7.59 -7.09 3.28
C LEU A 27 7.17 -6.00 4.27
N ARG A 28 6.45 -6.41 5.32
CA ARG A 28 5.98 -5.48 6.33
C ARG A 28 7.12 -4.57 6.80
N ALA A 29 8.09 -5.15 7.48
CA ALA A 29 9.23 -4.40 7.98
C ALA A 29 9.68 -3.35 6.96
N LYS A 30 9.92 -3.77 5.73
CA LYS A 30 10.36 -2.86 4.68
C LYS A 30 9.43 -1.67 4.58
N PHE A 31 8.13 -1.91 4.71
CA PHE A 31 7.14 -0.85 4.64
C PHE A 31 7.05 -0.08 5.96
N GLU A 32 7.39 -0.76 7.05
CA GLU A 32 7.36 -0.15 8.38
C GLU A 32 8.40 0.96 8.49
N GLU A 33 9.37 0.95 7.57
CA GLU A 33 10.42 1.96 7.57
C GLU A 33 9.84 3.35 7.35
N TYR A 34 8.75 3.43 6.60
CA TYR A 34 8.10 4.70 6.31
C TYR A 34 7.14 5.09 7.43
N GLY A 35 6.25 4.16 7.77
CA GLY A 35 5.29 4.42 8.83
C GLY A 35 4.84 3.16 9.54
N PRO A 36 4.07 3.32 10.62
CA PRO A 36 3.56 2.19 11.41
C PRO A 36 2.51 1.39 10.66
N VAL A 37 2.95 0.37 9.93
CA VAL A 37 2.04 -0.47 9.16
C VAL A 37 0.91 -0.99 10.04
N ILE A 38 -0.24 -1.27 9.42
CA ILE A 38 -1.39 -1.78 10.15
C ILE A 38 -1.54 -3.28 9.96
N GLU A 39 -1.55 -3.71 8.70
CA GLU A 39 -1.69 -5.14 8.38
C GLU A 39 -1.19 -5.43 6.97
N CYS A 40 -0.20 -6.29 6.86
CA CYS A 40 0.37 -6.66 5.58
C CYS A 40 -0.03 -8.09 5.19
N ASP A 41 -0.30 -8.30 3.91
CA ASP A 41 -0.69 -9.61 3.41
C ASP A 41 -0.03 -9.90 2.06
N ILE A 42 0.63 -11.04 1.97
CA ILE A 42 1.30 -11.43 0.74
C ILE A 42 0.41 -12.31 -0.12
N VAL A 43 0.70 -12.35 -1.42
CA VAL A 43 -0.09 -13.16 -2.35
C VAL A 43 0.81 -13.83 -3.38
N LYS A 44 0.21 -14.69 -4.21
CA LYS A 44 0.96 -15.40 -5.24
C LYS A 44 2.08 -14.53 -5.80
N ASP A 45 1.70 -13.57 -6.64
CA ASP A 45 2.67 -12.67 -7.25
C ASP A 45 2.37 -11.22 -6.88
N TYR A 46 1.45 -11.03 -5.94
CA TYR A 46 1.07 -9.69 -5.50
C TYR A 46 1.00 -9.61 -3.98
N ALA A 47 0.79 -8.41 -3.46
CA ALA A 47 0.70 -8.20 -2.02
C ALA A 47 -0.15 -6.97 -1.70
N PHE A 48 -0.43 -6.78 -0.41
CA PHE A 48 -1.24 -5.64 0.03
C PHE A 48 -0.77 -5.17 1.41
N VAL A 49 -0.26 -3.94 1.46
CA VAL A 49 0.20 -3.36 2.72
C VAL A 49 -0.74 -2.27 3.20
N HIS A 50 -1.46 -2.56 4.28
CA HIS A 50 -2.40 -1.61 4.86
C HIS A 50 -1.67 -0.60 5.75
N MET A 51 -1.55 0.63 5.25
CA MET A 51 -0.88 1.69 6.01
C MET A 51 -1.89 2.46 6.86
N GLU A 52 -1.37 3.19 7.85
CA GLU A 52 -2.21 3.98 8.73
C GLU A 52 -2.40 5.40 8.19
N ARG A 53 -1.29 6.09 7.98
CA ARG A 53 -1.32 7.46 7.47
C ARG A 53 -1.02 7.49 5.97
N ALA A 54 -1.37 8.59 5.33
CA ALA A 54 -1.13 8.75 3.89
C ALA A 54 0.32 9.10 3.63
N GLU A 55 0.82 10.12 4.30
CA GLU A 55 2.20 10.57 4.13
C GLU A 55 3.17 9.37 4.17
N ASP A 56 2.75 8.32 4.87
CA ASP A 56 3.57 7.11 4.99
C ASP A 56 3.31 6.17 3.82
N ALA A 57 2.04 6.03 3.44
CA ALA A 57 1.65 5.16 2.35
C ALA A 57 2.21 5.66 1.02
N VAL A 58 1.94 6.93 0.72
CA VAL A 58 2.41 7.54 -0.52
C VAL A 58 3.93 7.40 -0.66
N GLU A 59 4.64 7.72 0.42
CA GLU A 59 6.10 7.63 0.41
C GLU A 59 6.56 6.18 0.25
N ALA A 60 6.02 5.30 1.07
CA ALA A 60 6.37 3.89 1.02
C ALA A 60 6.42 3.39 -0.42
N ILE A 61 5.63 4.02 -1.29
CA ILE A 61 5.59 3.65 -2.70
C ILE A 61 6.76 4.26 -3.46
N ARG A 62 6.80 5.58 -3.49
CA ARG A 62 7.87 6.30 -4.19
C ARG A 62 9.24 5.76 -3.79
N GLY A 63 9.28 5.06 -2.66
CA GLY A 63 10.53 4.50 -2.18
C GLY A 63 10.69 3.03 -2.52
N LEU A 64 9.62 2.27 -2.34
CA LEU A 64 9.64 0.84 -2.63
C LEU A 64 9.12 0.56 -4.05
N ASP A 65 8.86 1.63 -4.79
CA ASP A 65 8.37 1.50 -6.15
C ASP A 65 9.48 1.05 -7.09
N ASN A 66 9.28 -0.11 -7.72
CA ASN A 66 10.28 -0.66 -8.64
C ASN A 66 11.58 -0.97 -7.91
N THR A 67 11.48 -1.67 -6.80
CA THR A 67 12.65 -2.03 -6.01
C THR A 67 12.88 -3.55 -6.02
N GLU A 68 14.04 -3.96 -6.52
CA GLU A 68 14.37 -5.38 -6.58
C GLU A 68 14.12 -6.07 -5.25
N PHE A 69 13.03 -6.83 -5.18
CA PHE A 69 12.68 -7.54 -3.96
C PHE A 69 12.99 -9.03 -4.08
N GLN A 70 13.83 -9.52 -3.18
CA GLN A 70 14.21 -10.93 -3.20
C GLN A 70 14.70 -11.35 -4.58
N GLY A 71 15.20 -10.39 -5.34
CA GLY A 71 15.70 -10.67 -6.67
C GLY A 71 14.82 -10.09 -7.76
N LYS A 72 13.51 -10.23 -7.59
CA LYS A 72 12.56 -9.71 -8.57
C LYS A 72 11.96 -8.38 -8.10
N ARG A 73 11.94 -7.40 -9.00
CA ARG A 73 11.41 -6.09 -8.67
C ARG A 73 9.88 -6.12 -8.61
N MET A 74 9.32 -5.44 -7.62
CA MET A 74 7.87 -5.40 -7.46
C MET A 74 7.34 -3.98 -7.64
N HIS A 75 6.10 -3.88 -8.13
CA HIS A 75 5.49 -2.57 -8.35
C HIS A 75 4.56 -2.20 -7.19
N VAL A 76 4.87 -1.08 -6.54
CA VAL A 76 4.06 -0.62 -5.41
C VAL A 76 3.25 0.61 -5.79
N GLN A 77 1.96 0.56 -5.49
CA GLN A 77 1.07 1.68 -5.80
C GLN A 77 -0.19 1.63 -4.93
N LEU A 78 -0.97 2.72 -4.98
CA LEU A 78 -2.20 2.79 -4.19
C LEU A 78 -3.17 1.69 -4.59
N SER A 79 -3.86 1.12 -3.59
CA SER A 79 -4.81 0.05 -3.84
C SER A 79 -6.16 0.62 -4.29
N THR A 80 -6.85 -0.13 -5.14
CA THR A 80 -8.15 0.28 -5.65
C THR A 80 -9.23 -0.75 -5.35
N SER A 81 -10.46 -0.30 -5.23
CA SER A 81 -11.58 -1.18 -4.94
C SER A 81 -12.83 -0.77 -5.72
N ARG A 82 -13.70 -1.73 -5.98
CA ARG A 82 -14.93 -1.46 -6.72
C ARG A 82 -16.12 -1.40 -5.78
N LEU A 83 -16.72 -0.22 -5.66
CA LEU A 83 -17.88 -0.03 -4.79
C LEU A 83 -19.17 0.00 -5.61
N ARG A 84 -19.22 0.88 -6.59
CA ARG A 84 -20.39 1.01 -7.44
C ARG A 84 -20.04 0.77 -8.91
N THR A 85 -20.56 -0.32 -9.46
CA THR A 85 -20.29 -0.67 -10.86
C THR A 85 -21.58 -0.99 -11.61
N ALA A 86 -22.55 -1.52 -10.88
CA ALA A 86 -23.84 -1.87 -11.47
C ALA A 86 -24.34 -0.76 -12.38
N SER A 87 -24.52 0.43 -11.83
CA SER A 87 -24.99 1.57 -12.59
C SER A 87 -26.05 1.14 -13.59
N GLY A 88 -26.96 0.27 -13.16
CA GLY A 88 -28.02 -0.21 -14.04
C GLY A 88 -29.04 -1.05 -13.30
N PRO A 89 -30.31 -0.94 -13.73
CA PRO A 89 -31.41 -1.70 -13.12
C PRO A 89 -31.33 -3.19 -13.41
N SER A 90 -31.74 -4.00 -12.45
CA SER A 90 -31.71 -5.45 -12.60
C SER A 90 -32.97 -5.95 -13.31
N SER A 91 -32.92 -5.96 -14.64
CA SER A 91 -34.06 -6.41 -15.44
C SER A 91 -35.37 -5.91 -14.85
N GLY A 92 -35.38 -4.66 -14.39
CA GLY A 92 -36.57 -4.08 -13.81
C GLY A 92 -37.57 -3.63 -14.85
N GLY A 1 -22.73 11.12 20.95
CA GLY A 1 -22.51 12.54 21.14
C GLY A 1 -21.41 13.09 20.26
N SER A 2 -21.61 12.99 18.94
CA SER A 2 -20.63 13.47 17.98
C SER A 2 -19.35 12.65 18.05
N SER A 3 -19.51 11.34 18.16
CA SER A 3 -18.37 10.43 18.24
C SER A 3 -17.97 9.93 16.85
N GLY A 4 -16.79 10.35 16.39
CA GLY A 4 -16.32 9.94 15.08
C GLY A 4 -15.72 11.09 14.29
N SER A 5 -16.42 11.50 13.24
CA SER A 5 -15.95 12.60 12.40
C SER A 5 -14.43 12.55 12.24
N SER A 6 -13.90 11.35 12.04
CA SER A 6 -12.47 11.17 11.88
C SER A 6 -11.93 12.06 10.76
N GLY A 7 -12.61 12.06 9.63
CA GLY A 7 -12.19 12.87 8.50
C GLY A 7 -11.13 12.19 7.67
N LYS A 8 -10.41 11.25 8.26
CA LYS A 8 -9.36 10.53 7.57
C LYS A 8 -9.39 9.04 7.92
N ALA A 9 -8.91 8.20 7.01
CA ALA A 9 -8.87 6.77 7.23
C ALA A 9 -7.51 6.19 6.89
N SER A 10 -7.38 4.87 7.03
CA SER A 10 -6.12 4.19 6.74
C SER A 10 -5.80 4.25 5.25
N THR A 11 -4.68 3.65 4.87
CA THR A 11 -4.26 3.62 3.48
C THR A 11 -3.88 2.22 3.04
N LYS A 12 -4.06 1.93 1.76
CA LYS A 12 -3.74 0.61 1.20
C LYS A 12 -2.68 0.73 0.11
N LEU A 13 -1.80 -0.25 0.04
CA LEU A 13 -0.74 -0.27 -0.97
C LEU A 13 -0.67 -1.62 -1.66
N HIS A 14 -0.92 -1.63 -2.97
CA HIS A 14 -0.89 -2.85 -3.75
C HIS A 14 0.51 -3.11 -4.29
N VAL A 15 0.93 -4.37 -4.28
CA VAL A 15 2.25 -4.75 -4.77
C VAL A 15 2.16 -5.90 -5.76
N GLY A 16 3.01 -5.86 -6.79
CA GLY A 16 3.01 -6.91 -7.80
C GLY A 16 4.38 -7.51 -8.01
N ASN A 17 4.42 -8.69 -8.61
CA ASN A 17 5.68 -9.38 -8.87
C ASN A 17 6.40 -9.70 -7.57
N ILE A 18 5.71 -10.38 -6.66
CA ILE A 18 6.30 -10.76 -5.39
C ILE A 18 7.07 -12.07 -5.48
N SER A 19 8.01 -12.27 -4.56
CA SER A 19 8.82 -13.48 -4.55
C SER A 19 8.08 -14.61 -3.83
N PRO A 20 8.25 -15.85 -4.34
CA PRO A 20 7.62 -17.03 -3.76
C PRO A 20 8.21 -17.40 -2.40
N THR A 21 9.24 -16.67 -1.99
CA THR A 21 9.89 -16.92 -0.71
C THR A 21 9.75 -15.73 0.22
N CYS A 22 8.98 -14.74 -0.21
CA CYS A 22 8.76 -13.53 0.59
C CYS A 22 7.99 -13.86 1.87
N THR A 23 8.31 -13.15 2.94
CA THR A 23 7.65 -13.36 4.22
C THR A 23 7.01 -12.08 4.73
N ASN A 24 5.81 -12.20 5.30
CA ASN A 24 5.10 -11.06 5.84
C ASN A 24 6.02 -10.16 6.65
N GLN A 25 6.99 -10.77 7.33
CA GLN A 25 7.94 -10.03 8.14
C GLN A 25 8.90 -9.22 7.26
N GLU A 26 9.25 -9.79 6.11
CA GLU A 26 10.15 -9.12 5.18
C GLU A 26 9.48 -7.92 4.53
N LEU A 27 8.29 -8.14 3.99
CA LEU A 27 7.54 -7.06 3.33
C LEU A 27 7.10 -6.01 4.35
N ARG A 28 6.37 -6.45 5.37
CA ARG A 28 5.89 -5.55 6.41
C ARG A 28 7.02 -4.68 6.94
N ALA A 29 8.08 -5.33 7.43
CA ALA A 29 9.23 -4.61 7.97
C ALA A 29 9.72 -3.53 7.00
N LYS A 30 9.84 -3.89 5.73
CA LYS A 30 10.29 -2.97 4.70
C LYS A 30 9.40 -1.73 4.67
N PHE A 31 8.08 -1.95 4.62
CA PHE A 31 7.12 -0.85 4.59
C PHE A 31 7.08 -0.13 5.93
N GLU A 32 7.37 -0.85 7.00
CA GLU A 32 7.36 -0.27 8.34
C GLU A 32 8.37 0.87 8.44
N GLU A 33 9.46 0.77 7.67
CA GLU A 33 10.49 1.80 7.67
C GLU A 33 9.91 3.17 7.35
N TYR A 34 8.85 3.18 6.55
CA TYR A 34 8.20 4.43 6.15
C TYR A 34 7.18 4.86 7.21
N GLY A 35 6.27 3.95 7.55
CA GLY A 35 5.25 4.25 8.54
C GLY A 35 4.83 3.03 9.33
N PRO A 36 4.08 3.26 10.42
CA PRO A 36 3.60 2.18 11.29
C PRO A 36 2.52 1.33 10.60
N VAL A 37 2.96 0.36 9.82
CA VAL A 37 2.03 -0.52 9.11
C VAL A 37 0.96 -1.07 10.05
N ILE A 38 -0.23 -1.30 9.50
CA ILE A 38 -1.34 -1.81 10.30
C ILE A 38 -1.51 -3.32 10.10
N GLU A 39 -1.44 -3.76 8.84
CA GLU A 39 -1.58 -5.17 8.51
C GLU A 39 -1.14 -5.44 7.08
N CYS A 40 -0.13 -6.28 6.93
CA CYS A 40 0.37 -6.63 5.60
C CYS A 40 -0.08 -8.02 5.19
N ASP A 41 -0.23 -8.23 3.88
CA ASP A 41 -0.66 -9.51 3.36
C ASP A 41 0.03 -9.83 2.04
N ILE A 42 0.57 -11.04 1.92
CA ILE A 42 1.26 -11.46 0.71
C ILE A 42 0.37 -12.33 -0.16
N VAL A 43 0.58 -12.26 -1.47
CA VAL A 43 -0.22 -13.05 -2.42
C VAL A 43 0.68 -13.75 -3.43
N LYS A 44 0.08 -14.60 -4.25
CA LYS A 44 0.82 -15.34 -5.27
C LYS A 44 1.96 -14.49 -5.83
N ASP A 45 1.62 -13.53 -6.68
CA ASP A 45 2.61 -12.66 -7.29
C ASP A 45 2.34 -11.20 -6.92
N TYR A 46 1.40 -10.98 -5.99
CA TYR A 46 1.06 -9.65 -5.56
C TYR A 46 0.96 -9.57 -4.04
N ALA A 47 0.72 -8.37 -3.52
CA ALA A 47 0.61 -8.17 -2.08
C ALA A 47 -0.23 -6.94 -1.76
N PHE A 48 -0.44 -6.68 -0.48
CA PHE A 48 -1.23 -5.53 -0.04
C PHE A 48 -0.80 -5.08 1.35
N VAL A 49 -0.20 -3.90 1.43
CA VAL A 49 0.25 -3.34 2.70
C VAL A 49 -0.72 -2.28 3.21
N HIS A 50 -1.34 -2.56 4.35
CA HIS A 50 -2.29 -1.63 4.96
C HIS A 50 -1.57 -0.62 5.84
N MET A 51 -1.42 0.59 5.33
CA MET A 51 -0.75 1.66 6.07
C MET A 51 -1.75 2.44 6.92
N GLU A 52 -1.24 3.15 7.92
CA GLU A 52 -2.09 3.94 8.81
C GLU A 52 -2.30 5.34 8.25
N ARG A 53 -1.20 6.08 8.09
CA ARG A 53 -1.26 7.44 7.56
C ARG A 53 -0.87 7.47 6.09
N ALA A 54 -1.52 8.35 5.33
CA ALA A 54 -1.24 8.48 3.91
C ALA A 54 0.18 8.97 3.67
N GLU A 55 0.55 10.04 4.36
CA GLU A 55 1.89 10.61 4.22
C GLU A 55 2.95 9.51 4.18
N ASP A 56 2.76 8.48 4.99
CA ASP A 56 3.69 7.37 5.05
C ASP A 56 3.48 6.42 3.87
N ALA A 57 2.22 6.12 3.58
CA ALA A 57 1.87 5.23 2.48
C ALA A 57 2.44 5.74 1.16
N VAL A 58 2.11 6.99 0.83
CA VAL A 58 2.59 7.60 -0.40
C VAL A 58 4.11 7.53 -0.50
N GLU A 59 4.79 7.68 0.63
CA GLU A 59 6.24 7.61 0.66
C GLU A 59 6.74 6.20 0.39
N ALA A 60 6.19 5.24 1.12
CA ALA A 60 6.57 3.84 0.96
C ALA A 60 6.50 3.42 -0.51
N ILE A 61 5.61 4.06 -1.26
CA ILE A 61 5.44 3.75 -2.67
C ILE A 61 6.53 4.39 -3.51
N ARG A 62 6.56 5.72 -3.52
CA ARG A 62 7.56 6.46 -4.28
C ARG A 62 8.95 5.86 -4.09
N GLY A 63 9.14 5.16 -2.98
CA GLY A 63 10.41 4.54 -2.70
C GLY A 63 10.45 3.07 -3.08
N LEU A 64 9.54 2.30 -2.51
CA LEU A 64 9.47 0.87 -2.80
C LEU A 64 8.96 0.62 -4.22
N ASP A 65 8.61 1.69 -4.91
CA ASP A 65 8.11 1.59 -6.27
C ASP A 65 9.22 1.15 -7.23
N ASN A 66 9.06 -0.02 -7.81
CA ASN A 66 10.05 -0.56 -8.74
C ASN A 66 11.38 -0.80 -8.04
N THR A 67 11.32 -1.54 -6.94
CA THR A 67 12.53 -1.86 -6.17
C THR A 67 12.78 -3.36 -6.12
N GLU A 68 14.00 -3.76 -6.47
CA GLU A 68 14.37 -5.17 -6.45
C GLU A 68 14.04 -5.81 -5.11
N PHE A 69 13.05 -6.69 -5.11
CA PHE A 69 12.64 -7.38 -3.88
C PHE A 69 13.03 -8.85 -3.92
N GLN A 70 13.94 -9.25 -3.05
CA GLN A 70 14.40 -10.62 -2.99
C GLN A 70 14.83 -11.11 -4.37
N GLY A 71 15.40 -10.21 -5.16
CA GLY A 71 15.85 -10.57 -6.50
C GLY A 71 14.94 -10.02 -7.58
N LYS A 72 13.64 -10.14 -7.38
CA LYS A 72 12.66 -9.65 -8.35
C LYS A 72 12.07 -8.32 -7.89
N ARG A 73 12.04 -7.34 -8.80
CA ARG A 73 11.50 -6.03 -8.49
C ARG A 73 9.98 -6.05 -8.54
N MET A 74 9.34 -5.58 -7.47
CA MET A 74 7.89 -5.54 -7.40
C MET A 74 7.36 -4.12 -7.59
N HIS A 75 6.17 -4.00 -8.16
CA HIS A 75 5.57 -2.70 -8.40
C HIS A 75 4.62 -2.32 -7.27
N VAL A 76 4.95 -1.24 -6.55
CA VAL A 76 4.13 -0.78 -5.44
C VAL A 76 3.30 0.44 -5.85
N GLN A 77 2.04 0.45 -5.42
CA GLN A 77 1.14 1.56 -5.74
C GLN A 77 -0.08 1.54 -4.83
N LEU A 78 -1.02 2.44 -5.09
CA LEU A 78 -2.24 2.52 -4.30
C LEU A 78 -3.22 1.41 -4.69
N SER A 79 -3.68 0.67 -3.69
CA SER A 79 -4.62 -0.43 -3.93
C SER A 79 -5.99 0.11 -4.32
N THR A 80 -6.53 -0.41 -5.42
CA THR A 80 -7.83 0.02 -5.90
C THR A 80 -8.93 -0.92 -5.42
N SER A 81 -9.70 -0.47 -4.43
CA SER A 81 -10.78 -1.26 -3.87
C SER A 81 -11.95 -0.38 -3.46
N ARG A 82 -13.15 -0.73 -3.93
CA ARG A 82 -14.35 0.04 -3.62
C ARG A 82 -15.41 -0.85 -2.97
N LEU A 83 -14.95 -1.85 -2.21
CA LEU A 83 -15.86 -2.77 -1.54
C LEU A 83 -17.12 -2.05 -1.07
N ARG A 84 -16.97 -0.78 -0.72
CA ARG A 84 -18.10 0.03 -0.26
C ARG A 84 -18.12 1.39 -0.94
N THR A 85 -18.95 1.52 -1.97
CA THR A 85 -19.06 2.77 -2.72
C THR A 85 -20.53 3.14 -2.93
N ALA A 86 -20.89 4.35 -2.49
CA ALA A 86 -22.26 4.84 -2.64
C ALA A 86 -22.30 6.10 -3.48
N SER A 87 -23.09 6.07 -4.55
CA SER A 87 -23.22 7.22 -5.44
C SER A 87 -24.03 8.33 -4.79
N GLY A 88 -25.03 7.93 -4.00
CA GLY A 88 -25.87 8.91 -3.32
C GLY A 88 -26.69 9.74 -4.30
N PRO A 89 -27.83 9.20 -4.73
CA PRO A 89 -28.72 9.89 -5.67
C PRO A 89 -29.41 11.09 -5.04
N SER A 90 -29.44 11.12 -3.72
CA SER A 90 -30.07 12.22 -3.00
C SER A 90 -29.36 13.54 -3.26
N SER A 91 -29.71 14.17 -4.38
CA SER A 91 -29.08 15.44 -4.76
C SER A 91 -29.88 16.62 -4.21
N GLY A 92 -29.59 16.99 -2.96
CA GLY A 92 -30.29 18.10 -2.35
C GLY A 92 -29.45 18.80 -1.29
#